data_9F38
#
_entry.id   9F38
#
_cell.length_a   65.735
_cell.length_b   129.885
_cell.length_c   100.733
_cell.angle_alpha   90
_cell.angle_beta   95.5
_cell.angle_gamma   90
#
_symmetry.space_group_name_H-M   'P 1 21 1'
#
loop_
_entity.id
_entity.type
_entity.pdbx_description
1 polymer BsmI
2 polymer 'DNA (Bottom strand)'
3 polymer 'DNA (Top strand)'
4 non-polymer 'CALCIUM ION'
5 non-polymer '2-(N-MORPHOLINO)-ETHANESULFONIC ACID'
6 non-polymer 'CHLORIDE ION'
7 water water
#
loop_
_entity_poly.entity_id
_entity_poly.type
_entity_poly.pdbx_seq_one_letter_code
_entity_poly.pdbx_strand_id
1 'polypeptide(L)'
;MNVFRIHGDNIIECERVIDLILSKINPQKVKRGFISLSCPFIEIIFKEGHDYFHWRFDMFPGFNKNTNDRWNSNILDLLS
QKGSFLYETPDVIITSLNNGKEEILMAIEFCSALQAGNQAWQRSGRAYSVGRTGYPYIYIVDFVKYELNNSDRSRKNLRF
PNPAIPYSYISHSKNTGNFIVQAYFRGEEYQPKYDKKLKFFDETIFAEDDIADYIIAKLQHRDTSNIEQLLINKNLKMVE
FLSKNTKNDNNFTYSEWESIYNGTYRITNLPSLGRFKFRKKIAEKSLSGKVKEFNNIVQRYSVGLASSDLPFGVIRKESR
NDFINDVCKLYNINDMKIIKELKEDADLIVCMLKGFKPRGDDNRPDRGALPLVAMLAGENAQIFTFIYGPLIKGAINLID
QDINKLAKRNGLWKSFVSLSDFIVLDCPIIGESYNEFRLIINKNNKESILRKTSKQQNILVDPTPNHYQENDVDTVIYSI
FKYIVPNCFSGMCNPPGGDWSGLSIIRNGHEFRWLSLPRVSENGKRPDHVIQILDLFEKPLLLSIESKEKPNDLEPKIGV
QLIKYIEYLFDFTPSVQRKIAGGNWEFGNKSLVPNDFILLSAGAFIDYDNLTENDYEKIFEVTGCDLLIAIKNQNNPQKW
VIKFKPKNTIAEKLVNYIKLNFKSNIFDTGFFHIEG
;
A,Z
2 'polydeoxyribonucleotide' (DG)(DT)(DC)(DT)(DG)(DC)(DA)(DT)(DT)(DC)(DC)(DT)(DC) E,V
3 'polydeoxyribonucleotide' (DG)(DA)(DG)(DG)(DA)(DA)(DT)(DG)(DC)(DA)(DG)(DA)(DC) F,U
#
loop_
_chem_comp.id
_chem_comp.type
_chem_comp.name
_chem_comp.formula
CA non-polymer 'CALCIUM ION' 'Ca 2'
CL non-polymer 'CHLORIDE ION' 'Cl -1'
DA DNA linking 2'-DEOXYADENOSINE-5'-MONOPHOSPHATE 'C10 H14 N5 O6 P'
DC DNA linking 2'-DEOXYCYTIDINE-5'-MONOPHOSPHATE 'C9 H14 N3 O7 P'
DG DNA linking 2'-DEOXYGUANOSINE-5'-MONOPHOSPHATE 'C10 H14 N5 O7 P'
DT DNA linking THYMIDINE-5'-MONOPHOSPHATE 'C10 H15 N2 O8 P'
MES non-polymer '2-(N-MORPHOLINO)-ETHANESULFONIC ACID' 'C6 H13 N O4 S'
#
# COMPACT_ATOMS: atom_id res chain seq x y z
N MET A 1 -0.34 -15.40 -24.38
CA MET A 1 -0.08 -13.96 -24.40
C MET A 1 -1.39 -13.17 -24.38
N ASN A 2 -1.38 -12.00 -23.75
CA ASN A 2 -2.52 -11.09 -23.75
C ASN A 2 -2.08 -9.80 -24.40
N VAL A 3 -2.91 -9.26 -25.31
CA VAL A 3 -2.58 -8.02 -26.00
C VAL A 3 -3.53 -6.91 -25.59
N PHE A 4 -2.97 -5.75 -25.26
CA PHE A 4 -3.74 -4.57 -24.89
C PHE A 4 -3.37 -3.44 -25.81
N ARG A 5 -4.28 -2.49 -26.01
CA ARG A 5 -3.97 -1.32 -26.83
C ARG A 5 -4.09 -0.06 -26.02
N ILE A 6 -3.14 0.84 -26.19
CA ILE A 6 -3.16 2.12 -25.50
C ILE A 6 -3.38 3.18 -26.55
N HIS A 7 -4.60 3.71 -26.63
CA HIS A 7 -4.92 4.75 -27.58
C HIS A 7 -4.73 6.06 -26.83
N GLY A 8 -3.86 6.94 -27.32
CA GLY A 8 -3.60 8.21 -26.65
C GLY A 8 -3.58 9.41 -27.57
N ASP A 9 -3.47 10.64 -27.02
CA ASP A 9 -3.39 11.86 -27.84
C ASP A 9 -2.10 11.85 -28.66
N ASN A 10 -0.99 11.42 -28.04
CA ASN A 10 0.33 11.33 -28.64
C ASN A 10 1.19 10.24 -27.95
N ILE A 11 2.42 10.01 -28.41
CA ILE A 11 3.28 8.98 -27.83
C ILE A 11 3.57 9.19 -26.34
N ILE A 12 3.69 10.46 -25.90
CA ILE A 12 3.98 10.77 -24.52
C ILE A 12 2.84 10.31 -23.61
N GLU A 13 1.57 10.52 -24.02
CA GLU A 13 0.43 10.11 -23.19
C GLU A 13 0.40 8.59 -23.07
N CYS A 14 0.65 7.88 -24.18
CA CYS A 14 0.66 6.42 -24.20
C CYS A 14 1.75 5.89 -23.26
N GLU A 15 2.94 6.47 -23.35
CA GLU A 15 4.07 6.05 -22.53
C GLU A 15 3.87 6.30 -21.05
N ARG A 16 3.08 7.31 -20.69
CA ARG A 16 2.80 7.58 -19.27
C ARG A 16 2.06 6.42 -18.61
N VAL A 17 1.19 5.74 -19.36
CA VAL A 17 0.49 4.56 -18.84
C VAL A 17 1.47 3.41 -18.63
N ILE A 18 2.40 3.23 -19.57
CA ILE A 18 3.42 2.19 -19.47
C ILE A 18 4.30 2.44 -18.25
N ASP A 19 4.69 3.70 -18.01
CA ASP A 19 5.52 4.06 -16.86
C ASP A 19 4.85 3.76 -15.52
N LEU A 20 3.51 3.90 -15.44
CA LEU A 20 2.74 3.57 -14.24
C LEU A 20 2.82 2.04 -14.02
N ILE A 21 2.60 1.24 -15.08
CA ILE A 21 2.65 -0.22 -15.02
C ILE A 21 4.04 -0.68 -14.60
N LEU A 22 5.08 -0.18 -15.28
CA LEU A 22 6.48 -0.49 -15.05
C LEU A 22 6.97 -0.09 -13.65
N SER A 23 6.30 0.85 -12.99
CA SER A 23 6.67 1.27 -11.63
C SER A 23 6.36 0.19 -10.59
N LYS A 24 5.39 -0.69 -10.87
CA LYS A 24 5.03 -1.75 -9.94
C LYS A 24 5.47 -3.13 -10.48
N ILE A 25 5.40 -3.31 -11.81
CA ILE A 25 5.84 -4.55 -12.44
C ILE A 25 7.34 -4.47 -12.61
N ASN A 26 8.07 -5.49 -12.19
CA ASN A 26 9.51 -5.54 -12.41
C ASN A 26 9.68 -6.64 -13.46
N PRO A 27 9.73 -6.28 -14.75
CA PRO A 27 9.77 -7.32 -15.79
C PRO A 27 11.09 -8.04 -15.95
N GLN A 28 11.01 -9.32 -16.28
CA GLN A 28 12.16 -10.16 -16.49
C GLN A 28 12.74 -9.86 -17.87
N LYS A 29 11.88 -9.79 -18.90
CA LYS A 29 12.29 -9.53 -20.28
C LYS A 29 11.44 -8.43 -20.89
N VAL A 30 12.07 -7.42 -21.50
CA VAL A 30 11.33 -6.33 -22.13
C VAL A 30 11.81 -6.17 -23.56
N LYS A 31 10.87 -6.13 -24.50
CA LYS A 31 11.19 -5.93 -25.91
C LYS A 31 10.34 -4.76 -26.40
N ARG A 32 10.93 -3.87 -27.19
CA ARG A 32 10.20 -2.76 -27.77
C ARG A 32 10.38 -2.75 -29.29
N GLY A 33 9.48 -2.07 -29.99
CA GLY A 33 9.54 -1.98 -31.44
C GLY A 33 8.30 -1.36 -32.01
N PHE A 34 7.94 -1.73 -33.24
CA PHE A 34 6.76 -1.21 -33.90
C PHE A 34 5.95 -2.37 -34.49
N ILE A 35 4.62 -2.33 -34.36
CA ILE A 35 3.75 -3.33 -35.02
C ILE A 35 3.34 -2.83 -36.45
N SER A 36 3.41 -1.52 -36.66
CA SER A 36 3.16 -0.80 -37.90
C SER A 36 3.99 0.50 -37.83
N LEU A 37 4.05 1.27 -38.92
CA LEU A 37 4.80 2.51 -38.94
C LEU A 37 4.37 3.52 -37.84
N SER A 38 3.07 3.57 -37.53
CA SER A 38 2.54 4.51 -36.54
C SER A 38 2.46 3.97 -35.13
N CYS A 39 2.42 2.65 -34.98
CA CYS A 39 2.17 2.04 -33.68
C CYS A 39 3.35 1.37 -33.04
N PRO A 40 3.94 2.02 -32.02
CA PRO A 40 5.00 1.34 -31.24
C PRO A 40 4.42 0.31 -30.29
N PHE A 41 5.25 -0.58 -29.79
CA PHE A 41 4.81 -1.58 -28.83
C PHE A 41 5.82 -1.80 -27.72
N ILE A 42 5.35 -2.30 -26.59
CA ILE A 42 6.20 -2.73 -25.51
C ILE A 42 5.70 -4.11 -25.12
N GLU A 43 6.57 -5.11 -25.22
CA GLU A 43 6.24 -6.48 -24.90
C GLU A 43 6.98 -6.81 -23.62
N ILE A 44 6.26 -7.24 -22.59
CA ILE A 44 6.89 -7.57 -21.32
C ILE A 44 6.58 -8.99 -20.87
N ILE A 45 7.57 -9.63 -20.27
CA ILE A 45 7.45 -10.95 -19.68
C ILE A 45 7.76 -10.71 -18.21
N PHE A 46 6.79 -10.93 -17.33
CA PHE A 46 6.99 -10.72 -15.91
C PHE A 46 6.44 -11.88 -15.09
N LYS A 47 6.68 -11.90 -13.77
CA LYS A 47 6.16 -12.97 -12.94
C LYS A 47 5.59 -12.48 -11.62
N GLU A 48 4.67 -13.26 -11.08
CA GLU A 48 4.08 -13.02 -9.77
C GLU A 48 4.41 -14.30 -9.03
N GLY A 49 5.65 -14.39 -8.55
CA GLY A 49 6.13 -15.59 -7.90
C GLY A 49 6.41 -16.68 -8.93
N HIS A 50 5.63 -17.75 -8.89
CA HIS A 50 5.77 -18.84 -9.86
C HIS A 50 4.94 -18.62 -11.13
N ASP A 51 4.03 -17.63 -11.15
CA ASP A 51 3.16 -17.38 -12.28
C ASP A 51 3.72 -16.39 -13.30
N TYR A 52 4.06 -16.86 -14.51
CA TYR A 52 4.56 -15.99 -15.57
C TYR A 52 3.43 -15.40 -16.38
N PHE A 53 3.63 -14.18 -16.89
CA PHE A 53 2.66 -13.47 -17.73
C PHE A 53 3.37 -12.84 -18.91
N HIS A 54 2.72 -12.86 -20.06
CA HIS A 54 3.28 -12.31 -21.28
C HIS A 54 2.30 -11.30 -21.84
N TRP A 55 2.63 -10.02 -21.74
CA TRP A 55 1.75 -8.96 -22.21
C TRP A 55 2.38 -8.16 -23.30
N ARG A 56 1.57 -7.63 -24.21
CA ARG A 56 2.04 -6.71 -25.24
C ARG A 56 1.09 -5.53 -25.30
N PHE A 57 1.65 -4.32 -25.28
CA PHE A 57 0.87 -3.10 -25.35
C PHE A 57 1.17 -2.41 -26.67
N ASP A 58 0.18 -2.32 -27.56
CA ASP A 58 0.33 -1.66 -28.85
C ASP A 58 -0.23 -0.25 -28.70
N MET A 59 0.59 0.74 -28.98
CA MET A 59 0.21 2.14 -28.80
C MET A 59 -0.29 2.80 -30.08
N PHE A 60 -1.42 3.51 -29.98
CA PHE A 60 -2.05 4.18 -31.10
C PHE A 60 -2.08 5.68 -30.83
N PRO A 61 -0.99 6.38 -31.22
CA PRO A 61 -0.92 7.82 -30.95
C PRO A 61 -1.78 8.66 -31.89
N GLY A 62 -2.60 9.53 -31.31
CA GLY A 62 -3.46 10.44 -32.05
C GLY A 62 -4.87 9.95 -32.25
N PHE A 63 -5.84 10.53 -31.53
CA PHE A 63 -7.24 10.16 -31.70
C PHE A 63 -7.83 10.79 -32.97
N ASN A 64 -8.93 10.24 -33.47
CA ASN A 64 -9.61 10.82 -34.62
C ASN A 64 -10.43 12.05 -34.18
N LYS A 65 -10.56 13.02 -35.07
CA LYS A 65 -11.32 14.23 -34.79
C LYS A 65 -12.69 14.18 -35.51
N ASN A 66 -12.73 13.61 -36.72
CA ASN A 66 -13.96 13.47 -37.48
C ASN A 66 -14.49 12.02 -37.29
N THR A 67 -14.22 11.09 -38.22
CA THR A 67 -14.67 9.70 -38.09
C THR A 67 -13.60 8.72 -38.62
N ASN A 68 -13.00 9.01 -39.79
CA ASN A 68 -11.95 8.17 -40.37
C ASN A 68 -10.79 9.04 -40.92
N ASP A 69 -10.51 10.20 -40.27
CA ASP A 69 -9.47 11.12 -40.72
C ASP A 69 -8.05 10.60 -40.46
N ARG A 70 -7.81 9.98 -39.30
CA ARG A 70 -6.50 9.43 -39.01
C ARG A 70 -6.55 7.90 -39.11
N TRP A 71 -7.24 7.23 -38.19
CA TRP A 71 -7.39 5.79 -38.19
C TRP A 71 -8.62 5.38 -39.01
N ASN A 72 -8.67 4.13 -39.47
CA ASN A 72 -9.80 3.63 -40.26
C ASN A 72 -11.12 3.60 -39.48
N SER A 73 -11.02 3.48 -38.15
CA SER A 73 -12.16 3.47 -37.24
C SER A 73 -11.79 4.20 -35.96
N ASN A 74 -12.81 4.78 -35.30
CA ASN A 74 -12.62 5.57 -34.10
C ASN A 74 -12.88 4.76 -32.83
N ILE A 75 -11.85 4.59 -31.98
CA ILE A 75 -12.03 3.87 -30.72
C ILE A 75 -13.00 4.58 -29.76
N LEU A 76 -13.12 5.92 -29.88
CA LEU A 76 -14.05 6.73 -29.08
C LEU A 76 -15.51 6.38 -29.37
N ASP A 77 -15.81 5.72 -30.51
CA ASP A 77 -17.17 5.30 -30.81
C ASP A 77 -17.68 4.25 -29.80
N LEU A 78 -16.78 3.44 -29.22
CA LEU A 78 -17.18 2.47 -28.19
C LEU A 78 -17.77 3.16 -26.94
N LEU A 79 -17.36 4.40 -26.67
CA LEU A 79 -17.88 5.19 -25.58
C LEU A 79 -19.26 5.72 -25.96
N SER A 80 -19.41 6.24 -27.19
CA SER A 80 -20.71 6.75 -27.65
C SER A 80 -21.77 5.65 -27.77
N GLN A 81 -21.36 4.39 -27.99
CA GLN A 81 -22.28 3.27 -28.02
C GLN A 81 -22.89 2.97 -26.63
N LYS A 82 -22.20 3.40 -25.56
CA LYS A 82 -22.67 3.18 -24.19
C LYS A 82 -23.19 4.45 -23.50
N GLY A 83 -23.43 5.51 -24.24
CA GLY A 83 -23.99 6.73 -23.68
C GLY A 83 -23.11 7.95 -23.54
N SER A 84 -21.87 7.91 -24.06
CA SER A 84 -21.00 9.09 -23.97
C SER A 84 -21.34 10.01 -25.13
N PHE A 85 -22.37 10.85 -24.95
CA PHE A 85 -22.86 11.78 -25.97
C PHE A 85 -22.07 13.09 -26.07
N LEU A 86 -21.09 13.32 -25.20
CA LEU A 86 -20.26 14.52 -25.29
C LEU A 86 -18.96 14.12 -26.00
N TYR A 87 -18.50 14.94 -26.95
CA TYR A 87 -17.27 14.63 -27.67
C TYR A 87 -16.05 15.13 -26.94
N GLU A 88 -16.00 14.84 -25.64
CA GLU A 88 -14.87 15.19 -24.80
C GLU A 88 -13.94 13.99 -24.86
N THR A 89 -12.68 14.24 -25.16
CA THR A 89 -11.71 13.19 -25.36
C THR A 89 -10.73 13.03 -24.21
N PRO A 90 -10.68 11.83 -23.59
CA PRO A 90 -9.69 11.61 -22.52
C PRO A 90 -8.27 11.51 -23.09
N ASP A 91 -7.25 11.56 -22.23
CA ASP A 91 -5.87 11.49 -22.71
C ASP A 91 -5.50 10.10 -23.21
N VAL A 92 -6.00 9.05 -22.53
CA VAL A 92 -5.73 7.66 -22.89
C VAL A 92 -6.99 6.79 -22.75
N ILE A 93 -7.10 5.76 -23.60
CA ILE A 93 -8.12 4.71 -23.56
C ILE A 93 -7.35 3.39 -23.60
N ILE A 94 -7.49 2.55 -22.57
CA ILE A 94 -6.82 1.25 -22.55
C ILE A 94 -7.84 0.21 -22.96
N THR A 95 -7.52 -0.60 -23.97
CA THR A 95 -8.43 -1.66 -24.40
C THR A 95 -7.77 -3.04 -24.29
N SER A 96 -8.59 -4.08 -24.27
CA SER A 96 -8.14 -5.46 -24.26
C SER A 96 -8.55 -6.08 -25.60
N LEU A 97 -7.67 -6.89 -26.20
CA LEU A 97 -7.98 -7.55 -27.47
C LEU A 97 -8.51 -8.95 -27.19
N ASN A 98 -9.79 -9.18 -27.46
CA ASN A 98 -10.41 -10.48 -27.28
C ASN A 98 -11.33 -10.79 -28.44
N ASN A 99 -11.28 -12.03 -28.95
CA ASN A 99 -12.08 -12.53 -30.07
C ASN A 99 -12.16 -11.58 -31.29
N GLY A 100 -11.01 -11.05 -31.72
CA GLY A 100 -10.91 -10.19 -32.88
C GLY A 100 -11.49 -8.79 -32.74
N LYS A 101 -11.71 -8.32 -31.51
CA LYS A 101 -12.25 -6.99 -31.26
C LYS A 101 -11.66 -6.35 -30.01
N GLU A 102 -11.82 -5.03 -29.86
CA GLU A 102 -11.31 -4.32 -28.69
C GLU A 102 -12.41 -4.11 -27.66
N GLU A 103 -12.04 -4.16 -26.39
CA GLU A 103 -13.00 -3.93 -25.30
C GLU A 103 -12.37 -2.92 -24.34
N ILE A 104 -13.03 -1.79 -24.09
CA ILE A 104 -12.47 -0.77 -23.19
C ILE A 104 -12.33 -1.27 -21.76
N LEU A 105 -11.15 -1.05 -21.15
CA LEU A 105 -10.87 -1.39 -19.77
C LEU A 105 -11.02 -0.16 -18.88
N MET A 106 -10.56 1.01 -19.36
CA MET A 106 -10.62 2.30 -18.65
C MET A 106 -10.24 3.50 -19.53
N ALA A 107 -10.62 4.70 -19.10
CA ALA A 107 -10.29 5.99 -19.72
C ALA A 107 -9.48 6.78 -18.69
N ILE A 108 -8.36 7.38 -19.11
CA ILE A 108 -7.49 8.12 -18.20
C ILE A 108 -7.21 9.54 -18.69
N GLU A 109 -7.23 10.52 -17.78
CA GLU A 109 -6.94 11.91 -18.11
C GLU A 109 -5.84 12.41 -17.17
N PHE A 110 -4.79 13.02 -17.71
CA PHE A 110 -3.66 13.55 -16.96
C PHE A 110 -3.74 15.06 -16.94
N CYS A 111 -3.77 15.69 -15.75
CA CYS A 111 -3.86 17.15 -15.68
C CYS A 111 -2.82 17.76 -14.77
N SER A 112 -1.85 18.43 -15.37
CA SER A 112 -0.82 19.15 -14.65
C SER A 112 -1.26 20.58 -14.33
N ALA A 113 -2.11 21.17 -15.21
CA ALA A 113 -2.67 22.53 -15.12
C ALA A 113 -3.06 23.00 -13.73
N LEU A 114 -2.97 24.31 -13.51
CA LEU A 114 -3.36 24.91 -12.24
C LEU A 114 -4.86 24.75 -12.08
N GLN A 115 -5.29 24.24 -10.92
CA GLN A 115 -6.70 24.07 -10.65
C GLN A 115 -7.18 25.44 -10.16
N ALA A 116 -7.25 26.40 -11.07
CA ALA A 116 -7.64 27.76 -10.75
C ALA A 116 -9.08 28.05 -11.14
N GLY A 117 -9.96 28.03 -10.16
CA GLY A 117 -11.37 28.29 -10.38
C GLY A 117 -12.08 27.38 -11.34
N ASN A 118 -12.44 27.91 -12.51
CA ASN A 118 -13.17 27.13 -13.51
C ASN A 118 -12.28 26.13 -14.28
N GLN A 119 -10.95 26.23 -14.14
CA GLN A 119 -10.05 25.25 -14.76
C GLN A 119 -10.23 23.86 -14.15
N ALA A 120 -10.67 23.78 -12.88
CA ALA A 120 -10.94 22.52 -12.17
C ALA A 120 -12.07 21.72 -12.83
N TRP A 121 -13.09 22.40 -13.34
CA TRP A 121 -14.19 21.72 -14.00
C TRP A 121 -14.18 21.83 -15.51
N GLN A 122 -13.11 22.41 -16.11
CA GLN A 122 -13.02 22.52 -17.56
C GLN A 122 -13.16 21.16 -18.25
N ARG A 123 -12.54 20.13 -17.67
CA ARG A 123 -12.62 18.78 -18.22
C ARG A 123 -13.53 17.86 -17.42
N SER A 124 -14.59 18.42 -16.83
CA SER A 124 -15.59 17.61 -16.14
C SER A 124 -16.55 16.94 -17.14
N GLY A 125 -16.66 17.47 -18.36
CA GLY A 125 -17.50 16.89 -19.40
C GLY A 125 -17.09 15.48 -19.75
N ARG A 126 -15.76 15.23 -19.84
CA ARG A 126 -15.30 13.87 -20.13
C ARG A 126 -15.57 12.96 -18.97
N ALA A 127 -15.41 13.43 -17.73
CA ALA A 127 -15.71 12.61 -16.56
C ALA A 127 -17.19 12.25 -16.52
N TYR A 128 -18.07 13.20 -16.84
CA TYR A 128 -19.50 12.96 -16.85
C TYR A 128 -19.90 11.98 -17.96
N SER A 129 -19.53 12.29 -19.22
CA SER A 129 -19.91 11.50 -20.38
C SER A 129 -19.34 10.11 -20.35
N VAL A 130 -18.03 9.96 -20.06
CA VAL A 130 -17.41 8.65 -19.96
C VAL A 130 -17.94 7.89 -18.74
N GLY A 131 -18.13 8.60 -17.63
CA GLY A 131 -18.66 8.01 -16.41
C GLY A 131 -20.03 7.35 -16.54
N ARG A 132 -20.91 7.88 -17.40
CA ARG A 132 -22.24 7.28 -17.58
C ARG A 132 -22.26 6.04 -18.51
N THR A 133 -21.09 5.63 -19.05
CA THR A 133 -20.99 4.48 -19.95
C THR A 133 -20.79 3.14 -19.23
N GLY A 134 -20.31 3.17 -17.99
CA GLY A 134 -19.97 1.94 -17.28
C GLY A 134 -18.48 1.62 -17.37
N TYR A 135 -17.73 2.35 -18.21
CA TYR A 135 -16.28 2.17 -18.33
C TYR A 135 -15.61 3.11 -17.33
N PRO A 136 -14.65 2.60 -16.56
CA PRO A 136 -14.01 3.44 -15.53
C PRO A 136 -13.29 4.66 -16.04
N TYR A 137 -13.32 5.72 -15.24
CA TYR A 137 -12.71 6.99 -15.58
C TYR A 137 -11.77 7.44 -14.47
N ILE A 138 -10.47 7.61 -14.79
CA ILE A 138 -9.46 8.00 -13.82
C ILE A 138 -8.86 9.36 -14.16
N TYR A 139 -9.01 10.32 -13.27
CA TYR A 139 -8.49 11.66 -13.50
C TYR A 139 -7.30 11.88 -12.58
N ILE A 140 -6.08 11.85 -13.14
CA ILE A 140 -4.83 12.00 -12.40
C ILE A 140 -4.37 13.46 -12.45
N VAL A 141 -4.27 14.12 -11.28
CA VAL A 141 -3.90 15.54 -11.21
C VAL A 141 -2.73 15.78 -10.23
N ASP A 142 -1.71 16.53 -10.69
CA ASP A 142 -0.50 16.89 -9.94
C ASP A 142 -0.84 17.83 -8.79
N PHE A 143 -0.46 17.46 -7.56
CA PHE A 143 -0.68 18.28 -6.38
C PHE A 143 0.69 18.53 -5.75
N VAL A 144 1.26 19.75 -5.78
CA VAL A 144 0.73 20.99 -6.33
C VAL A 144 1.76 21.63 -7.30
N LYS A 145 1.32 22.65 -8.07
CA LYS A 145 2.15 23.45 -8.94
C LYS A 145 1.84 24.94 -8.65
N TYR A 146 2.87 25.79 -8.61
CA TYR A 146 2.67 27.21 -8.33
C TYR A 146 2.40 28.01 -9.59
N GLU A 147 1.66 29.11 -9.45
CA GLU A 147 1.44 30.05 -10.55
C GLU A 147 2.63 31.02 -10.52
N LEU A 148 3.12 31.43 -11.68
CA LEU A 148 4.22 32.39 -11.74
C LEU A 148 3.73 33.75 -12.24
N ASN A 149 4.44 34.82 -11.89
CA ASN A 149 4.00 36.16 -12.27
C ASN A 149 4.34 36.56 -13.71
N ASN A 150 5.22 35.79 -14.39
CA ASN A 150 5.72 35.97 -15.76
C ASN A 150 6.65 37.20 -15.93
N SER A 151 6.46 38.28 -15.16
CA SER A 151 7.34 39.45 -15.25
C SER A 151 8.75 39.08 -14.81
N ASP A 152 8.88 38.33 -13.70
CA ASP A 152 10.20 37.88 -13.23
C ASP A 152 10.23 36.40 -12.80
N ARG A 153 9.20 35.61 -13.20
CA ARG A 153 9.05 34.19 -12.93
C ARG A 153 9.06 33.82 -11.46
N SER A 154 8.60 34.73 -10.59
CA SER A 154 8.52 34.45 -9.16
C SER A 154 7.17 33.80 -8.82
N ARG A 155 7.09 33.09 -7.69
CA ARG A 155 5.86 32.40 -7.30
C ARG A 155 4.78 33.24 -6.66
N LYS A 156 3.54 32.95 -7.05
CA LYS A 156 2.33 33.55 -6.50
C LYS A 156 1.58 32.46 -5.70
N ASN A 157 0.49 32.82 -5.00
CA ASN A 157 -0.23 31.87 -4.15
C ASN A 157 -0.66 30.58 -4.85
N LEU A 158 -0.61 29.46 -4.09
CA LEU A 158 -1.02 28.15 -4.59
C LEU A 158 -2.50 28.17 -4.96
N ARG A 159 -2.89 27.41 -5.99
CA ARG A 159 -4.30 27.35 -6.38
C ARG A 159 -4.88 25.98 -6.12
N PHE A 160 -6.02 25.92 -5.41
CA PHE A 160 -6.68 24.66 -5.11
C PHE A 160 -8.08 24.63 -5.70
N PRO A 161 -8.58 23.44 -6.09
CA PRO A 161 -9.96 23.37 -6.59
C PRO A 161 -11.00 23.56 -5.49
N ASN A 162 -12.24 23.87 -5.87
CA ASN A 162 -13.35 23.97 -4.91
C ASN A 162 -13.63 22.55 -4.43
N PRO A 163 -13.90 22.35 -3.11
CA PRO A 163 -14.15 20.97 -2.63
C PRO A 163 -15.20 20.17 -3.42
N ALA A 164 -16.15 20.85 -4.06
CA ALA A 164 -17.20 20.20 -4.85
C ALA A 164 -16.67 19.52 -6.09
N ILE A 165 -15.52 19.94 -6.61
CA ILE A 165 -14.94 19.30 -7.81
C ILE A 165 -14.50 17.88 -7.50
N PRO A 166 -13.57 17.65 -6.54
CA PRO A 166 -13.22 16.27 -6.18
C PRO A 166 -14.45 15.46 -5.77
N TYR A 167 -15.40 16.10 -5.06
CA TYR A 167 -16.59 15.41 -4.63
C TYR A 167 -17.47 14.96 -5.78
N SER A 168 -17.56 15.75 -6.84
CA SER A 168 -18.39 15.38 -7.99
C SER A 168 -18.07 14.01 -8.59
N TYR A 169 -16.80 13.60 -8.50
CA TYR A 169 -16.35 12.32 -8.99
C TYR A 169 -16.92 11.19 -8.11
N ILE A 170 -16.94 11.39 -6.79
CA ILE A 170 -17.49 10.42 -5.86
C ILE A 170 -19.00 10.31 -6.05
N SER A 171 -19.70 11.45 -6.16
CA SER A 171 -21.16 11.41 -6.34
C SER A 171 -21.56 10.84 -7.69
N HIS A 172 -20.79 11.11 -8.76
CA HIS A 172 -21.09 10.52 -10.07
C HIS A 172 -20.90 9.00 -10.01
N SER A 173 -19.89 8.53 -9.24
CA SER A 173 -19.65 7.12 -9.03
C SER A 173 -20.84 6.47 -8.32
N LYS A 174 -21.36 7.10 -7.27
CA LYS A 174 -22.52 6.55 -6.56
C LYS A 174 -23.77 6.50 -7.45
N ASN A 175 -24.06 7.61 -8.15
CA ASN A 175 -25.22 7.72 -9.02
C ASN A 175 -25.21 6.72 -10.17
N THR A 176 -24.04 6.46 -10.77
CA THR A 176 -23.95 5.57 -11.92
C THR A 176 -23.64 4.11 -11.59
N GLY A 177 -23.02 3.88 -10.45
CA GLY A 177 -22.56 2.55 -10.08
C GLY A 177 -21.20 2.23 -10.71
N ASN A 178 -20.60 3.20 -11.42
CA ASN A 178 -19.31 3.07 -12.11
C ASN A 178 -18.17 3.66 -11.27
N PHE A 179 -16.92 3.40 -11.67
CA PHE A 179 -15.77 3.92 -10.96
C PHE A 179 -15.23 5.15 -11.67
N ILE A 180 -15.54 6.33 -11.13
CA ILE A 180 -15.09 7.62 -11.64
C ILE A 180 -14.37 8.26 -10.46
N VAL A 181 -13.06 8.53 -10.59
CA VAL A 181 -12.29 9.05 -9.46
C VAL A 181 -11.25 10.11 -9.85
N GLN A 182 -10.85 10.90 -8.86
CA GLN A 182 -9.79 11.88 -8.99
C GLN A 182 -8.65 11.35 -8.12
N ALA A 183 -7.48 11.16 -8.72
CA ALA A 183 -6.28 10.65 -8.07
C ALA A 183 -5.23 11.73 -8.08
N TYR A 184 -4.47 11.86 -6.99
CA TYR A 184 -3.48 12.93 -6.88
C TYR A 184 -2.09 12.38 -6.80
N PHE A 185 -1.22 12.91 -7.64
CA PHE A 185 0.18 12.51 -7.65
C PHE A 185 1.00 13.66 -7.07
N ARG A 186 2.09 13.32 -6.37
CA ARG A 186 2.96 14.29 -5.74
C ARG A 186 3.72 15.10 -6.77
N GLY A 187 3.38 16.37 -6.88
CA GLY A 187 4.06 17.30 -7.77
C GLY A 187 5.42 17.68 -7.23
N GLU A 188 6.32 18.09 -8.12
CA GLU A 188 7.67 18.48 -7.71
C GLU A 188 7.63 19.70 -6.79
N GLU A 189 6.65 20.60 -6.97
CA GLU A 189 6.53 21.79 -6.15
C GLU A 189 5.71 21.57 -4.85
N TYR A 190 5.41 20.30 -4.49
CA TYR A 190 4.75 20.01 -3.22
C TYR A 190 5.86 20.13 -2.19
N GLN A 191 5.94 21.26 -1.48
CA GLN A 191 6.99 21.49 -0.50
C GLN A 191 6.31 21.95 0.78
N PRO A 192 5.78 21.01 1.59
CA PRO A 192 5.03 21.40 2.80
C PRO A 192 5.83 22.08 3.90
N LYS A 193 7.14 21.89 3.90
CA LYS A 193 8.01 22.55 4.89
C LYS A 193 8.12 24.07 4.65
N TYR A 194 7.78 24.55 3.44
CA TYR A 194 7.90 25.95 3.08
C TYR A 194 6.58 26.69 2.91
N ASP A 195 5.46 25.97 2.66
CA ASP A 195 4.18 26.64 2.46
C ASP A 195 3.16 26.30 3.53
N LYS A 196 2.67 27.33 4.22
CA LYS A 196 1.69 27.19 5.28
C LYS A 196 0.33 26.69 4.80
N LYS A 197 0.00 26.89 3.52
CA LYS A 197 -1.28 26.39 2.99
C LYS A 197 -1.37 24.85 3.01
N LEU A 198 -0.21 24.18 2.96
CA LEU A 198 -0.13 22.72 2.95
C LEU A 198 0.12 22.12 4.33
N LYS A 199 0.16 22.92 5.40
CA LYS A 199 0.42 22.44 6.76
C LYS A 199 -0.47 21.27 7.18
N PHE A 200 -1.76 21.29 6.78
CA PHE A 200 -2.67 20.22 7.17
C PHE A 200 -3.04 19.29 6.02
N PHE A 201 -2.10 19.01 5.11
CA PHE A 201 -2.35 18.07 4.02
C PHE A 201 -1.90 16.67 4.47
N ASP A 202 -2.73 15.65 4.24
CA ASP A 202 -2.36 14.27 4.63
C ASP A 202 -1.70 13.60 3.42
N GLU A 203 -0.40 13.27 3.54
CA GLU A 203 0.33 12.65 2.43
C GLU A 203 -0.16 11.27 2.03
N THR A 204 -1.08 10.67 2.81
CA THR A 204 -1.68 9.39 2.41
C THR A 204 -2.65 9.59 1.21
N ILE A 205 -3.04 10.86 0.89
CA ILE A 205 -3.90 11.21 -0.23
C ILE A 205 -3.23 10.86 -1.56
N PHE A 206 -1.90 10.95 -1.64
CA PHE A 206 -1.17 10.63 -2.88
C PHE A 206 -1.47 9.18 -3.33
N ALA A 207 -1.77 9.01 -4.63
CA ALA A 207 -2.20 7.71 -5.16
C ALA A 207 -1.29 7.08 -6.22
N GLU A 208 0.03 7.36 -6.20
CA GLU A 208 0.94 6.76 -7.18
C GLU A 208 0.91 5.22 -7.17
N ASP A 209 1.06 4.61 -5.99
CA ASP A 209 1.05 3.16 -5.88
C ASP A 209 -0.32 2.56 -6.16
N ASP A 210 -1.39 3.20 -5.68
CA ASP A 210 -2.73 2.67 -5.88
C ASP A 210 -3.25 2.75 -7.30
N ILE A 211 -2.79 3.74 -8.08
CA ILE A 211 -3.18 3.84 -9.48
C ILE A 211 -2.52 2.72 -10.28
N ALA A 212 -1.23 2.45 -10.01
CA ALA A 212 -0.51 1.36 -10.65
C ALA A 212 -1.17 0.01 -10.31
N ASP A 213 -1.55 -0.19 -9.04
CA ASP A 213 -2.22 -1.41 -8.57
C ASP A 213 -3.57 -1.60 -9.25
N TYR A 214 -4.33 -0.52 -9.41
CA TYR A 214 -5.63 -0.56 -10.06
C TYR A 214 -5.49 -1.00 -11.51
N ILE A 215 -4.57 -0.37 -12.26
CA ILE A 215 -4.34 -0.68 -13.67
C ILE A 215 -3.93 -2.14 -13.85
N ILE A 216 -2.95 -2.60 -13.08
CA ILE A 216 -2.49 -3.98 -13.17
C ILE A 216 -3.62 -4.98 -12.85
N ALA A 217 -4.44 -4.70 -11.83
CA ALA A 217 -5.55 -5.60 -11.48
C ALA A 217 -6.61 -5.65 -12.59
N LYS A 218 -6.87 -4.52 -13.26
CA LYS A 218 -7.82 -4.48 -14.36
C LYS A 218 -7.28 -5.29 -15.54
N LEU A 219 -5.98 -5.14 -15.85
CA LEU A 219 -5.31 -5.88 -16.93
C LEU A 219 -5.33 -7.39 -16.68
N GLN A 220 -5.22 -7.80 -15.40
CA GLN A 220 -5.26 -9.18 -14.99
C GLN A 220 -6.69 -9.75 -14.82
N HIS A 221 -7.72 -8.91 -15.00
CA HIS A 221 -9.13 -9.23 -14.78
C HIS A 221 -9.37 -9.78 -13.39
N ARG A 222 -9.01 -8.98 -12.38
CA ARG A 222 -9.17 -9.35 -10.99
C ARG A 222 -10.18 -8.39 -10.32
N ASP A 223 -10.67 -8.74 -9.12
CA ASP A 223 -11.60 -7.86 -8.41
C ASP A 223 -10.88 -6.61 -7.96
N THR A 224 -11.35 -5.46 -8.45
CA THR A 224 -10.76 -4.17 -8.10
C THR A 224 -11.55 -3.40 -7.02
N SER A 225 -12.57 -4.01 -6.39
CA SER A 225 -13.40 -3.37 -5.37
C SER A 225 -12.60 -2.78 -4.23
N ASN A 226 -11.59 -3.50 -3.75
CA ASN A 226 -10.76 -3.03 -2.65
C ASN A 226 -9.91 -1.84 -3.06
N ILE A 227 -9.27 -1.90 -4.25
CA ILE A 227 -8.45 -0.80 -4.77
C ILE A 227 -9.31 0.41 -5.04
N GLU A 228 -10.52 0.19 -5.58
CA GLU A 228 -11.47 1.26 -5.86
C GLU A 228 -11.84 1.98 -4.57
N GLN A 229 -12.11 1.23 -3.48
CA GLN A 229 -12.44 1.84 -2.20
C GLN A 229 -11.28 2.66 -1.62
N LEU A 230 -10.04 2.22 -1.81
CA LEU A 230 -8.88 2.95 -1.34
C LEU A 230 -8.77 4.27 -2.09
N LEU A 231 -8.99 4.23 -3.42
CA LEU A 231 -8.94 5.42 -4.27
C LEU A 231 -10.10 6.41 -3.99
N ILE A 232 -11.31 5.87 -3.70
CA ILE A 232 -12.47 6.70 -3.35
C ILE A 232 -12.18 7.38 -2.01
N ASN A 233 -11.60 6.63 -1.04
CA ASN A 233 -11.25 7.17 0.27
C ASN A 233 -10.23 8.31 0.17
N LYS A 234 -9.28 8.22 -0.78
CA LYS A 234 -8.31 9.29 -0.98
C LYS A 234 -8.95 10.52 -1.63
N ASN A 235 -9.92 10.29 -2.53
CA ASN A 235 -10.69 11.36 -3.15
C ASN A 235 -11.52 12.07 -2.07
N LEU A 236 -12.08 11.30 -1.12
CA LEU A 236 -12.87 11.83 0.00
C LEU A 236 -11.97 12.61 0.97
N LYS A 237 -10.75 12.11 1.20
CA LYS A 237 -9.77 12.79 2.04
C LYS A 237 -9.36 14.14 1.44
N MET A 238 -9.34 14.25 0.10
CA MET A 238 -9.04 15.52 -0.54
C MET A 238 -10.20 16.50 -0.31
N VAL A 239 -11.46 16.02 -0.35
CA VAL A 239 -12.64 16.83 -0.07
C VAL A 239 -12.56 17.37 1.36
N GLU A 240 -12.10 16.51 2.30
CA GLU A 240 -11.90 16.88 3.69
C GLU A 240 -10.84 17.98 3.80
N PHE A 241 -9.67 17.79 3.16
CA PHE A 241 -8.60 18.78 3.19
C PHE A 241 -9.06 20.15 2.69
N LEU A 242 -9.73 20.18 1.54
CA LEU A 242 -10.18 21.42 0.95
C LEU A 242 -11.31 22.10 1.71
N SER A 243 -12.31 21.33 2.16
CA SER A 243 -13.45 21.91 2.88
C SER A 243 -13.07 22.41 4.27
N LYS A 244 -12.13 21.74 4.93
CA LYS A 244 -11.67 22.20 6.25
C LYS A 244 -10.75 23.44 6.15
N ASN A 245 -10.31 23.82 4.94
CA ASN A 245 -9.50 25.00 4.73
C ASN A 245 -10.32 26.23 4.25
N THR A 246 -11.62 26.07 3.97
CA THR A 246 -12.44 27.19 3.54
C THR A 246 -13.34 27.71 4.66
N LYS A 247 -13.77 28.99 4.57
CA LYS A 247 -14.67 29.61 5.55
C LYS A 247 -16.01 28.89 5.46
N ASN A 248 -16.45 28.31 6.58
CA ASN A 248 -17.66 27.50 6.64
C ASN A 248 -18.96 28.30 6.41
N ASP A 249 -18.96 29.62 6.61
CA ASP A 249 -20.17 30.43 6.44
C ASP A 249 -20.66 30.53 4.99
N ASN A 250 -19.77 30.37 4.00
CA ASN A 250 -20.14 30.45 2.58
C ASN A 250 -19.90 29.15 1.79
N ASN A 251 -19.35 28.11 2.43
CA ASN A 251 -19.04 26.85 1.75
C ASN A 251 -19.52 25.66 2.61
N PHE A 252 -19.70 24.48 1.98
CA PHE A 252 -20.09 23.28 2.72
C PHE A 252 -18.98 22.89 3.68
N THR A 253 -19.34 22.44 4.89
CA THR A 253 -18.32 21.96 5.84
C THR A 253 -18.10 20.48 5.55
N TYR A 254 -17.01 19.88 6.08
CA TYR A 254 -16.77 18.46 5.85
C TYR A 254 -17.91 17.59 6.41
N SER A 255 -18.53 18.01 7.54
CA SER A 255 -19.66 17.26 8.11
C SER A 255 -20.83 17.17 7.12
N GLU A 256 -21.05 18.22 6.33
CA GLU A 256 -22.10 18.25 5.32
C GLU A 256 -21.76 17.30 4.16
N TRP A 257 -20.51 17.33 3.68
CA TRP A 257 -20.09 16.43 2.61
C TRP A 257 -20.14 14.97 3.06
N GLU A 258 -19.75 14.72 4.32
CA GLU A 258 -19.74 13.38 4.91
C GLU A 258 -21.16 12.84 5.02
N SER A 259 -22.13 13.70 5.39
CA SER A 259 -23.53 13.28 5.50
C SER A 259 -24.15 12.93 4.13
N ILE A 260 -23.64 13.54 3.04
CA ILE A 260 -24.09 13.23 1.68
C ILE A 260 -23.41 11.92 1.25
N TYR A 261 -22.10 11.80 1.52
CA TYR A 261 -21.30 10.60 1.21
C TYR A 261 -21.85 9.33 1.84
N ASN A 262 -22.13 9.35 3.15
CA ASN A 262 -22.63 8.15 3.83
C ASN A 262 -24.14 7.89 3.59
N GLY A 263 -24.77 8.65 2.70
CA GLY A 263 -26.17 8.45 2.34
C GLY A 263 -27.20 8.94 3.32
N THR A 264 -26.82 9.81 4.27
CA THR A 264 -27.79 10.35 5.23
C THR A 264 -28.74 11.32 4.50
N TYR A 265 -28.18 12.19 3.65
CA TYR A 265 -28.98 13.15 2.88
C TYR A 265 -28.51 13.22 1.42
N ARG A 266 -29.37 13.72 0.53
CA ARG A 266 -28.99 14.01 -0.85
C ARG A 266 -28.52 15.50 -0.85
N ILE A 267 -27.73 15.91 -1.84
CA ILE A 267 -27.18 17.27 -1.87
C ILE A 267 -28.27 18.37 -1.92
N THR A 268 -29.48 18.04 -2.39
CA THR A 268 -30.57 19.02 -2.46
C THR A 268 -31.51 19.00 -1.24
N ASN A 269 -31.40 17.98 -0.37
CA ASN A 269 -32.25 17.93 0.82
C ASN A 269 -31.45 18.03 2.13
N LEU A 270 -30.27 18.66 2.08
CA LEU A 270 -29.40 18.87 3.24
C LEU A 270 -30.16 19.78 4.22
N PRO A 271 -30.29 19.39 5.49
CA PRO A 271 -31.08 20.22 6.42
C PRO A 271 -30.56 21.65 6.58
N SER A 272 -29.26 21.85 6.38
CA SER A 272 -28.63 23.15 6.49
C SER A 272 -28.64 23.97 5.20
N LEU A 273 -29.24 23.45 4.10
CA LEU A 273 -29.30 24.18 2.84
C LEU A 273 -30.05 25.50 3.02
N GLY A 274 -29.40 26.59 2.63
CA GLY A 274 -29.98 27.91 2.81
C GLY A 274 -29.19 28.79 3.75
N ARG A 275 -28.30 28.21 4.58
CA ARG A 275 -27.46 29.04 5.47
C ARG A 275 -26.59 30.03 4.69
N PHE A 276 -26.27 29.72 3.43
CA PHE A 276 -25.63 30.63 2.50
C PHE A 276 -26.42 30.62 1.18
N LYS A 277 -26.40 31.73 0.44
CA LYS A 277 -27.15 31.86 -0.81
C LYS A 277 -26.25 31.71 -2.04
N PHE A 278 -26.86 31.51 -3.21
CA PHE A 278 -26.11 31.43 -4.45
C PHE A 278 -25.95 32.85 -4.94
N ARG A 279 -24.71 33.34 -4.97
CA ARG A 279 -24.38 34.69 -5.41
C ARG A 279 -23.32 34.65 -6.49
N LYS A 280 -23.75 34.51 -7.76
CA LYS A 280 -22.89 34.44 -8.93
C LYS A 280 -22.07 35.72 -9.07
N LYS A 281 -20.76 35.56 -9.31
CA LYS A 281 -19.88 36.72 -9.51
C LYS A 281 -19.73 37.02 -11.00
N ILE A 282 -20.17 38.20 -11.45
CA ILE A 282 -20.08 38.59 -12.85
C ILE A 282 -19.18 39.81 -12.98
N ALA A 283 -18.14 39.74 -13.84
CA ALA A 283 -17.26 40.89 -14.05
C ALA A 283 -18.04 42.02 -14.69
N GLU A 284 -17.73 43.28 -14.34
CA GLU A 284 -18.43 44.45 -14.89
C GLU A 284 -18.36 44.48 -16.41
N LYS A 285 -17.21 44.07 -16.99
CA LYS A 285 -17.04 44.04 -18.44
C LYS A 285 -17.98 43.05 -19.13
N SER A 286 -18.48 42.04 -18.41
CA SER A 286 -19.39 41.03 -18.94
C SER A 286 -20.86 41.45 -18.89
N LEU A 287 -21.20 42.51 -18.14
CA LEU A 287 -22.59 42.94 -18.00
C LEU A 287 -23.17 43.57 -19.26
N SER A 288 -24.45 43.27 -19.49
CA SER A 288 -25.25 43.76 -20.63
C SER A 288 -26.75 43.50 -20.33
N GLY A 289 -27.63 44.08 -21.14
CA GLY A 289 -29.09 43.90 -21.00
C GLY A 289 -29.64 43.94 -19.60
N LYS A 290 -30.40 42.90 -19.23
CA LYS A 290 -30.98 42.80 -17.88
C LYS A 290 -30.28 41.76 -17.01
N VAL A 291 -29.00 41.44 -17.30
CA VAL A 291 -28.20 40.45 -16.60
C VAL A 291 -28.04 40.77 -15.11
N LYS A 292 -27.68 42.02 -14.77
CA LYS A 292 -27.54 42.42 -13.36
C LYS A 292 -28.88 42.27 -12.62
N GLU A 293 -29.99 42.62 -13.29
CA GLU A 293 -31.34 42.52 -12.76
C GLU A 293 -31.73 41.05 -12.51
N PHE A 294 -31.38 40.17 -13.47
CA PHE A 294 -31.65 38.73 -13.35
C PHE A 294 -30.86 38.16 -12.19
N ASN A 295 -29.59 38.56 -12.04
CA ASN A 295 -28.76 38.07 -10.94
C ASN A 295 -29.35 38.46 -9.59
N ASN A 296 -29.93 39.66 -9.49
CA ASN A 296 -30.57 40.12 -8.25
C ASN A 296 -31.78 39.25 -7.94
N ILE A 297 -32.55 38.85 -8.96
CA ILE A 297 -33.72 37.99 -8.78
C ILE A 297 -33.28 36.62 -8.27
N VAL A 298 -32.20 36.07 -8.83
CA VAL A 298 -31.68 34.77 -8.37
C VAL A 298 -31.26 34.84 -6.90
N GLN A 299 -30.52 35.89 -6.51
CA GLN A 299 -30.07 36.08 -5.14
C GLN A 299 -31.21 36.35 -4.14
N ARG A 300 -32.41 36.66 -4.63
CA ARG A 300 -33.57 36.88 -3.79
C ARG A 300 -34.17 35.54 -3.30
N TYR A 301 -34.06 34.47 -4.10
CA TYR A 301 -34.69 33.19 -3.77
C TYR A 301 -33.76 32.00 -3.66
N SER A 302 -32.53 32.14 -4.13
CA SER A 302 -31.60 31.02 -4.17
C SER A 302 -31.04 30.58 -2.82
N VAL A 303 -30.64 29.31 -2.76
CA VAL A 303 -29.93 28.69 -1.66
C VAL A 303 -28.64 28.17 -2.31
N GLY A 304 -27.54 28.30 -1.59
CA GLY A 304 -26.23 27.90 -2.09
C GLY A 304 -26.06 26.42 -2.24
N LEU A 305 -25.43 25.99 -3.34
CA LEU A 305 -25.16 24.59 -3.58
C LEU A 305 -23.65 24.42 -3.54
N ALA A 306 -23.12 23.84 -2.44
CA ALA A 306 -21.69 23.60 -2.17
C ALA A 306 -20.90 24.85 -1.80
N SER A 307 -21.06 25.93 -2.56
CA SER A 307 -20.38 27.19 -2.29
C SER A 307 -21.24 28.34 -2.79
N SER A 308 -21.24 29.46 -2.06
CA SER A 308 -22.02 30.63 -2.45
C SER A 308 -21.58 31.19 -3.80
N ASP A 309 -20.28 31.11 -4.12
CA ASP A 309 -19.78 31.68 -5.37
C ASP A 309 -19.50 30.68 -6.48
N LEU A 310 -20.03 29.46 -6.39
CA LEU A 310 -19.94 28.53 -7.52
C LEU A 310 -20.97 29.03 -8.56
N PRO A 311 -20.81 28.75 -9.87
CA PRO A 311 -21.75 29.31 -10.87
C PRO A 311 -23.16 28.73 -10.89
N PHE A 312 -23.56 28.00 -9.86
CA PHE A 312 -24.88 27.40 -9.78
C PHE A 312 -25.43 27.38 -8.36
N GLY A 313 -26.73 27.35 -8.26
CA GLY A 313 -27.43 27.29 -6.99
C GLY A 313 -28.79 26.64 -7.13
N VAL A 314 -29.57 26.62 -6.05
CA VAL A 314 -30.89 25.99 -6.09
C VAL A 314 -31.99 26.97 -5.77
N ILE A 315 -33.11 26.85 -6.47
CA ILE A 315 -34.34 27.56 -6.21
C ILE A 315 -35.26 26.44 -5.77
N ARG A 316 -35.55 26.33 -4.46
CA ARG A 316 -36.41 25.29 -3.93
C ARG A 316 -37.81 25.37 -4.51
N LYS A 317 -38.53 24.23 -4.61
CA LYS A 317 -39.88 24.24 -5.17
C LYS A 317 -40.84 25.20 -4.47
N GLU A 318 -40.59 25.44 -3.16
CA GLU A 318 -41.37 26.34 -2.32
C GLU A 318 -41.22 27.83 -2.74
N SER A 319 -40.13 28.17 -3.45
CA SER A 319 -39.87 29.53 -3.93
C SER A 319 -39.90 29.64 -5.46
N ARG A 320 -40.04 28.51 -6.20
CA ARG A 320 -40.03 28.47 -7.65
C ARG A 320 -41.12 29.34 -8.28
N ASN A 321 -42.34 29.30 -7.75
CA ASN A 321 -43.44 30.12 -8.29
C ASN A 321 -43.10 31.61 -8.27
N ASP A 322 -42.59 32.11 -7.15
CA ASP A 322 -42.24 33.53 -7.02
C ASP A 322 -41.03 33.90 -7.88
N PHE A 323 -40.04 32.99 -7.98
CA PHE A 323 -38.86 33.23 -8.81
C PHE A 323 -39.30 33.35 -10.28
N ILE A 324 -40.12 32.39 -10.77
CA ILE A 324 -40.62 32.39 -12.14
C ILE A 324 -41.43 33.66 -12.43
N ASN A 325 -42.28 34.10 -11.49
CA ASN A 325 -43.07 35.33 -11.64
C ASN A 325 -42.15 36.55 -11.85
N ASP A 326 -41.07 36.63 -11.07
CA ASP A 326 -40.11 37.72 -11.18
C ASP A 326 -39.34 37.69 -12.49
N VAL A 327 -38.96 36.50 -12.96
CA VAL A 327 -38.26 36.38 -14.23
C VAL A 327 -39.20 36.79 -15.37
N CYS A 328 -40.47 36.38 -15.29
CA CYS A 328 -41.49 36.72 -16.30
C CYS A 328 -41.73 38.21 -16.37
N LYS A 329 -41.73 38.89 -15.21
CA LYS A 329 -41.94 40.33 -15.15
C LYS A 329 -40.75 41.05 -15.81
N LEU A 330 -39.53 40.59 -15.50
CA LEU A 330 -38.31 41.20 -16.03
C LEU A 330 -38.19 41.10 -17.54
N TYR A 331 -38.48 39.92 -18.09
CA TYR A 331 -38.32 39.68 -19.51
C TYR A 331 -39.62 39.70 -20.33
N ASN A 332 -40.72 40.15 -19.73
CA ASN A 332 -42.03 40.25 -20.40
C ASN A 332 -42.51 38.91 -20.97
N ILE A 333 -42.41 37.84 -20.18
CA ILE A 333 -42.89 36.54 -20.60
C ILE A 333 -44.36 36.45 -20.23
N ASN A 334 -45.25 36.35 -21.24
CA ASN A 334 -46.68 36.32 -20.99
C ASN A 334 -47.39 35.05 -21.48
N ASP A 335 -46.68 34.16 -22.20
CA ASP A 335 -47.28 32.93 -22.71
C ASP A 335 -47.64 31.96 -21.59
N MET A 336 -48.94 31.66 -21.45
CA MET A 336 -49.46 30.75 -20.43
C MET A 336 -48.82 29.36 -20.45
N LYS A 337 -48.65 28.77 -21.65
CA LYS A 337 -48.06 27.44 -21.79
C LYS A 337 -46.61 27.41 -21.27
N ILE A 338 -45.83 28.43 -21.61
CA ILE A 338 -44.43 28.54 -21.20
C ILE A 338 -44.32 28.69 -19.68
N ILE A 339 -45.15 29.56 -19.09
CA ILE A 339 -45.17 29.81 -17.64
C ILE A 339 -45.52 28.54 -16.86
N LYS A 340 -46.47 27.75 -17.38
CA LYS A 340 -46.87 26.50 -16.74
C LYS A 340 -45.72 25.48 -16.74
N GLU A 341 -44.93 25.45 -17.83
CA GLU A 341 -43.78 24.56 -17.93
C GLU A 341 -42.70 24.97 -16.94
N LEU A 342 -42.47 26.29 -16.80
CA LEU A 342 -41.49 26.84 -15.87
C LEU A 342 -41.87 26.60 -14.41
N LYS A 343 -43.19 26.57 -14.12
CA LYS A 343 -43.67 26.40 -12.75
C LYS A 343 -43.91 24.95 -12.31
N GLU A 344 -43.12 23.99 -12.81
CA GLU A 344 -43.24 22.60 -12.39
C GLU A 344 -42.87 22.46 -10.92
N ASP A 345 -43.62 21.66 -10.13
CA ASP A 345 -43.36 21.52 -8.70
C ASP A 345 -42.15 20.64 -8.36
N ALA A 346 -40.96 21.18 -8.52
CA ALA A 346 -39.71 20.48 -8.21
C ALA A 346 -38.60 21.51 -7.97
N ASP A 347 -37.53 21.11 -7.27
CA ASP A 347 -36.39 22.01 -7.05
C ASP A 347 -35.72 22.30 -8.39
N LEU A 348 -35.25 23.53 -8.57
CA LEU A 348 -34.65 23.94 -9.83
C LEU A 348 -33.22 24.39 -9.59
N ILE A 349 -32.26 23.82 -10.34
CA ILE A 349 -30.87 24.25 -10.21
C ILE A 349 -30.65 25.34 -11.25
N VAL A 350 -30.21 26.53 -10.83
CA VAL A 350 -29.97 27.62 -11.78
C VAL A 350 -28.47 27.74 -11.99
N CYS A 351 -28.01 27.67 -13.25
CA CYS A 351 -26.60 27.80 -13.57
C CYS A 351 -26.43 29.05 -14.41
N MET A 352 -25.55 29.96 -14.00
CA MET A 352 -25.33 31.20 -14.74
C MET A 352 -23.92 31.17 -15.29
N LEU A 353 -23.77 31.26 -16.63
CA LEU A 353 -22.46 31.20 -17.28
C LEU A 353 -22.36 32.23 -18.39
N LYS A 354 -21.18 32.84 -18.57
CA LYS A 354 -20.99 33.79 -19.67
C LYS A 354 -21.04 33.04 -20.99
N GLY A 355 -20.38 31.89 -21.03
CA GLY A 355 -20.38 31.03 -22.20
C GLY A 355 -19.44 31.43 -23.31
N PHE A 356 -19.40 32.73 -23.65
CA PHE A 356 -18.64 33.19 -24.81
C PHE A 356 -17.75 34.39 -24.54
N LYS A 357 -16.56 34.38 -25.16
CA LYS A 357 -15.57 35.45 -25.07
C LYS A 357 -15.99 36.67 -25.95
N PRO A 358 -15.31 37.84 -25.89
CA PRO A 358 -15.75 38.99 -26.69
C PRO A 358 -15.98 38.72 -28.18
N ARG A 359 -15.17 37.85 -28.81
CA ARG A 359 -15.32 37.55 -30.23
C ARG A 359 -16.38 36.47 -30.55
N GLY A 360 -17.07 35.97 -29.53
CA GLY A 360 -18.08 34.94 -29.69
C GLY A 360 -17.54 33.52 -29.58
N ASP A 361 -16.22 33.36 -29.35
CA ASP A 361 -15.61 32.04 -29.20
C ASP A 361 -15.97 31.48 -27.83
N ASP A 362 -16.43 30.23 -27.78
CA ASP A 362 -16.88 29.62 -26.53
C ASP A 362 -15.81 29.43 -25.46
N ASN A 363 -16.21 29.57 -24.20
CA ASN A 363 -15.35 29.42 -23.05
C ASN A 363 -15.16 27.95 -22.82
N ARG A 364 -13.92 27.44 -22.94
CA ARG A 364 -13.63 26.03 -22.68
C ARG A 364 -14.04 25.56 -21.28
N PRO A 365 -13.76 26.31 -20.18
CA PRO A 365 -14.18 25.83 -18.85
C PRO A 365 -15.68 25.65 -18.69
N ASP A 366 -16.48 26.50 -19.35
CA ASP A 366 -17.94 26.43 -19.24
C ASP A 366 -18.54 25.12 -19.75
N ARG A 367 -17.82 24.44 -20.65
CA ARG A 367 -18.28 23.16 -21.16
C ARG A 367 -18.41 22.10 -20.04
N GLY A 368 -17.72 22.29 -18.92
CA GLY A 368 -17.78 21.36 -17.81
C GLY A 368 -18.67 21.80 -16.66
N ALA A 369 -19.31 23.00 -16.75
CA ALA A 369 -20.16 23.47 -15.66
C ALA A 369 -21.44 22.66 -15.49
N LEU A 370 -22.19 22.43 -16.57
CA LEU A 370 -23.38 21.56 -16.48
C LEU A 370 -23.00 20.12 -16.12
N PRO A 371 -21.99 19.49 -16.76
CA PRO A 371 -21.55 18.16 -16.33
C PRO A 371 -21.20 18.09 -14.83
N LEU A 372 -20.64 19.17 -14.25
CA LEU A 372 -20.31 19.22 -12.81
C LEU A 372 -21.61 19.16 -11.99
N VAL A 373 -22.62 19.93 -12.38
CA VAL A 373 -23.93 19.94 -11.74
C VAL A 373 -24.56 18.55 -11.81
N ALA A 374 -24.52 17.93 -13.00
CA ALA A 374 -25.07 16.59 -13.26
C ALA A 374 -24.33 15.52 -12.46
N MET A 375 -23.02 15.69 -12.27
CA MET A 375 -22.23 14.74 -11.49
C MET A 375 -22.55 14.86 -9.98
N LEU A 376 -22.90 16.06 -9.50
CA LEU A 376 -23.21 16.28 -8.09
C LEU A 376 -24.65 15.87 -7.74
N ALA A 377 -25.63 16.32 -8.53
CA ALA A 377 -27.04 16.07 -8.22
C ALA A 377 -27.78 15.12 -9.14
N GLY A 378 -27.07 14.45 -10.04
CA GLY A 378 -27.70 13.52 -10.97
C GLY A 378 -28.17 14.25 -12.21
N GLU A 379 -27.99 13.63 -13.39
CA GLU A 379 -28.40 14.24 -14.65
C GLU A 379 -29.90 14.51 -14.75
N ASN A 380 -30.70 13.75 -13.99
CA ASN A 380 -32.16 13.86 -13.93
C ASN A 380 -32.66 15.15 -13.26
N ALA A 381 -31.78 15.89 -12.56
CA ALA A 381 -32.18 17.13 -11.88
C ALA A 381 -32.60 18.19 -12.88
N GLN A 382 -33.56 19.05 -12.52
CA GLN A 382 -34.02 20.10 -13.42
C GLN A 382 -33.04 21.26 -13.43
N ILE A 383 -32.45 21.56 -14.58
CA ILE A 383 -31.45 22.62 -14.71
C ILE A 383 -31.91 23.78 -15.60
N PHE A 384 -31.81 25.01 -15.08
CA PHE A 384 -32.17 26.26 -15.74
C PHE A 384 -30.84 26.93 -16.04
N THR A 385 -30.43 26.97 -17.30
CA THR A 385 -29.13 27.54 -17.68
C THR A 385 -29.26 28.94 -18.25
N PHE A 386 -28.66 29.95 -17.59
CA PHE A 386 -28.72 31.34 -18.03
C PHE A 386 -27.37 31.76 -18.62
N ILE A 387 -27.37 32.18 -19.90
CA ILE A 387 -26.18 32.57 -20.66
C ILE A 387 -26.21 34.06 -20.99
N TYR A 388 -25.07 34.77 -20.84
CA TYR A 388 -25.05 36.21 -21.07
C TYR A 388 -23.87 36.73 -21.92
N GLY A 389 -23.10 35.83 -22.52
CA GLY A 389 -21.96 36.20 -23.34
C GLY A 389 -22.30 36.54 -24.78
N PRO A 390 -21.38 37.17 -25.52
CA PRO A 390 -21.70 37.58 -26.89
C PRO A 390 -21.84 36.46 -27.91
N LEU A 391 -22.90 36.52 -28.71
CA LEU A 391 -23.16 35.51 -29.73
C LEU A 391 -22.87 36.03 -31.12
N ILE A 392 -22.25 35.18 -31.95
CA ILE A 392 -22.04 35.52 -33.35
C ILE A 392 -23.42 35.43 -34.03
N LYS A 393 -23.68 36.26 -35.04
CA LYS A 393 -24.97 36.28 -35.71
C LYS A 393 -25.41 34.90 -36.24
N GLY A 394 -24.48 34.09 -36.70
CA GLY A 394 -24.77 32.75 -37.17
C GLY A 394 -25.32 31.83 -36.09
N ALA A 395 -24.85 32.01 -34.83
CA ALA A 395 -25.29 31.20 -33.70
C ALA A 395 -26.72 31.53 -33.29
N ILE A 396 -27.07 32.82 -33.21
CA ILE A 396 -28.43 33.21 -32.85
C ILE A 396 -29.45 32.80 -33.94
N ASN A 397 -29.02 32.79 -35.22
CA ASN A 397 -29.89 32.36 -36.31
C ASN A 397 -30.17 30.86 -36.17
N LEU A 398 -29.16 30.07 -35.76
CA LEU A 398 -29.35 28.63 -35.54
C LEU A 398 -30.20 28.35 -34.32
N ILE A 399 -30.11 29.19 -33.30
CA ILE A 399 -30.96 29.06 -32.10
C ILE A 399 -32.43 29.23 -32.49
N ASP A 400 -32.72 30.13 -33.43
CA ASP A 400 -34.09 30.39 -33.88
C ASP A 400 -34.60 29.37 -34.92
N GLN A 401 -33.73 28.53 -35.50
CA GLN A 401 -34.17 27.55 -36.50
C GLN A 401 -34.07 26.10 -35.99
N ASP A 402 -32.89 25.70 -35.53
CA ASP A 402 -32.63 24.35 -35.05
C ASP A 402 -31.47 24.39 -34.08
N ILE A 403 -31.75 24.37 -32.78
CA ILE A 403 -30.71 24.40 -31.75
C ILE A 403 -29.82 23.14 -31.79
N ASN A 404 -30.36 22.00 -32.24
CA ASN A 404 -29.62 20.74 -32.35
C ASN A 404 -28.52 20.81 -33.39
N LYS A 405 -28.69 21.63 -34.45
CA LYS A 405 -27.69 21.84 -35.49
C LYS A 405 -26.47 22.56 -34.90
N LEU A 406 -26.72 23.53 -34.00
CA LEU A 406 -25.67 24.28 -33.33
C LEU A 406 -24.94 23.35 -32.34
N ALA A 407 -25.70 22.54 -31.60
CA ALA A 407 -25.15 21.58 -30.64
C ALA A 407 -24.26 20.53 -31.33
N LYS A 408 -24.63 20.14 -32.57
CA LYS A 408 -23.89 19.18 -33.37
C LYS A 408 -22.50 19.66 -33.74
N ARG A 409 -22.35 20.95 -34.06
CA ARG A 409 -21.06 21.48 -34.46
C ARG A 409 -20.22 22.08 -33.31
N ASN A 410 -20.85 22.51 -32.21
CA ASN A 410 -20.11 23.13 -31.11
C ASN A 410 -20.24 22.38 -29.78
N GLY A 411 -19.12 22.14 -29.11
CA GLY A 411 -19.07 21.43 -27.84
C GLY A 411 -19.71 22.13 -26.66
N LEU A 412 -19.69 23.48 -26.64
CA LEU A 412 -20.33 24.22 -25.55
C LEU A 412 -21.84 24.15 -25.70
N TRP A 413 -22.34 24.34 -26.93
CA TRP A 413 -23.77 24.21 -27.19
C TRP A 413 -24.24 22.78 -26.96
N LYS A 414 -23.37 21.78 -27.21
CA LYS A 414 -23.66 20.37 -26.96
C LYS A 414 -23.86 20.12 -25.45
N SER A 415 -23.03 20.75 -24.60
CA SER A 415 -23.13 20.65 -23.14
C SER A 415 -24.44 21.28 -22.64
N PHE A 416 -24.80 22.45 -23.19
CA PHE A 416 -26.02 23.17 -22.81
C PHE A 416 -27.30 22.47 -23.25
N VAL A 417 -27.34 22.01 -24.50
CA VAL A 417 -28.50 21.34 -25.08
C VAL A 417 -28.74 19.96 -24.47
N SER A 418 -27.67 19.27 -24.07
CA SER A 418 -27.78 17.94 -23.50
C SER A 418 -28.24 17.92 -22.04
N LEU A 419 -27.87 18.94 -21.25
CA LEU A 419 -28.15 18.91 -19.82
C LEU A 419 -29.10 19.95 -19.28
N SER A 420 -29.53 20.93 -20.08
CA SER A 420 -30.45 21.96 -19.58
C SER A 420 -31.89 21.61 -19.85
N ASP A 421 -32.74 21.75 -18.84
CA ASP A 421 -34.18 21.61 -19.03
C ASP A 421 -34.74 22.94 -19.59
N PHE A 422 -34.11 24.08 -19.25
CA PHE A 422 -34.50 25.40 -19.72
C PHE A 422 -33.23 26.15 -20.11
N ILE A 423 -33.20 26.77 -21.28
CA ILE A 423 -32.05 27.55 -21.72
C ILE A 423 -32.49 28.99 -21.87
N VAL A 424 -31.92 29.89 -21.08
CA VAL A 424 -32.26 31.30 -21.14
C VAL A 424 -31.07 32.10 -21.60
N LEU A 425 -31.27 32.93 -22.62
CA LEU A 425 -30.20 33.76 -23.14
C LEU A 425 -30.56 35.22 -22.95
N ASP A 426 -29.59 36.03 -22.55
CA ASP A 426 -29.73 37.48 -22.49
C ASP A 426 -28.37 37.89 -23.00
N CYS A 427 -28.19 37.75 -24.32
CA CYS A 427 -26.90 37.90 -24.95
C CYS A 427 -26.75 39.05 -25.93
N PRO A 428 -25.59 39.74 -25.88
CA PRO A 428 -25.29 40.72 -26.94
C PRO A 428 -25.04 39.97 -28.26
N ILE A 429 -25.33 40.61 -29.39
CA ILE A 429 -25.09 39.99 -30.69
C ILE A 429 -23.99 40.75 -31.40
N ILE A 430 -22.93 40.05 -31.84
CA ILE A 430 -21.81 40.66 -32.56
C ILE A 430 -22.31 41.41 -33.81
N GLY A 431 -22.11 42.71 -33.84
CA GLY A 431 -22.58 43.55 -34.94
C GLY A 431 -23.90 44.26 -34.68
N GLU A 432 -24.53 44.02 -33.53
CA GLU A 432 -25.79 44.64 -33.16
C GLU A 432 -25.66 45.46 -31.87
N SER A 433 -26.55 46.44 -31.68
CA SER A 433 -26.47 47.34 -30.53
C SER A 433 -27.01 46.80 -29.22
N TYR A 434 -28.07 45.99 -29.24
CA TYR A 434 -28.69 45.51 -28.01
C TYR A 434 -28.84 43.98 -27.94
N ASN A 435 -29.11 43.48 -26.72
CA ASN A 435 -29.23 42.05 -26.44
C ASN A 435 -30.46 41.37 -27.00
N GLU A 436 -30.38 40.04 -27.12
CA GLU A 436 -31.46 39.18 -27.55
C GLU A 436 -31.86 38.35 -26.35
N PHE A 437 -33.16 38.26 -26.06
CA PHE A 437 -33.64 37.41 -24.99
C PHE A 437 -34.35 36.19 -25.58
N ARG A 438 -33.97 35.00 -25.11
CA ARG A 438 -34.59 33.76 -25.56
C ARG A 438 -34.88 32.86 -24.36
N LEU A 439 -36.01 32.17 -24.38
CA LEU A 439 -36.35 31.19 -23.36
C LEU A 439 -36.69 29.91 -24.10
N ILE A 440 -35.84 28.91 -23.97
CA ILE A 440 -36.02 27.64 -24.65
C ILE A 440 -36.44 26.55 -23.69
N ILE A 441 -37.63 25.98 -23.88
CA ILE A 441 -38.09 24.87 -23.05
C ILE A 441 -37.49 23.60 -23.66
N ASN A 442 -36.35 23.20 -23.14
CA ASN A 442 -35.55 22.10 -23.65
C ASN A 442 -35.79 20.75 -22.94
N LYS A 443 -36.80 20.67 -22.06
CA LYS A 443 -37.12 19.45 -21.29
C LYS A 443 -37.19 18.15 -22.11
N ASN A 444 -38.04 18.09 -23.16
CA ASN A 444 -38.16 16.87 -23.96
C ASN A 444 -36.91 16.58 -24.77
N ASN A 445 -36.20 17.62 -25.21
CA ASN A 445 -34.98 17.46 -25.98
C ASN A 445 -33.88 16.85 -25.11
N LYS A 446 -33.75 17.32 -23.87
CA LYS A 446 -32.77 16.83 -22.92
C LYS A 446 -33.03 15.34 -22.64
N GLU A 447 -34.30 14.97 -22.42
CA GLU A 447 -34.67 13.59 -22.15
C GLU A 447 -34.23 12.65 -23.28
N SER A 448 -34.45 13.08 -24.53
CA SER A 448 -34.07 12.30 -25.70
C SER A 448 -32.56 12.15 -25.80
N ILE A 449 -31.82 13.21 -25.51
CA ILE A 449 -30.36 13.17 -25.59
C ILE A 449 -29.77 12.23 -24.54
N LEU A 450 -30.34 12.20 -23.34
CA LEU A 450 -29.85 11.31 -22.28
C LEU A 450 -30.04 9.82 -22.59
N ARG A 451 -30.88 9.48 -23.57
CA ARG A 451 -31.09 8.09 -23.95
C ARG A 451 -30.48 7.77 -25.34
N LYS A 452 -29.57 8.61 -25.84
CA LYS A 452 -28.98 8.42 -27.15
C LYS A 452 -27.70 7.61 -27.10
N THR A 453 -27.61 6.55 -27.94
CA THR A 453 -26.42 5.70 -28.09
C THR A 453 -26.18 5.44 -29.57
N SER A 454 -24.91 5.48 -30.01
CA SER A 454 -24.60 5.23 -31.42
C SER A 454 -24.73 3.72 -31.75
N LYS A 455 -24.80 3.38 -33.06
CA LYS A 455 -24.94 2.00 -33.56
C LYS A 455 -24.00 1.00 -32.87
N GLN A 456 -24.55 -0.11 -32.36
CA GLN A 456 -23.74 -1.14 -31.69
C GLN A 456 -22.94 -1.93 -32.72
N GLN A 457 -21.61 -1.89 -32.64
CA GLN A 457 -20.73 -2.61 -33.55
C GLN A 457 -19.34 -2.77 -32.97
N ASN A 458 -18.70 -3.89 -33.29
CA ASN A 458 -17.35 -4.16 -32.81
C ASN A 458 -16.34 -3.27 -33.51
N ILE A 459 -15.27 -2.91 -32.81
CA ILE A 459 -14.22 -2.07 -33.37
C ILE A 459 -12.85 -2.70 -33.18
N LEU A 460 -12.04 -2.67 -34.22
CA LEU A 460 -10.67 -3.15 -34.19
C LEU A 460 -9.92 -2.16 -35.07
N VAL A 461 -9.19 -1.24 -34.44
CA VAL A 461 -8.48 -0.21 -35.18
C VAL A 461 -7.31 -0.75 -35.99
N ASP A 462 -7.31 -0.52 -37.31
CA ASP A 462 -6.22 -0.95 -38.18
C ASP A 462 -4.97 -0.15 -37.82
N PRO A 463 -3.84 -0.82 -37.59
CA PRO A 463 -2.63 -0.10 -37.17
C PRO A 463 -2.01 0.85 -38.20
N THR A 464 -2.55 0.91 -39.42
CA THR A 464 -2.02 1.81 -40.44
C THR A 464 -3.00 2.96 -40.67
N PRO A 465 -2.54 4.19 -40.42
CA PRO A 465 -3.42 5.34 -40.60
C PRO A 465 -3.60 5.78 -42.05
N ASN A 466 -4.49 6.77 -42.29
CA ASN A 466 -4.81 7.37 -43.57
C ASN A 466 -3.53 7.97 -44.15
N HIS A 467 -2.79 8.72 -43.32
CA HIS A 467 -1.52 9.33 -43.69
C HIS A 467 -0.68 9.64 -42.44
N TYR A 468 0.64 9.81 -42.63
CA TYR A 468 1.55 10.06 -41.53
C TYR A 468 1.75 11.56 -41.36
N GLN A 469 1.48 12.07 -40.14
CA GLN A 469 1.57 13.51 -39.85
C GLN A 469 2.65 13.85 -38.79
N GLU A 470 2.59 15.07 -38.20
CA GLU A 470 3.47 15.57 -37.14
C GLU A 470 3.51 14.65 -35.93
N ASN A 471 2.38 13.99 -35.60
CA ASN A 471 2.36 13.05 -34.47
C ASN A 471 3.27 11.85 -34.75
N ASP A 472 3.32 11.38 -36.01
CA ASP A 472 4.17 10.27 -36.38
C ASP A 472 5.64 10.68 -36.40
N VAL A 473 5.94 11.93 -36.78
CA VAL A 473 7.31 12.47 -36.74
C VAL A 473 7.79 12.45 -35.28
N ASP A 474 6.92 12.90 -34.35
CA ASP A 474 7.18 12.93 -32.92
C ASP A 474 7.38 11.54 -32.34
N THR A 475 6.59 10.54 -32.76
CA THR A 475 6.70 9.15 -32.29
C THR A 475 8.07 8.58 -32.67
N VAL A 476 8.49 8.82 -33.92
CA VAL A 476 9.78 8.36 -34.43
C VAL A 476 10.94 9.06 -33.70
N ILE A 477 10.86 10.38 -33.55
CA ILE A 477 11.90 11.14 -32.85
C ILE A 477 12.02 10.69 -31.39
N TYR A 478 10.90 10.49 -30.72
CA TYR A 478 10.87 10.04 -29.33
C TYR A 478 11.49 8.65 -29.20
N SER A 479 11.13 7.73 -30.09
CA SER A 479 11.66 6.37 -30.03
C SER A 479 13.16 6.33 -30.23
N ILE A 480 13.67 7.08 -31.22
CA ILE A 480 15.09 7.12 -31.53
C ILE A 480 15.92 7.70 -30.39
N PHE A 481 15.55 8.87 -29.89
CA PHE A 481 16.32 9.55 -28.87
C PHE A 481 16.05 9.10 -27.45
N LYS A 482 14.97 8.35 -27.20
CA LYS A 482 14.67 7.89 -25.83
C LYS A 482 14.99 6.41 -25.63
N TYR A 483 14.91 5.58 -26.69
CA TYR A 483 15.14 4.16 -26.54
C TYR A 483 16.32 3.60 -27.33
N ILE A 484 16.61 4.14 -28.52
CA ILE A 484 17.70 3.61 -29.34
C ILE A 484 19.08 4.24 -29.01
N VAL A 485 19.22 5.56 -29.17
CA VAL A 485 20.48 6.26 -28.93
C VAL A 485 20.87 6.30 -27.44
N PRO A 486 22.04 5.75 -27.10
CA PRO A 486 22.45 5.70 -25.68
C PRO A 486 22.84 7.03 -25.04
N ASN A 487 22.81 7.05 -23.69
CA ASN A 487 23.12 8.19 -22.84
C ASN A 487 22.37 9.43 -23.26
N CYS A 488 21.06 9.28 -23.45
CA CYS A 488 20.15 10.32 -23.86
C CYS A 488 19.12 10.63 -22.78
N PHE A 489 18.54 11.84 -22.82
CA PHE A 489 17.55 12.24 -21.83
C PHE A 489 16.46 13.12 -22.43
N SER A 490 15.19 12.79 -22.17
CA SER A 490 14.06 13.56 -22.68
C SER A 490 13.55 14.57 -21.67
N GLY A 491 14.21 15.72 -21.62
CA GLY A 491 13.80 16.78 -20.71
C GLY A 491 12.49 17.40 -21.14
N MET A 492 12.30 17.60 -22.45
CA MET A 492 11.08 18.19 -22.98
C MET A 492 10.47 17.37 -24.10
N CYS A 493 9.13 17.30 -24.14
CA CYS A 493 8.40 16.62 -25.18
C CYS A 493 6.97 17.13 -25.27
N ASN A 494 6.72 17.98 -26.28
CA ASN A 494 5.41 18.60 -26.53
C ASN A 494 4.87 18.29 -27.93
N PRO A 495 4.35 17.07 -28.15
CA PRO A 495 3.76 16.74 -29.46
C PRO A 495 2.39 17.41 -29.70
N PRO A 496 1.75 17.28 -30.90
CA PRO A 496 0.44 17.92 -31.09
C PRO A 496 -0.64 17.43 -30.11
N GLY A 497 -1.24 18.36 -29.38
CA GLY A 497 -2.27 18.07 -28.41
C GLY A 497 -1.73 17.55 -27.09
N GLY A 498 -0.54 18.02 -26.72
CA GLY A 498 0.13 17.59 -25.51
C GLY A 498 0.08 18.55 -24.34
N ASP A 499 0.32 18.01 -23.14
CA ASP A 499 0.33 18.74 -21.87
C ASP A 499 1.54 19.70 -21.75
N TRP A 500 1.52 20.57 -20.74
CA TRP A 500 2.61 21.48 -20.46
C TRP A 500 3.54 20.68 -19.57
N SER A 501 4.48 19.94 -20.17
CA SER A 501 5.38 19.04 -19.46
C SER A 501 6.42 19.75 -18.57
N GLY A 502 7.24 20.61 -19.14
CA GLY A 502 8.33 21.26 -18.43
C GLY A 502 9.68 20.81 -18.95
N LEU A 503 10.77 21.51 -18.58
CA LEU A 503 12.10 21.17 -19.06
C LEU A 503 13.02 20.65 -17.96
N SER A 504 13.64 19.50 -18.18
CA SER A 504 14.60 18.94 -17.24
C SER A 504 16.00 18.93 -17.85
N ILE A 505 17.01 19.35 -17.05
CA ILE A 505 18.40 19.38 -17.45
C ILE A 505 19.19 18.64 -16.38
N ILE A 506 20.03 17.68 -16.76
CA ILE A 506 20.84 16.95 -15.79
C ILE A 506 22.28 17.48 -15.82
N ARG A 507 22.78 17.94 -14.67
CA ARG A 507 24.13 18.51 -14.58
C ARG A 507 24.75 18.23 -13.21
N ASN A 508 25.95 17.63 -13.20
CA ASN A 508 26.74 17.29 -12.00
C ASN A 508 26.04 16.33 -11.03
N GLY A 509 25.30 15.38 -11.57
CA GLY A 509 24.57 14.41 -10.75
C GLY A 509 23.24 14.89 -10.21
N HIS A 510 22.79 16.08 -10.64
CA HIS A 510 21.51 16.65 -10.22
C HIS A 510 20.58 16.86 -11.41
N GLU A 511 19.27 16.83 -11.17
CA GLU A 511 18.30 17.09 -12.22
C GLU A 511 17.58 18.38 -11.87
N PHE A 512 17.67 19.37 -12.74
CA PHE A 512 17.05 20.68 -12.55
C PHE A 512 15.81 20.72 -13.44
N ARG A 513 14.69 21.27 -12.93
CA ARG A 513 13.46 21.29 -13.71
C ARG A 513 12.70 22.61 -13.64
N TRP A 514 12.29 23.11 -14.82
CA TRP A 514 11.51 24.34 -14.95
C TRP A 514 10.07 23.92 -15.21
N LEU A 515 9.14 24.35 -14.35
CA LEU A 515 7.73 24.03 -14.51
C LEU A 515 6.96 25.29 -14.96
N SER A 516 5.68 25.13 -15.36
CA SER A 516 4.82 26.23 -15.81
C SER A 516 5.50 27.06 -16.91
N LEU A 517 5.93 26.40 -18.01
CA LEU A 517 6.61 27.07 -19.11
C LEU A 517 5.65 27.93 -19.91
N PRO A 518 5.84 29.27 -19.95
CA PRO A 518 4.93 30.10 -20.75
C PRO A 518 5.21 29.94 -22.24
N ARG A 519 4.16 29.96 -23.07
CA ARG A 519 4.33 29.86 -24.51
C ARG A 519 4.98 31.14 -25.05
N VAL A 520 4.56 32.30 -24.50
CA VAL A 520 5.06 33.59 -24.94
C VAL A 520 6.50 33.88 -24.44
N SER A 521 7.43 33.93 -25.41
CA SER A 521 8.84 34.27 -25.19
C SER A 521 9.18 35.36 -26.21
N GLU A 522 9.81 36.45 -25.74
CA GLU A 522 10.16 37.60 -26.57
C GLU A 522 10.96 37.23 -27.81
N ASN A 523 11.98 36.38 -27.66
CA ASN A 523 12.81 35.97 -28.80
C ASN A 523 12.76 34.46 -29.12
N GLY A 524 12.12 33.66 -28.27
CA GLY A 524 12.08 32.22 -28.47
C GLY A 524 10.74 31.55 -28.68
N LYS A 525 10.78 30.27 -29.07
CA LYS A 525 9.62 29.41 -29.27
C LYS A 525 9.90 28.07 -28.58
N ARG A 526 8.91 27.54 -27.84
CA ARG A 526 9.07 26.30 -27.10
C ARG A 526 9.32 25.10 -28.01
N PRO A 527 10.43 24.39 -27.80
CA PRO A 527 10.73 23.24 -28.66
C PRO A 527 9.80 22.06 -28.42
N ASP A 528 9.60 21.25 -29.45
CA ASP A 528 8.77 20.05 -29.36
C ASP A 528 9.51 18.91 -28.65
N HIS A 529 10.85 18.92 -28.64
CA HIS A 529 11.67 17.92 -27.97
C HIS A 529 12.98 18.57 -27.55
N VAL A 530 13.48 18.26 -26.36
CA VAL A 530 14.82 18.73 -25.95
C VAL A 530 15.57 17.47 -25.50
N ILE A 531 16.58 17.06 -26.25
CA ILE A 531 17.32 15.84 -25.95
C ILE A 531 18.67 16.18 -25.35
N GLN A 532 19.04 15.51 -24.25
CA GLN A 532 20.33 15.77 -23.65
C GLN A 532 21.28 14.61 -23.85
N ILE A 533 22.47 14.89 -24.40
CA ILE A 533 23.49 13.85 -24.62
C ILE A 533 24.73 14.25 -23.85
N LEU A 534 25.16 13.41 -22.90
CA LEU A 534 26.28 13.75 -22.03
C LEU A 534 27.60 13.05 -22.31
N ASP A 535 27.61 12.01 -23.16
CA ASP A 535 28.86 11.29 -23.43
C ASP A 535 29.44 11.54 -24.83
N LEU A 536 29.15 12.71 -25.41
CA LEU A 536 29.65 13.03 -26.75
C LEU A 536 30.72 14.13 -26.67
N PHE A 537 30.39 15.27 -26.06
CA PHE A 537 31.35 16.37 -25.89
C PHE A 537 31.66 16.57 -24.40
N GLU A 538 32.68 17.38 -24.07
CA GLU A 538 33.01 17.68 -22.67
C GLU A 538 31.82 18.38 -21.99
N LYS A 539 31.16 19.29 -22.71
CA LYS A 539 29.97 19.98 -22.23
C LYS A 539 28.78 19.14 -22.68
N PRO A 540 27.71 19.06 -21.86
CA PRO A 540 26.53 18.30 -22.29
C PRO A 540 25.85 18.97 -23.49
N LEU A 541 25.28 18.16 -24.38
CA LEU A 541 24.59 18.69 -25.56
C LEU A 541 23.10 18.78 -25.29
N LEU A 542 22.48 19.91 -25.64
CA LEU A 542 21.04 20.07 -25.56
C LEU A 542 20.56 20.27 -26.99
N LEU A 543 19.86 19.29 -27.53
CA LEU A 543 19.38 19.34 -28.89
C LEU A 543 17.89 19.69 -28.87
N SER A 544 17.53 20.89 -29.34
CA SER A 544 16.13 21.32 -29.37
C SER A 544 15.55 21.01 -30.73
N ILE A 545 14.48 20.23 -30.78
CA ILE A 545 13.87 19.79 -32.02
C ILE A 545 12.45 20.33 -32.21
N GLU A 546 12.16 20.81 -33.43
CA GLU A 546 10.82 21.25 -33.80
C GLU A 546 10.38 20.31 -34.90
N SER A 547 9.23 19.66 -34.71
CA SER A 547 8.74 18.68 -35.67
C SER A 547 7.56 19.22 -36.46
N LYS A 548 7.55 18.96 -37.76
CA LYS A 548 6.49 19.39 -38.68
C LYS A 548 6.15 18.25 -39.65
N GLU A 549 5.02 18.34 -40.36
CA GLU A 549 4.65 17.31 -41.34
C GLU A 549 5.53 17.47 -42.57
N LYS A 550 5.73 18.71 -43.04
CA LYS A 550 6.52 18.99 -44.23
C LYS A 550 7.68 19.95 -43.96
N PRO A 551 8.77 19.89 -44.76
CA PRO A 551 9.90 20.81 -44.53
C PRO A 551 9.54 22.28 -44.72
N ASN A 552 8.58 22.58 -45.60
CA ASN A 552 8.11 23.96 -45.83
C ASN A 552 7.34 24.54 -44.62
N ASP A 553 6.87 23.68 -43.70
CA ASP A 553 6.17 24.10 -42.49
C ASP A 553 7.13 24.68 -41.44
N LEU A 554 8.44 24.45 -41.56
CA LEU A 554 9.44 24.99 -40.63
C LEU A 554 9.48 26.50 -40.84
N GLU A 555 9.05 27.25 -39.82
CA GLU A 555 8.98 28.71 -39.86
C GLU A 555 10.33 29.39 -39.99
N PRO A 556 10.37 30.59 -40.60
CA PRO A 556 11.66 31.30 -40.70
C PRO A 556 12.24 31.61 -39.32
N LYS A 557 13.55 31.32 -39.16
CA LYS A 557 14.31 31.50 -37.93
C LYS A 557 13.88 30.58 -36.78
N ILE A 558 13.18 29.46 -37.10
CA ILE A 558 12.75 28.53 -36.06
C ILE A 558 13.93 27.95 -35.30
N GLY A 559 15.02 27.65 -35.99
CA GLY A 559 16.24 27.12 -35.39
C GLY A 559 16.81 28.05 -34.35
N VAL A 560 16.93 29.34 -34.69
CA VAL A 560 17.43 30.35 -33.77
C VAL A 560 16.47 30.56 -32.59
N GLN A 561 15.16 30.58 -32.86
CA GLN A 561 14.14 30.75 -31.83
C GLN A 561 14.13 29.62 -30.80
N LEU A 562 14.45 28.39 -31.23
CA LEU A 562 14.50 27.26 -30.30
C LEU A 562 15.63 27.46 -29.29
N ILE A 563 16.80 27.92 -29.76
CA ILE A 563 17.96 28.18 -28.91
C ILE A 563 17.65 29.31 -27.94
N LYS A 564 17.02 30.38 -28.45
CA LYS A 564 16.65 31.53 -27.63
C LYS A 564 15.65 31.18 -26.55
N TYR A 565 14.79 30.16 -26.76
CA TYR A 565 13.83 29.75 -25.75
C TYR A 565 14.56 29.09 -24.58
N ILE A 566 15.56 28.25 -24.88
CA ILE A 566 16.36 27.60 -23.85
C ILE A 566 17.14 28.65 -23.06
N GLU A 567 17.70 29.65 -23.78
CA GLU A 567 18.43 30.76 -23.17
C GLU A 567 17.52 31.58 -22.24
N TYR A 568 16.23 31.72 -22.60
CA TYR A 568 15.21 32.42 -21.82
C TYR A 568 14.99 31.73 -20.48
N LEU A 569 14.85 30.40 -20.49
CA LEU A 569 14.65 29.66 -19.24
C LEU A 569 15.90 29.71 -18.36
N PHE A 570 17.07 29.64 -18.98
CA PHE A 570 18.33 29.73 -18.25
C PHE A 570 18.51 31.07 -17.52
N ASP A 571 17.79 32.13 -17.96
CA ASP A 571 17.80 33.43 -17.29
C ASP A 571 17.08 33.42 -15.92
N PHE A 572 16.38 32.32 -15.58
CA PHE A 572 15.68 32.19 -14.33
C PHE A 572 16.13 30.95 -13.58
N THR A 573 16.03 30.98 -12.26
CA THR A 573 16.37 29.85 -11.41
C THR A 573 15.40 28.71 -11.70
N PRO A 574 15.88 27.46 -11.88
CA PRO A 574 14.94 26.35 -12.14
C PRO A 574 13.89 26.23 -11.04
N SER A 575 12.66 25.82 -11.39
CA SER A 575 11.59 25.69 -10.39
C SER A 575 11.96 24.71 -9.28
N VAL A 576 12.50 23.55 -9.64
CA VAL A 576 12.88 22.52 -8.69
C VAL A 576 14.22 21.85 -9.05
N GLN A 577 14.80 21.09 -8.11
CA GLN A 577 16.03 20.34 -8.29
C GLN A 577 16.09 19.13 -7.34
N ARG A 578 16.85 18.09 -7.71
CA ARG A 578 17.00 16.91 -6.86
C ARG A 578 18.27 16.13 -7.19
N LYS A 579 18.77 15.36 -6.22
CA LYS A 579 19.96 14.53 -6.45
C LYS A 579 19.50 13.22 -7.10
N ILE A 580 20.29 12.67 -8.03
CA ILE A 580 19.95 11.43 -8.72
C ILE A 580 19.91 10.21 -7.78
N ALA A 581 20.60 10.28 -6.62
CA ALA A 581 20.60 9.20 -5.65
C ALA A 581 19.49 9.37 -4.62
N GLY A 582 19.30 10.60 -4.14
CA GLY A 582 18.28 10.92 -3.15
C GLY A 582 16.88 10.81 -3.71
N GLY A 583 16.61 11.57 -4.77
CA GLY A 583 15.32 11.55 -5.45
C GLY A 583 14.27 12.49 -4.89
N ASN A 584 14.55 13.13 -3.74
CA ASN A 584 13.60 14.04 -3.13
C ASN A 584 13.70 15.43 -3.75
N TRP A 585 12.61 15.92 -4.37
CA TRP A 585 12.60 17.23 -5.00
C TRP A 585 12.63 18.37 -3.99
N GLU A 586 13.42 19.39 -4.27
CA GLU A 586 13.54 20.61 -3.48
C GLU A 586 13.36 21.83 -4.40
N PHE A 587 13.14 23.03 -3.83
CA PHE A 587 13.04 24.24 -4.64
C PHE A 587 14.41 24.56 -5.25
N GLY A 588 14.41 25.15 -6.44
CA GLY A 588 15.65 25.50 -7.12
C GLY A 588 16.44 26.55 -6.38
N ASN A 589 17.75 26.33 -6.22
CA ASN A 589 18.61 27.25 -5.48
C ASN A 589 19.64 27.93 -6.39
N LYS A 590 20.28 27.15 -7.27
CA LYS A 590 21.31 27.68 -8.14
C LYS A 590 20.82 27.88 -9.57
N SER A 591 21.32 28.92 -10.24
CA SER A 591 20.95 29.21 -11.63
C SER A 591 21.81 28.44 -12.62
N LEU A 592 21.28 28.19 -13.81
CA LEU A 592 22.02 27.49 -14.85
C LEU A 592 22.38 28.47 -15.97
N VAL A 593 23.57 28.31 -16.56
CA VAL A 593 24.05 29.21 -17.61
C VAL A 593 24.18 28.49 -18.97
N PRO A 594 23.68 29.12 -20.07
CA PRO A 594 23.73 28.46 -21.38
C PRO A 594 25.12 28.05 -21.88
N ASN A 595 26.17 28.81 -21.53
CA ASN A 595 27.52 28.48 -21.98
C ASN A 595 28.10 27.20 -21.34
N ASP A 596 27.42 26.64 -20.33
CA ASP A 596 27.85 25.36 -19.74
C ASP A 596 27.40 24.16 -20.61
N PHE A 597 26.65 24.40 -21.69
CA PHE A 597 26.11 23.39 -22.59
C PHE A 597 26.34 23.74 -24.06
N ILE A 598 26.30 22.73 -24.92
CA ILE A 598 26.39 22.94 -26.36
C ILE A 598 24.94 22.96 -26.82
N LEU A 599 24.47 24.08 -27.38
CA LEU A 599 23.07 24.17 -27.81
C LEU A 599 22.95 24.01 -29.32
N LEU A 600 22.18 23.02 -29.76
CA LEU A 600 21.95 22.78 -31.18
C LEU A 600 20.45 22.74 -31.45
N SER A 601 20.04 23.15 -32.65
CA SER A 601 18.64 23.09 -33.04
C SER A 601 18.45 22.15 -34.23
N ALA A 602 17.30 21.49 -34.31
CA ALA A 602 17.01 20.54 -35.37
C ALA A 602 15.57 20.63 -35.82
N GLY A 603 15.36 20.40 -37.10
CA GLY A 603 14.02 20.39 -37.67
C GLY A 603 13.72 19.01 -38.20
N ALA A 604 12.64 18.38 -37.74
CA ALA A 604 12.29 17.03 -38.20
C ALA A 604 11.00 17.08 -39.01
N PHE A 605 10.94 16.34 -40.10
CA PHE A 605 9.77 16.37 -40.98
C PHE A 605 9.69 15.13 -41.87
N ILE A 606 8.56 14.94 -42.57
CA ILE A 606 8.42 13.83 -43.50
C ILE A 606 8.72 14.30 -44.91
N ASP A 607 9.64 13.63 -45.61
CA ASP A 607 9.98 13.97 -46.99
C ASP A 607 10.18 12.70 -47.80
N TYR A 608 9.48 12.55 -48.91
CA TYR A 608 9.60 11.36 -49.76
C TYR A 608 10.64 11.56 -50.86
N ASP A 609 11.89 11.81 -50.45
CA ASP A 609 13.08 12.05 -51.28
C ASP A 609 12.88 13.14 -52.34
N ASN A 610 12.18 14.22 -51.98
CA ASN A 610 11.99 15.35 -52.90
C ASN A 610 12.98 16.49 -52.64
N LEU A 611 13.87 16.38 -51.64
CA LEU A 611 14.82 17.44 -51.35
C LEU A 611 16.20 17.18 -51.91
N THR A 612 16.70 18.12 -52.71
CA THR A 612 18.04 18.07 -53.29
C THR A 612 19.04 18.73 -52.31
N GLU A 613 20.35 18.68 -52.59
CA GLU A 613 21.37 19.31 -51.76
C GLU A 613 21.09 20.82 -51.61
N ASN A 614 20.67 21.47 -52.71
CA ASN A 614 20.36 22.90 -52.74
C ASN A 614 19.10 23.23 -51.93
N ASP A 615 18.12 22.32 -51.93
CA ASP A 615 16.89 22.50 -51.15
C ASP A 615 17.22 22.49 -49.68
N TYR A 616 18.11 21.58 -49.23
CA TYR A 616 18.54 21.52 -47.84
C TYR A 616 19.27 22.80 -47.47
N GLU A 617 20.12 23.32 -48.36
CA GLU A 617 20.84 24.57 -48.17
C GLU A 617 19.85 25.73 -47.96
N LYS A 618 18.73 25.75 -48.71
CA LYS A 618 17.71 26.79 -48.59
C LYS A 618 16.97 26.67 -47.25
N ILE A 619 16.69 25.44 -46.80
CA ILE A 619 16.01 25.23 -45.52
C ILE A 619 16.91 25.72 -44.37
N PHE A 620 18.21 25.43 -44.44
CA PHE A 620 19.18 25.89 -43.43
C PHE A 620 19.23 27.41 -43.39
N GLU A 621 19.13 28.07 -44.55
CA GLU A 621 19.17 29.52 -44.64
C GLU A 621 17.90 30.13 -44.04
N VAL A 622 16.74 29.53 -44.34
CA VAL A 622 15.47 30.01 -43.82
C VAL A 622 15.34 29.82 -42.29
N THR A 623 15.58 28.60 -41.80
CA THR A 623 15.40 28.24 -40.40
C THR A 623 16.56 28.56 -39.46
N GLY A 624 17.78 28.36 -39.91
CA GLY A 624 18.95 28.52 -39.06
C GLY A 624 19.23 27.29 -38.21
N CYS A 625 18.59 26.14 -38.56
CA CYS A 625 18.75 24.88 -37.85
C CYS A 625 20.14 24.33 -38.01
N ASP A 626 20.67 23.67 -36.99
CA ASP A 626 21.98 23.02 -37.07
C ASP A 626 21.86 21.61 -37.70
N LEU A 627 20.68 20.99 -37.65
CA LEU A 627 20.46 19.66 -38.18
C LEU A 627 19.07 19.53 -38.79
N LEU A 628 18.93 18.78 -39.88
CA LEU A 628 17.63 18.51 -40.46
C LEU A 628 17.43 17.00 -40.49
N ILE A 629 16.30 16.53 -39.96
CA ILE A 629 16.02 15.11 -39.91
C ILE A 629 14.84 14.80 -40.83
N ALA A 630 15.14 14.26 -42.02
CA ALA A 630 14.11 13.93 -42.99
C ALA A 630 13.74 12.47 -42.84
N ILE A 631 12.48 12.23 -42.51
CA ILE A 631 11.93 10.91 -42.25
C ILE A 631 10.98 10.49 -43.37
N LYS A 632 11.01 9.21 -43.77
CA LYS A 632 10.11 8.72 -44.81
C LYS A 632 9.74 7.29 -44.54
N ASN A 633 8.45 6.96 -44.73
CA ASN A 633 8.01 5.60 -44.50
C ASN A 633 8.13 4.79 -45.75
N GLN A 634 8.55 3.54 -45.59
CA GLN A 634 8.65 2.52 -46.62
C GLN A 634 7.55 1.54 -46.25
N ASN A 635 6.61 1.28 -47.16
CA ASN A 635 5.49 0.40 -46.87
C ASN A 635 5.79 -1.08 -47.08
N ASN A 636 6.69 -1.42 -48.02
CA ASN A 636 6.97 -2.82 -48.33
C ASN A 636 8.47 -3.16 -48.34
N PRO A 637 9.03 -3.77 -47.28
CA PRO A 637 8.43 -4.05 -45.97
C PRO A 637 8.43 -2.81 -45.06
N GLN A 638 7.52 -2.75 -44.08
CA GLN A 638 7.41 -1.57 -43.22
C GLN A 638 8.73 -1.20 -42.52
N LYS A 639 9.22 0.03 -42.80
CA LYS A 639 10.46 0.58 -42.25
C LYS A 639 10.43 2.11 -42.26
N TRP A 640 11.08 2.73 -41.28
CA TRP A 640 11.22 4.19 -41.26
C TRP A 640 12.62 4.50 -41.74
N VAL A 641 12.73 5.19 -42.86
CA VAL A 641 14.02 5.57 -43.42
C VAL A 641 14.37 6.97 -42.92
N ILE A 642 15.50 7.09 -42.21
CA ILE A 642 15.91 8.36 -41.63
C ILE A 642 17.13 8.94 -42.34
N LYS A 643 17.06 10.22 -42.73
CA LYS A 643 18.18 10.88 -43.37
C LYS A 643 18.58 12.09 -42.52
N PHE A 644 19.80 12.08 -41.96
CA PHE A 644 20.28 13.17 -41.11
C PHE A 644 21.15 14.10 -41.92
N LYS A 645 20.79 15.38 -41.97
CA LYS A 645 21.56 16.37 -42.70
C LYS A 645 22.14 17.43 -41.76
N PRO A 646 23.44 17.35 -41.44
CA PRO A 646 24.03 18.35 -40.56
C PRO A 646 24.44 19.65 -41.27
N LYS A 647 24.33 20.80 -40.60
CA LYS A 647 24.72 22.08 -41.19
C LYS A 647 26.21 22.34 -40.94
N ASN A 648 26.70 21.97 -39.75
CA ASN A 648 28.07 22.23 -39.36
C ASN A 648 28.79 20.98 -38.80
N THR A 649 30.10 21.10 -38.50
CA THR A 649 30.94 20.02 -37.96
C THR A 649 30.50 19.51 -36.58
N ILE A 650 29.89 20.36 -35.74
CA ILE A 650 29.41 19.92 -34.43
C ILE A 650 28.23 18.97 -34.63
N ALA A 651 27.29 19.36 -35.50
CA ALA A 651 26.13 18.52 -35.81
C ALA A 651 26.57 17.23 -36.51
N GLU A 652 27.64 17.28 -37.31
CA GLU A 652 28.18 16.10 -37.99
C GLU A 652 28.70 15.09 -36.99
N LYS A 653 29.34 15.55 -35.88
CA LYS A 653 29.81 14.67 -34.83
C LYS A 653 28.63 13.96 -34.13
N LEU A 654 27.50 14.67 -33.98
CA LEU A 654 26.28 14.12 -33.41
C LEU A 654 25.73 13.05 -34.36
N VAL A 655 25.66 13.35 -35.67
CA VAL A 655 25.17 12.41 -36.66
C VAL A 655 25.99 11.12 -36.67
N ASN A 656 27.32 11.24 -36.64
CA ASN A 656 28.20 10.07 -36.62
C ASN A 656 28.01 9.23 -35.35
N TYR A 657 27.73 9.89 -34.22
CA TYR A 657 27.47 9.25 -32.93
C TYR A 657 26.17 8.45 -33.01
N ILE A 658 25.12 9.04 -33.62
CA ILE A 658 23.82 8.40 -33.79
C ILE A 658 23.96 7.17 -34.69
N LYS A 659 24.69 7.32 -35.81
CA LYS A 659 24.92 6.22 -36.75
C LYS A 659 25.64 5.04 -36.11
N LEU A 660 26.72 5.30 -35.38
CA LEU A 660 27.52 4.26 -34.74
C LEU A 660 26.77 3.59 -33.59
N ASN A 661 25.99 4.36 -32.83
CA ASN A 661 25.27 3.83 -31.69
C ASN A 661 23.81 3.51 -31.96
N PHE A 662 23.47 3.21 -33.23
CA PHE A 662 22.10 2.84 -33.57
C PHE A 662 21.96 1.34 -33.37
N LYS A 663 22.04 0.91 -32.12
CA LYS A 663 21.92 -0.48 -31.71
C LYS A 663 21.31 -0.52 -30.31
N SER A 664 20.43 -1.49 -30.06
CA SER A 664 19.78 -1.59 -28.76
C SER A 664 19.49 -3.03 -28.37
N ASN A 665 19.55 -3.30 -27.08
CA ASN A 665 19.19 -4.62 -26.55
C ASN A 665 17.68 -4.72 -26.24
N ILE A 666 16.97 -3.59 -26.20
CA ILE A 666 15.54 -3.55 -25.90
C ILE A 666 14.72 -3.22 -27.16
N PHE A 667 15.07 -2.13 -27.87
CA PHE A 667 14.34 -1.70 -29.05
C PHE A 667 14.77 -2.39 -30.33
N ASP A 668 13.79 -2.86 -31.11
CA ASP A 668 14.05 -3.53 -32.37
C ASP A 668 14.46 -2.49 -33.39
N THR A 669 15.78 -2.32 -33.58
CA THR A 669 16.31 -1.36 -34.54
C THR A 669 16.14 -1.78 -36.02
N GLY A 670 15.65 -3.00 -36.25
CA GLY A 670 15.39 -3.53 -37.59
C GLY A 670 14.28 -2.81 -38.34
N PHE A 671 13.43 -2.08 -37.61
CA PHE A 671 12.35 -1.28 -38.20
C PHE A 671 12.86 0.07 -38.78
N PHE A 672 14.15 0.38 -38.63
CA PHE A 672 14.71 1.63 -39.12
C PHE A 672 15.85 1.40 -40.09
N HIS A 673 16.03 2.33 -41.01
CA HIS A 673 17.13 2.30 -41.94
C HIS A 673 17.70 3.69 -41.96
N ILE A 674 18.90 3.89 -41.42
CA ILE A 674 19.51 5.21 -41.42
C ILE A 674 20.43 5.35 -42.62
N GLU A 675 19.95 6.12 -43.61
CA GLU A 675 20.63 6.38 -44.88
C GLU A 675 21.99 7.05 -44.67
N GLY A 676 22.05 7.94 -43.70
CA GLY A 676 23.28 8.65 -43.35
C GLY A 676 23.06 9.67 -42.25
N MET F 1 -8.82 12.48 24.42
CA MET F 1 -7.75 11.49 24.43
C MET F 1 -8.31 10.06 24.45
N ASN F 2 -7.61 9.14 23.81
CA ASN F 2 -7.98 7.73 23.83
C ASN F 2 -6.82 6.96 24.45
N VAL F 3 -7.12 6.04 25.38
CA VAL F 3 -6.09 5.27 26.05
C VAL F 3 -6.18 3.80 25.68
N PHE F 4 -5.06 3.22 25.30
CA PHE F 4 -4.96 1.82 24.95
C PHE F 4 -3.94 1.16 25.83
N ARG F 5 -4.09 -0.15 26.06
CA ARG F 5 -3.13 -0.88 26.86
C ARG F 5 -2.48 -1.97 26.05
N ILE F 6 -1.17 -2.10 26.17
CA ILE F 6 -0.44 -3.15 25.49
C ILE F 6 0.06 -4.11 26.54
N HIS F 7 -0.59 -5.25 26.65
CA HIS F 7 -0.18 -6.26 27.60
C HIS F 7 0.74 -7.21 26.85
N GLY F 8 1.98 -7.37 27.31
CA GLY F 8 2.94 -8.23 26.62
C GLY F 8 3.70 -9.17 27.54
N ASP F 9 4.51 -10.08 26.98
CA ASP F 9 5.32 -11.00 27.80
C ASP F 9 6.37 -10.20 28.57
N ASN F 10 6.98 -9.21 27.91
CA ASN F 10 8.01 -8.32 28.47
C ASN F 10 8.00 -6.95 27.76
N ILE F 11 8.87 -6.02 28.18
CA ILE F 11 8.91 -4.69 27.57
C ILE F 11 9.22 -4.73 26.06
N ILE F 12 10.07 -5.66 25.62
CA ILE F 12 10.45 -5.77 24.22
C ILE F 12 9.23 -6.09 23.36
N GLU F 13 8.37 -7.01 23.80
CA GLU F 13 7.19 -7.38 23.03
C GLU F 13 6.24 -6.20 22.91
N CYS F 14 6.04 -5.46 24.01
CA CYS F 14 5.17 -4.29 24.04
C CYS F 14 5.69 -3.22 23.06
N GLU F 15 7.00 -2.95 23.11
CA GLU F 15 7.62 -1.95 22.25
C GLU F 15 7.56 -2.30 20.78
N ARG F 16 7.52 -3.59 20.44
CA ARG F 16 7.43 -3.99 19.04
C ARG F 16 6.12 -3.51 18.41
N VAL F 17 5.03 -3.49 19.18
CA VAL F 17 3.75 -2.99 18.69
C VAL F 17 3.82 -1.48 18.46
N ILE F 18 4.48 -0.75 19.37
CA ILE F 18 4.67 0.69 19.24
C ILE F 18 5.48 1.01 18.00
N ASP F 19 6.54 0.23 17.72
CA ASP F 19 7.39 0.43 16.55
C ASP F 19 6.63 0.25 15.22
N LEU F 20 5.65 -0.67 15.19
CA LEU F 20 4.80 -0.88 14.03
C LEU F 20 3.94 0.37 13.80
N ILE F 21 3.30 0.88 14.88
CA ILE F 21 2.45 2.07 14.83
C ILE F 21 3.27 3.28 14.38
N LEU F 22 4.41 3.52 15.02
CA LEU F 22 5.32 4.62 14.74
C LEU F 22 5.90 4.59 13.33
N SER F 23 5.93 3.41 12.68
CA SER F 23 6.43 3.30 11.31
C SER F 23 5.49 3.96 10.30
N LYS F 24 4.19 4.06 10.61
CA LYS F 24 3.23 4.67 9.71
C LYS F 24 2.76 6.03 10.26
N ILE F 25 2.64 6.16 11.57
CA ILE F 25 2.24 7.41 12.20
C ILE F 25 3.49 8.27 12.33
N ASN F 26 3.41 9.52 11.88
CA ASN F 26 4.53 10.46 12.03
C ASN F 26 4.03 11.44 13.08
N PRO F 27 4.32 11.20 14.36
CA PRO F 27 3.76 12.07 15.40
C PRO F 27 4.39 13.44 15.53
N GLN F 28 3.55 14.42 15.88
CA GLN F 28 3.97 15.80 16.05
C GLN F 28 4.68 15.93 17.40
N LYS F 29 4.07 15.36 18.47
CA LYS F 29 4.62 15.41 19.82
C LYS F 29 4.63 14.03 20.44
N VAL F 30 5.77 13.61 21.01
CA VAL F 30 5.88 12.30 21.66
C VAL F 30 6.42 12.48 23.07
N LYS F 31 5.73 11.89 24.05
CA LYS F 31 6.16 11.93 25.43
C LYS F 31 6.21 10.50 25.93
N ARG F 32 7.24 10.16 26.69
CA ARG F 32 7.36 8.83 27.28
C ARG F 32 7.57 8.95 28.79
N GLY F 33 7.29 7.88 29.51
CA GLY F 33 7.46 7.87 30.96
C GLY F 33 6.85 6.63 31.57
N PHE F 34 6.37 6.75 32.82
CA PHE F 34 5.75 5.64 33.51
C PHE F 34 4.43 6.09 34.16
N ILE F 35 3.37 5.26 34.07
CA ILE F 35 2.11 5.55 34.78
C ILE F 35 2.13 4.94 36.21
N SER F 36 2.98 3.94 36.42
CA SER F 36 3.25 3.23 37.66
C SER F 36 4.69 2.69 37.55
N LEU F 37 5.23 2.15 38.63
CA LEU F 37 6.58 1.60 38.61
C LEU F 37 6.80 0.51 37.53
N SER F 38 5.78 -0.32 37.27
CA SER F 38 5.88 -1.40 36.29
C SER F 38 5.46 -1.04 34.90
N CYS F 39 4.62 -0.02 34.75
CA CYS F 39 4.02 0.29 33.47
C CYS F 39 4.54 1.52 32.78
N PRO F 40 5.37 1.33 31.73
CA PRO F 40 5.79 2.49 30.93
C PRO F 40 4.67 2.94 30.00
N PHE F 41 4.78 4.15 29.47
CA PHE F 41 3.80 4.67 28.54
C PHE F 41 4.44 5.44 27.40
N ILE F 42 3.71 5.53 26.30
CA ILE F 42 4.10 6.37 25.18
C ILE F 42 2.84 7.17 24.82
N GLU F 43 2.93 8.48 24.92
CA GLU F 43 1.84 9.38 24.63
C GLU F 43 2.18 10.08 23.34
N ILE F 44 1.31 9.96 22.34
CA ILE F 44 1.56 10.59 21.04
C ILE F 44 0.43 11.52 20.62
N ILE F 45 0.81 12.63 19.99
CA ILE F 45 -0.11 13.60 19.42
C ILE F 45 0.22 13.59 17.95
N PHE F 46 -0.72 13.15 17.11
CA PHE F 46 -0.48 13.09 15.67
C PHE F 46 -1.68 13.66 14.90
N LYS F 47 -1.54 13.79 13.57
CA LYS F 47 -2.64 14.31 12.77
C LYS F 47 -2.84 13.56 11.47
N GLU F 48 -4.06 13.61 10.96
CA GLU F 48 -4.44 13.05 9.69
C GLU F 48 -4.99 14.26 8.94
N GLY F 49 -4.08 15.07 8.42
CA GLY F 49 -4.45 16.30 7.76
C GLY F 49 -4.86 17.34 8.78
N HIS F 50 -6.14 17.72 8.80
CA HIS F 50 -6.65 18.69 9.76
C HIS F 50 -7.12 18.03 11.07
N ASP F 51 -7.23 16.68 11.11
CA ASP F 51 -7.72 15.96 12.29
C ASP F 51 -6.65 15.55 13.27
N TYR F 52 -6.63 16.14 14.47
CA TYR F 52 -5.65 15.77 15.50
C TYR F 52 -6.15 14.62 16.35
N PHE F 53 -5.23 13.79 16.83
CA PHE F 53 -5.54 12.65 17.68
C PHE F 53 -4.54 12.59 18.83
N HIS F 54 -5.02 12.24 20.01
CA HIS F 54 -4.19 12.18 21.19
C HIS F 54 -4.33 10.78 21.78
N TRP F 55 -3.30 9.96 21.63
CA TRP F 55 -3.34 8.59 22.13
C TRP F 55 -2.31 8.36 23.20
N ARG F 56 -2.61 7.45 24.13
CA ARG F 56 -1.64 7.03 25.12
C ARG F 56 -1.68 5.52 25.21
N PHE F 57 -0.50 4.89 25.14
CA PHE F 57 -0.38 3.44 25.23
C PHE F 57 0.32 3.10 26.53
N ASP F 58 -0.39 2.45 27.46
CA ASP F 58 0.16 2.02 28.74
C ASP F 58 0.56 0.57 28.61
N MET F 59 1.84 0.27 28.83
CA MET F 59 2.36 -1.07 28.66
C MET F 59 2.40 -1.87 29.95
N PHE F 60 1.92 -3.12 29.89
CA PHE F 60 1.85 -4.02 31.04
C PHE F 60 2.74 -5.23 30.77
N PRO F 61 4.04 -5.12 31.11
CA PRO F 61 4.95 -6.24 30.84
C PRO F 61 4.80 -7.41 31.80
N GLY F 62 4.64 -8.60 31.25
CA GLY F 62 4.53 -9.83 32.02
C GLY F 62 3.11 -10.29 32.26
N PHE F 63 2.68 -11.36 31.58
CA PHE F 63 1.35 -11.90 31.79
C PHE F 63 1.32 -12.73 33.08
N ASN F 64 0.11 -12.97 33.61
CA ASN F 64 -0.05 -13.82 34.80
C ASN F 64 0.04 -15.29 34.38
N LYS F 65 0.55 -16.13 35.29
CA LYS F 65 0.66 -17.56 35.03
C LYS F 65 -0.44 -18.32 35.78
N ASN F 66 -0.79 -17.87 37.00
CA ASN F 66 -1.84 -18.49 37.80
C ASN F 66 -3.15 -17.67 37.62
N THR F 67 -3.47 -16.72 38.54
CA THR F 67 -4.67 -15.90 38.42
C THR F 67 -4.40 -14.47 38.92
N ASN F 68 -3.71 -14.31 40.07
CA ASN F 68 -3.37 -13.00 40.62
C ASN F 68 -1.91 -12.98 41.13
N ASP F 69 -1.00 -13.75 40.49
CA ASP F 69 0.40 -13.83 40.91
C ASP F 69 1.20 -12.57 40.60
N ARG F 70 0.99 -11.96 39.42
CA ARG F 70 1.69 -10.73 39.08
C ARG F 70 0.73 -9.54 39.17
N TRP F 71 -0.24 -9.45 38.28
CA TRP F 71 -1.23 -8.38 38.29
C TRP F 71 -2.43 -8.79 39.15
N ASN F 72 -3.22 -7.81 39.62
CA ASN F 72 -4.40 -8.08 40.43
C ASN F 72 -5.49 -8.87 39.69
N SER F 73 -5.52 -8.74 38.37
CA SER F 73 -6.45 -9.45 37.51
C SER F 73 -5.75 -9.84 36.20
N ASN F 74 -6.22 -10.92 35.58
CA ASN F 74 -5.62 -11.46 34.37
C ASN F 74 -6.35 -11.01 33.10
N ILE F 75 -5.66 -10.26 32.22
CA ILE F 75 -6.27 -9.82 30.96
C ILE F 75 -6.63 -11.00 30.04
N LEU F 76 -5.91 -12.13 30.16
CA LEU F 76 -6.17 -13.34 29.39
C LEU F 76 -7.53 -13.96 29.73
N ASP F 77 -8.14 -13.60 30.89
CA ASP F 77 -9.46 -14.10 31.24
C ASP F 77 -10.53 -13.60 30.24
N LEU F 78 -10.33 -12.42 29.63
CA LEU F 78 -11.27 -11.91 28.62
C LEU F 78 -11.36 -12.85 27.40
N LEU F 79 -10.27 -13.59 27.10
CA LEU F 79 -10.24 -14.56 26.02
C LEU F 79 -10.98 -15.81 26.45
N SER F 80 -10.74 -16.29 27.69
CA SER F 80 -11.43 -17.49 28.20
C SER F 80 -12.93 -17.27 28.37
N GLN F 81 -13.38 -16.02 28.57
CA GLN F 81 -14.82 -15.70 28.65
C GLN F 81 -15.50 -15.88 27.27
N LYS F 82 -14.74 -15.81 26.17
CA LYS F 82 -15.28 -15.94 24.84
C LYS F 82 -14.93 -17.28 24.14
N GLY F 83 -14.44 -18.26 24.90
CA GLY F 83 -14.15 -19.58 24.35
C GLY F 83 -12.70 -20.00 24.17
N SER F 84 -11.75 -19.20 24.65
CA SER F 84 -10.34 -19.59 24.53
C SER F 84 -9.98 -20.51 25.70
N PHE F 85 -10.29 -21.82 25.55
CA PHE F 85 -10.07 -22.84 26.58
C PHE F 85 -8.64 -23.39 26.64
N LEU F 86 -7.76 -22.97 25.73
CA LEU F 86 -6.36 -23.41 25.79
C LEU F 86 -5.58 -22.30 26.44
N TYR F 87 -4.67 -22.65 27.37
CA TYR F 87 -3.88 -21.63 28.05
C TYR F 87 -2.61 -21.30 27.29
N GLU F 88 -2.79 -21.07 25.99
CA GLU F 88 -1.73 -20.65 25.10
C GLU F 88 -1.75 -19.13 25.13
N THR F 89 -0.60 -18.54 25.40
CA THR F 89 -0.48 -17.11 25.57
C THR F 89 0.15 -16.41 24.37
N PRO F 90 -0.57 -15.44 23.76
CA PRO F 90 0.04 -14.67 22.67
C PRO F 90 1.12 -13.72 23.19
N ASP F 91 1.93 -13.16 22.29
CA ASP F 91 3.01 -12.26 22.71
C ASP F 91 2.47 -10.93 23.21
N VAL F 92 1.42 -10.41 22.57
CA VAL F 92 0.80 -9.14 22.93
C VAL F 92 -0.73 -9.21 22.84
N ILE F 93 -1.42 -8.45 23.71
CA ILE F 93 -2.87 -8.25 23.70
C ILE F 93 -3.06 -6.72 23.72
N ILE F 94 -3.72 -6.16 22.69
CA ILE F 94 -3.97 -4.73 22.65
C ILE F 94 -5.40 -4.51 23.11
N THR F 95 -5.61 -3.65 24.10
CA THR F 95 -6.95 -3.36 24.58
C THR F 95 -7.26 -1.87 24.47
N SER F 96 -8.54 -1.54 24.48
CA SER F 96 -9.02 -0.17 24.46
C SER F 96 -9.68 0.11 25.82
N LEU F 97 -9.45 1.29 26.39
CA LEU F 97 -10.06 1.65 27.67
C LEU F 97 -11.34 2.44 27.43
N ASN F 98 -12.50 1.84 27.72
CA ASN F 98 -13.78 2.52 27.53
C ASN F 98 -14.66 2.22 28.73
N ASN F 99 -15.36 3.24 29.25
CA ASN F 99 -16.28 3.19 30.40
C ASN F 99 -15.72 2.40 31.62
N GLY F 100 -14.49 2.68 32.00
CA GLY F 100 -13.85 2.06 33.16
C GLY F 100 -13.49 0.60 33.05
N LYS F 101 -13.40 0.08 31.81
CA LYS F 101 -13.04 -1.33 31.59
C LYS F 101 -12.21 -1.50 30.30
N GLU F 102 -11.54 -2.64 30.16
CA GLU F 102 -10.74 -2.92 28.98
C GLU F 102 -11.51 -3.76 27.98
N GLU F 103 -11.28 -3.54 26.69
CA GLU F 103 -11.93 -4.31 25.64
C GLU F 103 -10.85 -4.75 24.67
N ILE F 104 -10.70 -6.06 24.43
CA ILE F 104 -9.67 -6.55 23.50
C ILE F 104 -9.90 -6.09 22.06
N LEU F 105 -8.85 -5.56 21.43
CA LEU F 105 -8.88 -5.14 20.04
C LEU F 105 -8.28 -6.22 19.14
N MET F 106 -7.18 -6.86 19.60
CA MET F 106 -6.48 -7.93 18.89
C MET F 106 -5.41 -8.64 19.76
N ALA F 107 -4.99 -9.83 19.32
CA ALA F 107 -3.93 -10.63 19.92
C ALA F 107 -2.83 -10.78 18.86
N ILE F 108 -1.57 -10.57 19.23
CA ILE F 108 -0.45 -10.63 18.29
C ILE F 108 0.65 -11.57 18.76
N GLU F 109 1.22 -12.37 17.84
CA GLU F 109 2.30 -13.29 18.14
C GLU F 109 3.44 -13.04 17.16
N PHE F 110 4.66 -12.89 17.67
CA PHE F 110 5.85 -12.63 16.87
C PHE F 110 6.72 -13.89 16.85
N CYS F 111 7.04 -14.42 15.66
CA CYS F 111 7.86 -15.63 15.58
C CYS F 111 9.03 -15.51 14.62
N SER F 112 10.23 -15.46 15.19
CA SER F 112 11.46 -15.43 14.41
C SER F 112 11.97 -16.83 14.10
N ALA F 113 11.67 -17.79 14.99
CA ALA F 113 12.06 -19.21 14.92
C ALA F 113 11.99 -19.86 13.55
N LEU F 114 12.87 -20.86 13.31
CA LEU F 114 12.87 -21.61 12.04
C LEU F 114 11.58 -22.36 11.92
N GLN F 115 10.91 -22.22 10.79
CA GLN F 115 9.68 -22.94 10.55
C GLN F 115 10.11 -24.31 10.07
N ALA F 116 10.67 -25.11 10.98
CA ALA F 116 11.17 -26.43 10.65
C ALA F 116 10.21 -27.51 11.11
N GLY F 117 9.46 -28.05 10.16
CA GLY F 117 8.51 -29.11 10.44
C GLY F 117 7.45 -28.79 11.45
N ASN F 118 7.56 -29.41 12.64
CA ASN F 118 6.55 -29.20 13.67
C ASN F 118 6.67 -27.87 14.40
N GLN F 119 7.77 -27.13 14.19
CA GLN F 119 7.91 -25.81 14.80
C GLN F 119 6.89 -24.81 14.22
N ALA F 120 6.44 -25.04 12.97
CA ALA F 120 5.45 -24.22 12.27
C ALA F 120 4.09 -24.26 12.97
N TRP F 121 3.72 -25.42 13.52
CA TRP F 121 2.46 -25.54 14.23
C TRP F 121 2.60 -25.59 15.74
N GLN F 122 3.80 -25.36 16.29
CA GLN F 122 4.00 -25.37 17.74
C GLN F 122 3.08 -24.38 18.44
N ARG F 123 2.91 -23.19 17.84
CA ARG F 123 2.03 -22.18 18.41
C ARG F 123 0.73 -22.02 17.63
N SER F 124 0.21 -23.14 17.09
CA SER F 124 -1.09 -23.12 16.44
C SER F 124 -2.24 -23.17 17.48
N GLY F 125 -1.95 -23.62 18.70
CA GLY F 125 -2.93 -23.67 19.78
C GLY F 125 -3.46 -22.29 20.12
N ARG F 126 -2.57 -21.28 20.16
CA ARG F 126 -3.04 -19.92 20.45
C ARG F 126 -3.85 -19.38 19.31
N ALA F 127 -3.47 -19.68 18.07
CA ALA F 127 -4.24 -19.24 16.91
C ALA F 127 -5.65 -19.86 16.92
N TYR F 128 -5.74 -21.15 17.27
CA TYR F 128 -7.02 -21.83 17.33
C TYR F 128 -7.89 -21.28 18.47
N SER F 129 -7.36 -21.30 19.70
CA SER F 129 -8.11 -20.88 20.89
C SER F 129 -8.52 -19.42 20.83
N VAL F 130 -7.60 -18.52 20.50
CA VAL F 130 -7.91 -17.09 20.38
C VAL F 130 -8.83 -16.84 19.19
N GLY F 131 -8.59 -17.54 18.08
CA GLY F 131 -9.40 -17.42 16.88
C GLY F 131 -10.87 -17.74 17.07
N ARG F 132 -11.22 -18.69 17.95
CA ARG F 132 -12.63 -19.03 18.18
C ARG F 132 -13.37 -18.05 19.13
N THR F 133 -12.69 -17.00 19.62
CA THR F 133 -13.29 -16.01 20.52
C THR F 133 -13.97 -14.83 19.81
N GLY F 134 -13.61 -14.59 18.56
CA GLY F 134 -14.11 -13.42 17.84
C GLY F 134 -13.13 -12.25 17.88
N TYR F 135 -12.07 -12.35 18.69
CA TYR F 135 -11.04 -11.32 18.77
C TYR F 135 -9.96 -11.65 17.73
N PRO F 136 -9.53 -10.67 16.93
CA PRO F 136 -8.54 -10.95 15.88
C PRO F 136 -7.22 -11.48 16.35
N TYR F 137 -6.62 -12.35 15.54
CA TYR F 137 -5.35 -12.97 15.85
C TYR F 137 -4.37 -12.76 14.71
N ILE F 138 -3.23 -12.11 14.98
CA ILE F 138 -2.22 -11.81 13.98
C ILE F 138 -0.90 -12.52 14.29
N TYR F 139 -0.45 -13.38 13.40
CA TYR F 139 0.78 -14.13 13.59
C TYR F 139 1.84 -13.59 12.63
N ILE F 140 2.79 -12.81 13.15
CA ILE F 140 3.85 -12.18 12.37
C ILE F 140 5.11 -13.06 12.38
N VAL F 141 5.56 -13.55 11.22
CA VAL F 141 6.71 -14.46 11.12
C VAL F 141 7.77 -13.97 10.10
N ASP F 142 9.04 -13.96 10.51
CA ASP F 142 10.20 -13.54 9.72
C ASP F 142 10.45 -14.50 8.56
N PHE F 143 10.51 -13.99 7.33
CA PHE F 143 10.78 -14.81 6.15
C PHE F 143 12.01 -14.19 5.47
N VAL F 144 13.19 -14.84 5.47
CA VAL F 144 13.53 -16.16 6.02
C VAL F 144 14.76 -16.07 6.95
N LYS F 145 15.05 -17.16 7.69
CA LYS F 145 16.22 -17.31 8.53
C LYS F 145 16.84 -18.69 8.22
N TYR F 146 18.17 -18.78 8.15
CA TYR F 146 18.85 -20.04 7.86
C TYR F 146 19.15 -20.85 9.10
N GLU F 147 19.21 -22.18 8.94
CA GLU F 147 19.62 -23.06 10.02
C GLU F 147 21.15 -23.15 9.96
N LEU F 148 21.80 -23.20 11.11
CA LEU F 148 23.25 -23.33 11.15
C LEU F 148 23.66 -24.73 11.63
N ASN F 149 24.86 -25.17 11.25
CA ASN F 149 25.31 -26.53 11.61
C ASN F 149 25.82 -26.68 13.04
N ASN F 150 26.08 -25.54 13.73
CA ASN F 150 26.57 -25.42 15.11
C ASN F 150 28.06 -25.83 15.26
N SER F 151 28.54 -26.81 14.48
CA SER F 151 29.94 -27.22 14.56
C SER F 151 30.86 -26.08 14.13
N ASP F 152 30.51 -25.38 13.04
CA ASP F 152 31.30 -24.24 12.58
C ASP F 152 30.44 -23.02 12.17
N ARG F 153 29.16 -23.01 12.57
CA ARG F 153 28.19 -21.94 12.34
C ARG F 153 27.98 -21.61 10.85
N SER F 154 28.13 -22.61 9.98
CA SER F 154 27.88 -22.41 8.54
C SER F 154 26.41 -22.69 8.20
N ARG F 155 25.92 -22.15 7.08
CA ARG F 155 24.51 -22.33 6.71
C ARG F 155 24.13 -23.65 6.06
N LYS F 156 22.97 -24.16 6.46
CA LYS F 156 22.34 -25.36 5.92
C LYS F 156 21.08 -24.91 5.13
N ASN F 157 20.42 -25.83 4.42
CA ASN F 157 19.24 -25.49 3.61
C ASN F 157 18.14 -24.70 4.35
N LEU F 158 17.49 -23.78 3.64
CA LEU F 158 16.41 -22.96 4.18
C LEU F 158 15.25 -23.84 4.61
N ARG F 159 14.54 -23.44 5.67
CA ARG F 159 13.40 -24.21 6.15
C ARG F 159 12.11 -23.44 5.92
N PHE F 160 11.15 -24.09 5.26
CA PHE F 160 9.85 -23.48 4.99
C PHE F 160 8.74 -24.28 5.65
N PRO F 161 7.64 -23.62 6.08
CA PRO F 161 6.52 -24.38 6.65
C PRO F 161 5.78 -25.18 5.58
N ASN F 162 5.02 -26.18 6.00
CA ASN F 162 4.18 -26.95 5.08
C ASN F 162 3.07 -26.01 4.61
N PRO F 163 2.70 -26.03 3.32
CA PRO F 163 1.64 -25.10 2.85
C PRO F 163 0.35 -25.10 3.69
N ALA F 164 0.04 -26.21 4.36
CA ALA F 164 -1.14 -26.34 5.19
C ALA F 164 -1.12 -25.45 6.43
N ILE F 165 0.08 -25.06 6.91
CA ILE F 165 0.18 -24.19 8.08
C ILE F 165 -0.35 -22.81 7.76
N PRO F 166 0.21 -22.06 6.77
CA PRO F 166 -0.38 -20.76 6.42
C PRO F 166 -1.86 -20.88 6.06
N TYR F 167 -2.24 -21.98 5.38
CA TYR F 167 -3.62 -22.18 4.99
C TYR F 167 -4.55 -22.34 6.17
N SER F 168 -4.10 -23.00 7.23
CA SER F 168 -4.94 -23.21 8.41
C SER F 168 -5.51 -21.92 9.00
N TYR F 169 -4.77 -20.82 8.88
CA TYR F 169 -5.19 -19.51 9.36
C TYR F 169 -6.35 -18.99 8.51
N ILE F 170 -6.28 -19.19 7.18
CA ILE F 170 -7.34 -18.77 6.28
C ILE F 170 -8.60 -19.60 6.51
N SER F 171 -8.45 -20.93 6.66
CA SER F 171 -9.61 -21.80 6.89
C SER F 171 -10.23 -21.57 8.26
N HIS F 172 -9.43 -21.29 9.30
CA HIS F 172 -9.98 -20.99 10.63
C HIS F 172 -10.77 -19.68 10.56
N SER F 173 -10.28 -18.69 9.77
CA SER F 173 -10.97 -17.43 9.56
C SER F 173 -12.32 -17.66 8.90
N LYS F 174 -12.40 -18.51 7.86
CA LYS F 174 -13.67 -18.80 7.19
C LYS F 174 -14.64 -19.51 8.13
N ASN F 175 -14.17 -20.55 8.83
CA ASN F 175 -15.00 -21.33 9.75
C ASN F 175 -15.57 -20.51 10.90
N THR F 176 -14.77 -19.58 11.45
CA THR F 176 -15.20 -18.80 12.61
C THR F 176 -15.86 -17.46 12.27
N GLY F 177 -15.55 -16.92 11.11
CA GLY F 177 -16.01 -15.59 10.74
C GLY F 177 -15.13 -14.49 11.33
N ASN F 178 -14.03 -14.87 12.01
CA ASN F 178 -13.08 -13.98 12.65
C ASN F 178 -11.85 -13.74 11.75
N PHE F 179 -11.01 -12.76 12.10
CA PHE F 179 -9.79 -12.48 11.36
C PHE F 179 -8.60 -13.11 12.04
N ILE F 180 -8.13 -14.25 11.51
CA ILE F 180 -6.97 -14.99 12.00
C ILE F 180 -6.04 -15.08 10.80
N VAL F 181 -4.84 -14.48 10.88
CA VAL F 181 -3.95 -14.44 9.72
C VAL F 181 -2.47 -14.64 10.06
N GLN F 182 -1.70 -15.02 9.04
CA GLN F 182 -0.25 -15.15 9.14
C GLN F 182 0.30 -14.05 8.23
N ALA F 183 1.13 -13.18 8.80
CA ALA F 183 1.75 -12.05 8.11
C ALA F 183 3.26 -12.28 8.07
N TYR F 184 3.91 -11.93 6.95
CA TYR F 184 5.33 -12.18 6.79
C TYR F 184 6.13 -10.92 6.67
N PHE F 185 7.16 -10.80 7.48
CA PHE F 185 8.04 -9.65 7.44
C PHE F 185 9.37 -10.08 6.82
N ARG F 186 10.02 -9.16 6.10
CA ARG F 186 11.29 -9.43 5.45
C ARG F 186 12.43 -9.62 6.43
N GLY F 187 12.92 -10.85 6.52
CA GLY F 187 14.04 -11.18 7.39
C GLY F 187 15.35 -10.71 6.82
N GLU F 188 16.35 -10.53 7.67
CA GLU F 188 17.68 -10.07 7.24
C GLU F 188 18.34 -11.08 6.30
N GLU F 189 18.06 -12.38 6.50
CA GLU F 189 18.65 -13.41 5.65
C GLU F 189 17.84 -13.71 4.38
N TYR F 190 16.83 -12.86 4.05
CA TYR F 190 16.08 -13.02 2.80
C TYR F 190 17.02 -12.45 1.74
N GLN F 191 17.72 -13.33 1.02
CA GLN F 191 18.68 -12.90 0.01
C GLN F 191 18.37 -13.65 -1.27
N PRO F 192 17.36 -13.20 -2.04
CA PRO F 192 16.94 -13.96 -3.23
C PRO F 192 17.97 -14.03 -4.37
N LYS F 193 18.91 -13.09 -4.41
CA LYS F 193 19.96 -13.10 -5.43
C LYS F 193 20.94 -14.26 -5.22
N TYR F 194 21.01 -14.85 -4.01
CA TYR F 194 21.95 -15.91 -3.69
C TYR F 194 21.34 -17.30 -3.49
N ASP F 195 20.03 -17.38 -3.20
CA ASP F 195 19.39 -18.68 -2.97
C ASP F 195 18.34 -19.02 -4.01
N LYS F 196 18.54 -20.14 -4.70
CA LYS F 196 17.63 -20.61 -5.74
C LYS F 196 16.26 -21.02 -5.21
N LYS F 197 16.15 -21.36 -3.93
CA LYS F 197 14.85 -21.72 -3.35
C LYS F 197 13.88 -20.53 -3.34
N LEU F 198 14.41 -19.30 -3.31
CA LEU F 198 13.60 -18.08 -3.28
C LEU F 198 13.39 -17.44 -4.65
N LYS F 199 13.88 -18.07 -5.74
CA LYS F 199 13.76 -17.52 -7.09
C LYS F 199 12.34 -17.12 -7.46
N PHE F 200 11.34 -17.91 -7.03
CA PHE F 200 9.96 -17.63 -7.37
C PHE F 200 9.13 -17.10 -6.21
N PHE F 201 9.74 -16.30 -5.32
CA PHE F 201 9.00 -15.71 -4.21
C PHE F 201 8.50 -14.32 -4.65
N ASP F 202 7.23 -14.01 -4.39
CA ASP F 202 6.67 -12.70 -4.77
C ASP F 202 6.85 -11.76 -3.58
N GLU F 203 7.68 -10.71 -3.73
CA GLU F 203 7.92 -9.77 -2.64
C GLU F 203 6.71 -8.96 -2.20
N THR F 204 5.58 -9.04 -2.94
CA THR F 204 4.35 -8.39 -2.49
C THR F 204 3.73 -9.12 -1.28
N ILE F 205 4.19 -10.37 -0.97
CA ILE F 205 3.74 -11.16 0.17
C ILE F 205 4.11 -10.47 1.48
N PHE F 206 5.24 -9.73 1.53
CA PHE F 206 5.66 -9.02 2.73
C PHE F 206 4.56 -8.04 3.22
N ALA F 207 4.25 -8.07 4.53
CA ALA F 207 3.15 -7.30 5.09
C ALA F 207 3.52 -6.23 6.12
N GLU F 208 4.74 -5.65 6.05
CA GLU F 208 5.13 -4.61 7.00
C GLU F 208 4.15 -3.41 7.01
N ASP F 209 3.87 -2.85 5.83
CA ASP F 209 2.97 -1.70 5.74
C ASP F 209 1.52 -2.05 6.07
N ASP F 210 1.05 -3.22 5.63
CA ASP F 210 -0.34 -3.61 5.87
C ASP F 210 -0.65 -3.97 7.31
N ILE F 211 0.34 -4.46 8.06
CA ILE F 211 0.13 -4.76 9.47
C ILE F 211 -0.01 -3.46 10.26
N ALA F 212 0.84 -2.47 9.95
CA ALA F 212 0.77 -1.15 10.57
C ALA F 212 -0.59 -0.50 10.27
N ASP F 213 -1.05 -0.58 9.01
CA ASP F 213 -2.34 -0.03 8.58
C ASP F 213 -3.50 -0.69 9.30
N TYR F 214 -3.45 -2.01 9.47
CA TYR F 214 -4.48 -2.76 10.16
C TYR F 214 -4.60 -2.29 11.62
N ILE F 215 -3.47 -2.23 12.33
CA ILE F 215 -3.43 -1.82 13.72
C ILE F 215 -3.98 -0.41 13.90
N ILE F 216 -3.51 0.54 13.10
CA ILE F 216 -3.99 1.92 13.21
C ILE F 216 -5.49 2.02 12.93
N ALA F 217 -6.00 1.29 11.93
CA ALA F 217 -7.44 1.32 11.63
C ALA F 217 -8.29 0.73 12.77
N LYS F 218 -7.77 -0.32 13.43
CA LYS F 218 -8.48 -0.91 14.56
C LYS F 218 -8.51 0.07 15.73
N LEU F 219 -7.38 0.75 16.00
CA LEU F 219 -7.26 1.76 17.07
C LEU F 219 -8.21 2.94 16.82
N GLN F 220 -8.40 3.31 15.56
CA GLN F 220 -9.31 4.38 15.16
C GLN F 220 -10.78 3.95 15.04
N HIS F 221 -11.09 2.65 15.23
CA HIS F 221 -12.40 2.05 15.07
C HIS F 221 -12.96 2.33 13.69
N ARG F 222 -12.23 1.89 12.67
CA ARG F 222 -12.64 2.07 11.27
C ARG F 222 -12.86 0.70 10.62
N ASP F 223 -13.50 0.66 9.44
CA ASP F 223 -13.72 -0.60 8.75
C ASP F 223 -12.39 -1.17 8.27
N THR F 224 -12.04 -2.35 8.77
CA THR F 224 -10.80 -3.02 8.39
C THR F 224 -10.99 -4.12 7.33
N SER F 225 -12.19 -4.28 6.74
CA SER F 225 -12.48 -5.31 5.75
C SER F 225 -11.52 -5.31 4.58
N ASN F 226 -11.18 -4.12 4.06
CA ASN F 226 -10.27 -4.00 2.94
C ASN F 226 -8.85 -4.44 3.31
N ILE F 227 -8.34 -3.98 4.47
CA ILE F 227 -7.01 -4.35 4.96
C ILE F 227 -6.95 -5.84 5.27
N GLU F 228 -8.03 -6.39 5.83
CA GLU F 228 -8.13 -7.81 6.14
C GLU F 228 -8.05 -8.63 4.86
N GLN F 229 -8.73 -8.20 3.79
CA GLN F 229 -8.67 -8.91 2.51
C GLN F 229 -7.27 -8.88 1.89
N LEU F 230 -6.54 -7.76 2.04
CA LEU F 230 -5.19 -7.64 1.52
C LEU F 230 -4.28 -8.61 2.27
N LEU F 231 -4.44 -8.70 3.60
CA LEU F 231 -3.65 -9.60 4.44
C LEU F 231 -3.99 -11.10 4.21
N ILE F 232 -5.27 -11.41 3.96
CA ILE F 232 -5.70 -12.77 3.63
C ILE F 232 -5.11 -13.15 2.28
N ASN F 233 -5.14 -12.22 1.30
CA ASN F 233 -4.56 -12.45 -0.03
C ASN F 233 -3.06 -12.73 0.03
N LYS F 234 -2.33 -12.07 0.93
CA LYS F 234 -0.89 -12.32 1.10
C LYS F 234 -0.65 -13.68 1.76
N ASN F 235 -1.53 -14.08 2.69
CA ASN F 235 -1.47 -15.39 3.34
C ASN F 235 -1.74 -16.47 2.27
N LEU F 236 -2.68 -16.22 1.35
CA LEU F 236 -3.01 -17.13 0.25
C LEU F 236 -1.86 -17.21 -0.75
N LYS F 237 -1.20 -16.08 -1.03
CA LYS F 237 -0.04 -16.02 -1.91
C LYS F 237 1.12 -16.83 -1.34
N MET F 238 1.26 -16.88 0.00
CA MET F 238 2.29 -17.71 0.61
C MET F 238 1.96 -19.19 0.41
N VAL F 239 0.67 -19.57 0.51
CA VAL F 239 0.22 -20.95 0.28
C VAL F 239 0.57 -21.35 -1.17
N GLU F 240 0.36 -20.41 -2.12
CA GLU F 240 0.70 -20.59 -3.53
C GLU F 240 2.20 -20.82 -3.68
N PHE F 241 3.03 -19.94 -3.08
CA PHE F 241 4.49 -20.07 -3.16
C PHE F 241 4.98 -21.42 -2.66
N LEU F 242 4.51 -21.84 -1.48
CA LEU F 242 4.94 -23.08 -0.88
C LEU F 242 4.44 -24.32 -1.61
N SER F 243 3.16 -24.34 -2.01
CA SER F 243 2.60 -25.51 -2.69
C SER F 243 3.16 -25.69 -4.10
N LYS F 244 3.46 -24.60 -4.80
CA LYS F 244 4.06 -24.70 -6.13
C LYS F 244 5.55 -25.11 -6.08
N ASN F 245 6.17 -25.11 -4.90
CA ASN F 245 7.56 -25.54 -4.73
C ASN F 245 7.69 -27.00 -4.24
N THR F 246 6.59 -27.67 -3.89
CA THR F 246 6.64 -29.06 -3.42
C THR F 246 6.22 -30.03 -4.51
N LYS F 247 6.68 -31.29 -4.41
CA LYS F 247 6.33 -32.35 -5.36
C LYS F 247 4.83 -32.61 -5.22
N ASN F 248 4.08 -32.44 -6.32
CA ASN F 248 2.62 -32.59 -6.32
C ASN F 248 2.13 -34.00 -6.02
N ASP F 249 2.94 -35.05 -6.25
CA ASP F 249 2.50 -36.42 -6.04
C ASP F 249 2.24 -36.78 -4.58
N ASN F 250 2.86 -36.08 -3.62
CA ASN F 250 2.68 -36.35 -2.18
C ASN F 250 2.09 -35.16 -1.40
N ASN F 251 1.85 -34.02 -2.05
CA ASN F 251 1.33 -32.82 -1.38
C ASN F 251 0.19 -32.20 -2.20
N PHE F 252 -0.66 -31.37 -1.57
CA PHE F 252 -1.73 -30.68 -2.28
C PHE F 252 -1.14 -29.70 -3.29
N THR F 253 -1.73 -29.59 -4.48
CA THR F 253 -1.28 -28.61 -5.46
C THR F 253 -2.01 -27.29 -5.16
N TYR F 254 -1.54 -26.16 -5.73
CA TYR F 254 -2.24 -24.89 -5.50
C TYR F 254 -3.67 -24.93 -6.02
N SER F 255 -3.95 -25.65 -7.11
CA SER F 255 -5.31 -25.77 -7.65
C SER F 255 -6.24 -26.41 -6.61
N GLU F 256 -5.75 -27.36 -5.82
CA GLU F 256 -6.53 -28.00 -4.76
C GLU F 256 -6.80 -27.04 -3.61
N TRP F 257 -5.78 -26.27 -3.18
CA TRP F 257 -5.96 -25.28 -2.13
C TRP F 257 -6.91 -24.17 -2.56
N GLU F 258 -6.82 -23.76 -3.83
CA GLU F 258 -7.65 -22.71 -4.41
C GLU F 258 -9.10 -23.16 -4.47
N SER F 259 -9.35 -24.44 -4.81
CA SER F 259 -10.71 -24.98 -4.85
C SER F 259 -11.36 -25.05 -3.46
N ILE F 260 -10.55 -25.20 -2.39
CA ILE F 260 -11.04 -25.21 -1.02
C ILE F 260 -11.30 -23.74 -0.61
N TYR F 261 -10.35 -22.84 -0.93
CA TYR F 261 -10.44 -21.41 -0.64
C TYR F 261 -11.68 -20.75 -1.23
N ASN F 262 -11.94 -20.96 -2.53
CA ASN F 262 -13.10 -20.34 -3.17
C ASN F 262 -14.44 -21.07 -2.87
N GLY F 263 -14.43 -22.03 -1.96
CA GLY F 263 -15.64 -22.73 -1.54
C GLY F 263 -16.19 -23.77 -2.50
N THR F 264 -15.39 -24.23 -3.46
CA THR F 264 -15.85 -25.28 -4.39
C THR F 264 -15.97 -26.62 -3.65
N TYR F 265 -14.98 -26.95 -2.81
CA TYR F 265 -14.98 -28.18 -2.02
C TYR F 265 -14.51 -27.93 -0.59
N ARG F 266 -14.87 -28.83 0.33
CA ARG F 266 -14.33 -28.81 1.68
C ARG F 266 -13.05 -29.70 1.66
N ILE F 267 -12.14 -29.52 2.63
CA ILE F 267 -10.87 -30.26 2.62
C ILE F 267 -11.04 -31.79 2.69
N THR F 268 -12.19 -32.27 3.21
CA THR F 268 -12.43 -33.71 3.31
C THR F 268 -13.23 -34.29 2.13
N ASN F 269 -13.80 -33.44 1.26
CA ASN F 269 -14.55 -33.93 0.10
C ASN F 269 -13.90 -33.54 -1.24
N LEU F 270 -12.57 -33.31 -1.24
CA LEU F 270 -11.80 -32.97 -2.43
C LEU F 270 -11.87 -34.16 -3.38
N PRO F 271 -12.25 -33.95 -4.65
CA PRO F 271 -12.39 -35.09 -5.58
C PRO F 271 -11.11 -35.90 -5.76
N SER F 272 -9.96 -35.25 -5.60
CA SER F 272 -8.66 -35.90 -5.75
C SER F 272 -8.13 -36.54 -4.47
N LEU F 273 -8.88 -36.49 -3.35
CA LEU F 273 -8.44 -37.09 -2.08
C LEU F 273 -8.20 -38.58 -2.24
N GLY F 274 -7.01 -39.01 -1.89
CA GLY F 274 -6.64 -40.42 -2.04
C GLY F 274 -5.50 -40.65 -3.02
N ARG F 275 -5.19 -39.65 -3.88
CA ARG F 275 -4.06 -39.80 -4.81
C ARG F 275 -2.74 -40.04 -4.07
N PHE F 276 -2.64 -39.57 -2.82
CA PHE F 276 -1.54 -39.87 -1.93
C PHE F 276 -2.12 -40.33 -0.58
N LYS F 277 -1.39 -41.17 0.14
CA LYS F 277 -1.85 -41.72 1.43
C LYS F 277 -1.20 -41.02 2.62
N PHE F 278 -1.76 -41.22 3.81
CA PHE F 278 -1.18 -40.68 5.03
C PHE F 278 -0.15 -41.70 5.50
N ARG F 279 1.13 -41.30 5.48
CA ARG F 279 2.23 -42.16 5.90
C ARG F 279 3.08 -41.44 6.95
N LYS F 280 2.69 -41.59 8.22
CA LYS F 280 3.37 -40.98 9.36
C LYS F 280 4.80 -41.45 9.47
N LYS F 281 5.75 -40.53 9.66
CA LYS F 281 7.15 -40.88 9.81
C LYS F 281 7.51 -41.00 11.30
N ILE F 282 7.91 -42.19 11.74
CA ILE F 282 8.29 -42.42 13.13
C ILE F 282 9.76 -42.82 13.21
N ALA F 283 10.56 -42.11 14.04
CA ALA F 283 11.97 -42.46 14.20
C ALA F 283 12.08 -43.83 14.89
N GLU F 284 13.10 -44.63 14.52
CA GLU F 284 13.28 -45.95 15.10
C GLU F 284 13.41 -45.91 16.61
N LYS F 285 14.07 -44.88 17.13
CA LYS F 285 14.24 -44.70 18.58
C LYS F 285 12.90 -44.50 19.32
N SER F 286 11.87 -44.02 18.62
CA SER F 286 10.55 -43.78 19.18
C SER F 286 9.65 -45.03 19.18
N LEU F 287 10.01 -46.09 18.45
CA LEU F 287 9.19 -47.29 18.35
C LEU F 287 9.15 -48.11 19.61
N SER F 288 7.97 -48.68 19.89
CA SER F 288 7.68 -49.54 21.05
C SER F 288 6.35 -50.28 20.81
N GLY F 289 6.03 -51.28 21.63
CA GLY F 289 4.79 -52.03 21.55
C GLY F 289 4.32 -52.44 20.18
N LYS F 290 3.07 -52.10 19.83
CA LYS F 290 2.51 -52.41 18.52
C LYS F 290 2.38 -51.16 17.63
N VAL F 291 3.20 -50.12 17.88
CA VAL F 291 3.17 -48.86 17.15
C VAL F 291 3.46 -49.02 15.67
N LYS F 292 4.50 -49.79 15.30
CA LYS F 292 4.81 -50.04 13.89
C LYS F 292 3.65 -50.77 13.19
N GLU F 293 3.03 -51.72 13.89
CA GLU F 293 1.88 -52.49 13.41
C GLU F 293 0.65 -51.58 13.20
N PHE F 294 0.41 -50.65 14.14
CA PHE F 294 -0.70 -49.71 14.04
C PHE F 294 -0.47 -48.78 12.86
N ASN F 295 0.77 -48.30 12.66
CA ASN F 295 1.07 -47.42 11.54
C ASN F 295 0.81 -48.11 10.21
N ASN F 296 1.10 -49.42 10.11
CA ASN F 296 0.84 -50.19 8.91
C ASN F 296 -0.67 -50.27 8.63
N ILE F 297 -1.48 -50.42 9.68
CA ILE F 297 -2.94 -50.47 9.56
C ILE F 297 -3.46 -49.15 9.04
N VAL F 298 -2.94 -48.03 9.57
CA VAL F 298 -3.34 -46.70 9.11
C VAL F 298 -3.03 -46.51 7.62
N GLN F 299 -1.80 -46.87 7.20
CA GLN F 299 -1.37 -46.77 5.80
C GLN F 299 -2.14 -47.69 4.84
N ARG F 300 -2.88 -48.66 5.37
CA ARG F 300 -3.69 -49.56 4.57
C ARG F 300 -4.98 -48.91 4.12
N TYR F 301 -5.55 -48.00 4.93
CA TYR F 301 -6.84 -47.39 4.62
C TYR F 301 -6.86 -45.87 4.49
N SER F 302 -5.79 -45.21 4.93
CA SER F 302 -5.74 -43.76 4.94
C SER F 302 -5.62 -43.10 3.58
N VAL F 303 -6.11 -41.85 3.52
CA VAL F 303 -5.97 -40.94 2.41
C VAL F 303 -5.26 -39.72 3.01
N GLY F 304 -4.34 -39.15 2.25
CA GLY F 304 -3.53 -38.03 2.71
C GLY F 304 -4.32 -36.75 2.87
N LEU F 305 -4.05 -36.01 3.94
CA LEU F 305 -4.70 -34.74 4.19
C LEU F 305 -3.63 -33.67 4.09
N ALA F 306 -3.60 -32.91 2.97
CA ALA F 306 -2.65 -31.84 2.66
C ALA F 306 -1.26 -32.34 2.25
N SER F 307 -0.70 -33.27 3.01
CA SER F 307 0.61 -33.85 2.71
C SER F 307 0.67 -35.27 3.23
N SER F 308 1.33 -36.16 2.49
CA SER F 308 1.47 -37.55 2.90
C SER F 308 2.20 -37.70 4.23
N ASP F 309 3.20 -36.83 4.50
CA ASP F 309 3.99 -36.94 5.71
C ASP F 309 3.61 -35.97 6.83
N LEU F 310 2.43 -35.34 6.76
CA LEU F 310 1.96 -34.54 7.89
C LEU F 310 1.50 -35.55 8.97
N PRO F 311 1.49 -35.22 10.28
CA PRO F 311 1.13 -36.23 11.30
C PRO F 311 -0.32 -36.64 11.38
N PHE F 312 -1.12 -36.33 10.36
CA PHE F 312 -2.53 -36.68 10.35
C PHE F 312 -3.01 -37.01 8.95
N GLY F 313 -4.07 -37.81 8.89
CA GLY F 313 -4.69 -38.22 7.64
C GLY F 313 -6.15 -38.54 7.83
N VAL F 314 -6.81 -39.03 6.78
CA VAL F 314 -8.23 -39.34 6.87
C VAL F 314 -8.51 -40.80 6.58
N ILE F 315 -9.45 -41.38 7.32
CA ILE F 315 -9.97 -42.71 7.10
C ILE F 315 -11.41 -42.40 6.70
N ARG F 316 -11.74 -42.52 5.41
CA ARG F 316 -13.08 -42.23 4.92
C ARG F 316 -14.11 -43.16 5.54
N LYS F 317 -15.37 -42.71 5.67
CA LYS F 317 -16.42 -43.54 6.29
C LYS F 317 -16.59 -44.90 5.61
N GLU F 318 -16.30 -44.96 4.29
CA GLU F 318 -16.37 -46.17 3.48
C GLU F 318 -15.32 -47.23 3.89
N SER F 319 -14.23 -46.81 4.55
CA SER F 319 -13.17 -47.71 5.02
C SER F 319 -13.08 -47.79 6.55
N ARG F 320 -13.86 -46.97 7.29
CA ARG F 320 -13.83 -46.91 8.75
C ARG F 320 -14.11 -48.25 9.41
N ASN F 321 -15.13 -48.99 8.93
CA ASN F 321 -15.46 -50.30 9.50
C ASN F 321 -14.29 -51.27 9.45
N ASP F 322 -13.62 -51.37 8.30
CA ASP F 322 -12.47 -52.26 8.15
C ASP F 322 -11.25 -51.80 8.96
N PHE F 323 -11.03 -50.47 9.03
CA PHE F 323 -9.93 -49.92 9.81
C PHE F 323 -10.14 -50.26 11.30
N ILE F 324 -11.36 -50.00 11.83
CA ILE F 324 -11.70 -50.29 13.22
C ILE F 324 -11.55 -51.78 13.54
N ASN F 325 -11.98 -52.67 12.61
CA ASN F 325 -11.83 -54.12 12.79
C ASN F 325 -10.36 -54.50 12.96
N ASP F 326 -9.49 -53.91 12.14
CA ASP F 326 -8.04 -54.17 12.19
C ASP F 326 -7.42 -53.66 13.47
N VAL F 327 -7.83 -52.47 13.94
CA VAL F 327 -7.31 -51.92 15.18
C VAL F 327 -7.75 -52.81 16.36
N CYS F 328 -9.02 -53.28 16.34
CA CYS F 328 -9.57 -54.15 17.36
C CYS F 328 -8.83 -55.49 17.44
N LYS F 329 -8.47 -56.03 16.28
CA LYS F 329 -7.72 -57.29 16.21
C LYS F 329 -6.32 -57.10 16.81
N LEU F 330 -5.65 -56.00 16.46
CA LEU F 330 -4.30 -55.72 16.94
C LEU F 330 -4.22 -55.54 18.45
N TYR F 331 -5.17 -54.79 19.02
CA TYR F 331 -5.14 -54.48 20.44
C TYR F 331 -6.11 -55.28 21.31
N ASN F 332 -6.73 -56.33 20.75
CA ASN F 332 -7.67 -57.20 21.45
C ASN F 332 -8.86 -56.44 22.06
N ILE F 333 -9.47 -55.54 21.27
CA ILE F 333 -10.62 -54.80 21.72
C ILE F 333 -11.85 -55.65 21.41
N ASN F 334 -12.58 -56.09 22.46
CA ASN F 334 -13.75 -56.95 22.27
C ASN F 334 -15.06 -56.37 22.79
N ASP F 335 -15.02 -55.22 23.47
CA ASP F 335 -16.23 -54.62 24.02
C ASP F 335 -17.16 -54.09 22.93
N MET F 336 -18.37 -54.66 22.84
CA MET F 336 -19.39 -54.29 21.87
C MET F 336 -19.73 -52.79 21.87
N LYS F 337 -19.91 -52.20 23.06
CA LYS F 337 -20.25 -50.78 23.19
C LYS F 337 -19.17 -49.88 22.62
N ILE F 338 -17.90 -50.19 22.92
CA ILE F 338 -16.75 -49.43 22.43
C ILE F 338 -16.63 -49.51 20.91
N ILE F 339 -16.77 -50.71 20.36
CA ILE F 339 -16.68 -50.95 18.91
C ILE F 339 -17.78 -50.19 18.16
N LYS F 340 -18.99 -50.14 18.72
CA LYS F 340 -20.11 -49.42 18.10
C LYS F 340 -19.83 -47.92 18.06
N GLU F 341 -19.20 -47.38 19.12
CA GLU F 341 -18.84 -45.96 19.17
C GLU F 341 -17.77 -45.64 18.14
N LEU F 342 -16.78 -46.52 17.99
CA LEU F 342 -15.71 -46.38 17.02
C LEU F 342 -16.21 -46.46 15.57
N LYS F 343 -17.26 -47.25 15.32
CA LYS F 343 -17.80 -47.43 13.98
C LYS F 343 -18.91 -46.45 13.56
N GLU F 344 -18.85 -45.19 14.03
CA GLU F 344 -19.84 -44.19 13.63
C GLU F 344 -19.69 -43.89 12.13
N ASP F 345 -20.80 -43.74 11.39
CA ASP F 345 -20.74 -43.50 9.94
C ASP F 345 -20.35 -42.07 9.56
N ALA F 346 -19.06 -41.75 9.68
CA ALA F 346 -18.51 -40.44 9.33
C ALA F 346 -17.01 -40.56 9.04
N ASP F 347 -16.44 -39.58 8.31
CA ASP F 347 -14.99 -39.59 8.04
C ASP F 347 -14.24 -39.39 9.37
N LEU F 348 -13.10 -40.05 9.52
CA LEU F 348 -12.32 -39.98 10.74
C LEU F 348 -10.94 -39.45 10.47
N ILE F 349 -10.51 -38.41 11.18
CA ILE F 349 -9.16 -37.89 11.00
C ILE F 349 -8.28 -38.59 12.03
N VAL F 350 -7.22 -39.26 11.59
CA VAL F 350 -6.32 -39.95 12.51
C VAL F 350 -5.06 -39.12 12.67
N CYS F 351 -4.70 -38.76 13.91
CA CYS F 351 -3.51 -37.98 14.19
C CYS F 351 -2.56 -38.84 14.99
N MET F 352 -1.32 -39.03 14.55
CA MET F 352 -0.36 -39.85 15.27
C MET F 352 0.75 -38.94 15.78
N LEU F 353 0.96 -38.90 17.10
CA LEU F 353 1.97 -38.04 17.71
C LEU F 353 2.74 -38.76 18.80
N LYS F 354 4.05 -38.51 18.93
CA LYS F 354 4.82 -39.12 20.01
C LYS F 354 4.36 -38.53 21.34
N GLY F 355 4.16 -37.23 21.37
CA GLY F 355 3.68 -36.53 22.54
C GLY F 355 4.70 -36.25 23.62
N PHE F 356 5.55 -37.24 23.95
CA PHE F 356 6.47 -37.11 25.08
C PHE F 356 7.91 -37.50 24.77
N LYS F 357 8.85 -36.75 25.34
CA LYS F 357 10.29 -36.97 25.21
C LYS F 357 10.74 -38.16 26.10
N PRO F 358 12.00 -38.65 26.00
CA PRO F 358 12.39 -39.82 26.81
C PRO F 358 12.11 -39.71 28.31
N ARG F 359 12.23 -38.52 28.91
CA ARG F 359 11.96 -38.36 30.35
C ARG F 359 10.47 -38.16 30.70
N GLY F 360 9.59 -38.23 29.71
CA GLY F 360 8.16 -38.04 29.92
C GLY F 360 7.69 -36.61 29.80
N ASP F 361 8.61 -35.66 29.53
CA ASP F 361 8.26 -34.26 29.37
C ASP F 361 7.59 -34.06 28.02
N ASP F 362 6.46 -33.38 27.99
CA ASP F 362 5.68 -33.19 26.77
C ASP F 362 6.36 -32.40 25.67
N ASN F 363 6.10 -32.78 24.42
CA ASN F 363 6.64 -32.13 23.23
C ASN F 363 5.87 -30.88 23.01
N ARG F 364 6.53 -29.71 23.09
CA ARG F 364 5.86 -28.43 22.85
C ARG F 364 5.21 -28.33 21.47
N PRO F 365 5.85 -28.76 20.35
CA PRO F 365 5.17 -28.66 19.05
C PRO F 365 3.88 -29.45 18.94
N ASP F 366 3.80 -30.61 19.61
CA ASP F 366 2.60 -31.45 19.56
C ASP F 366 1.35 -30.79 20.09
N ARG F 367 1.51 -29.80 20.99
CA ARG F 367 0.39 -29.07 21.52
C ARG F 367 -0.41 -28.33 20.42
N GLY F 368 0.22 -28.07 19.26
CA GLY F 368 -0.46 -27.40 18.16
C GLY F 368 -0.92 -28.32 17.05
N ALA F 369 -0.68 -29.64 17.15
CA ALA F 369 -1.08 -30.56 16.08
C ALA F 369 -2.59 -30.71 15.96
N LEU F 370 -3.30 -30.96 17.07
CA LEU F 370 -4.76 -31.02 17.02
C LEU F 370 -5.37 -29.67 16.66
N PRO F 371 -4.94 -28.53 17.27
CA PRO F 371 -5.42 -27.23 16.83
C PRO F 371 -5.24 -26.97 15.34
N LEU F 372 -4.16 -27.49 14.72
CA LEU F 372 -3.92 -27.35 13.28
C LEU F 372 -5.00 -28.10 12.50
N VAL F 373 -5.30 -29.34 12.91
CA VAL F 373 -6.35 -30.16 12.31
C VAL F 373 -7.71 -29.46 12.42
N ALA F 374 -8.01 -28.92 13.62
CA ALA F 374 -9.26 -28.21 13.89
C ALA F 374 -9.38 -26.90 13.08
N MET F 375 -8.25 -26.24 12.84
CA MET F 375 -8.24 -25.02 12.05
C MET F 375 -8.45 -25.32 10.55
N LEU F 376 -8.01 -26.50 10.08
CA LEU F 376 -8.18 -26.89 8.68
C LEU F 376 -9.56 -27.46 8.36
N ALA F 377 -10.04 -28.41 9.19
CA ALA F 377 -11.30 -29.08 8.93
C ALA F 377 -12.44 -28.77 9.89
N GLY F 378 -12.26 -27.79 10.75
CA GLY F 378 -13.29 -27.44 11.72
C GLY F 378 -13.18 -28.29 12.98
N GLU F 379 -13.37 -27.68 14.15
CA GLU F 379 -13.27 -28.38 15.42
C GLU F 379 -14.28 -29.53 15.58
N ASN F 380 -15.40 -29.44 14.85
CA ASN F 380 -16.49 -30.43 14.84
C ASN F 380 -16.11 -31.77 14.17
N ALA F 381 -14.98 -31.81 13.44
CA ALA F 381 -14.55 -33.05 12.77
C ALA F 381 -14.18 -34.12 13.77
N GLN F 382 -14.41 -35.40 13.44
CA GLN F 382 -14.09 -36.50 14.34
C GLN F 382 -12.61 -36.81 14.31
N ILE F 383 -11.92 -36.65 15.44
CA ILE F 383 -10.48 -36.87 15.53
C ILE F 383 -10.08 -38.05 16.43
N PHE F 384 -9.26 -38.97 15.89
CA PHE F 384 -8.76 -40.16 16.56
C PHE F 384 -7.29 -39.87 16.80
N THR F 385 -6.89 -39.63 18.05
CA THR F 385 -5.51 -39.26 18.38
C THR F 385 -4.72 -40.44 18.94
N PHE F 386 -3.67 -40.88 18.24
CA PHE F 386 -2.81 -42.00 18.67
C PHE F 386 -1.47 -41.47 19.22
N ILE F 387 -1.18 -41.79 20.50
CA ILE F 387 0.03 -41.35 21.21
C ILE F 387 0.94 -42.55 21.54
N TYR F 388 2.26 -42.40 21.34
CA TYR F 388 3.19 -43.51 21.56
C TYR F 388 4.46 -43.16 22.35
N GLY F 389 4.53 -41.98 22.94
CA GLY F 389 5.69 -41.54 23.70
C GLY F 389 5.68 -42.00 25.15
N PRO F 390 6.83 -41.92 25.84
CA PRO F 390 6.87 -42.42 27.23
C PRO F 390 6.10 -41.61 28.26
N LEU F 391 5.31 -42.30 29.10
CA LEU F 391 4.53 -41.65 30.13
C LEU F 391 5.13 -41.86 31.50
N ILE F 392 5.11 -40.81 32.33
CA ILE F 392 5.52 -40.93 33.71
C ILE F 392 4.41 -41.70 34.43
N LYS F 393 4.77 -42.50 35.44
CA LYS F 393 3.79 -43.32 36.16
C LYS F 393 2.59 -42.51 36.72
N GLY F 394 2.85 -41.28 37.15
CA GLY F 394 1.79 -40.42 37.65
C GLY F 394 0.76 -40.05 36.59
N ALA F 395 1.19 -39.92 35.32
CA ALA F 395 0.30 -39.57 34.21
C ALA F 395 -0.62 -40.71 33.84
N ILE F 396 -0.10 -41.95 33.78
CA ILE F 396 -0.94 -43.11 33.45
C ILE F 396 -1.95 -43.41 34.58
N ASN F 397 -1.57 -43.12 35.84
CA ASN F 397 -2.49 -43.30 36.95
C ASN F 397 -3.65 -42.30 36.85
N LEU F 398 -3.36 -41.06 36.42
CA LEU F 398 -4.40 -40.05 36.22
C LEU F 398 -5.29 -40.37 35.03
N ILE F 399 -4.73 -40.99 33.99
CA ILE F 399 -5.51 -41.41 32.83
C ILE F 399 -6.55 -42.47 33.26
N ASP F 400 -6.20 -43.34 34.20
CA ASP F 400 -7.10 -44.36 34.70
C ASP F 400 -8.11 -43.88 35.76
N GLN F 401 -7.91 -42.68 36.33
CA GLN F 401 -8.82 -42.16 37.35
C GLN F 401 -9.66 -40.98 36.85
N ASP F 402 -9.00 -39.93 36.36
CA ASP F 402 -9.65 -38.72 35.87
C ASP F 402 -8.74 -38.05 34.87
N ILE F 403 -9.02 -38.22 33.56
CA ILE F 403 -8.22 -37.60 32.50
C ILE F 403 -8.29 -36.06 32.52
N ASN F 404 -9.41 -35.51 33.01
CA ASN F 404 -9.61 -34.06 33.10
C ASN F 404 -8.67 -33.42 34.12
N LYS F 405 -8.26 -34.17 35.16
CA LYS F 405 -7.30 -33.70 36.17
C LYS F 405 -5.92 -33.51 35.54
N LEU F 406 -5.55 -34.43 34.64
CA LEU F 406 -4.29 -34.37 33.94
C LEU F 406 -4.32 -33.20 32.92
N ALA F 407 -5.45 -33.04 32.21
CA ALA F 407 -5.63 -31.95 31.25
C ALA F 407 -5.57 -30.59 31.92
N LYS F 408 -6.05 -30.50 33.18
CA LYS F 408 -6.06 -29.27 33.97
C LYS F 408 -4.65 -28.78 34.28
N ARG F 409 -3.72 -29.70 34.57
CA ARG F 409 -2.36 -29.32 34.93
C ARG F 409 -1.37 -29.28 33.75
N ASN F 410 -1.63 -30.02 32.67
CA ASN F 410 -0.70 -30.06 31.54
C ASN F 410 -1.32 -29.56 30.22
N GLY F 411 -0.60 -28.70 29.52
CA GLY F 411 -1.07 -28.12 28.27
C GLY F 411 -1.17 -29.08 27.10
N LEU F 412 -0.32 -30.12 27.05
CA LEU F 412 -0.41 -31.11 25.97
C LEU F 412 -1.63 -31.99 26.18
N TRP F 413 -1.86 -32.44 27.42
CA TRP F 413 -3.05 -33.22 27.72
C TRP F 413 -4.31 -32.38 27.52
N LYS F 414 -4.25 -31.05 27.74
CA LYS F 414 -5.35 -30.11 27.52
C LYS F 414 -5.71 -30.05 26.02
N SER F 415 -4.70 -30.05 25.15
CA SER F 415 -4.89 -30.05 23.69
C SER F 415 -5.54 -31.36 23.23
N PHE F 416 -5.08 -32.51 23.77
CA PHE F 416 -5.60 -33.83 23.43
C PHE F 416 -7.03 -34.06 23.92
N VAL F 417 -7.31 -33.70 25.17
CA VAL F 417 -8.62 -33.88 25.80
C VAL F 417 -9.67 -32.95 25.21
N SER F 418 -9.27 -31.75 24.78
CA SER F 418 -10.19 -30.78 24.22
C SER F 418 -10.61 -31.07 22.79
N LEU F 419 -9.72 -31.66 21.97
CA LEU F 419 -10.01 -31.83 20.55
C LEU F 419 -10.13 -33.25 20.03
N SER F 420 -9.83 -34.27 20.85
CA SER F 420 -9.94 -35.65 20.36
C SER F 420 -11.27 -36.26 20.69
N ASP F 421 -11.88 -36.92 19.71
CA ASP F 421 -13.10 -37.69 19.95
C ASP F 421 -12.69 -39.08 20.53
N PHE F 422 -11.50 -39.58 20.15
CA PHE F 422 -10.98 -40.86 20.64
C PHE F 422 -9.51 -40.67 20.96
N ILE F 423 -9.05 -41.12 22.13
CA ILE F 423 -7.65 -41.02 22.52
C ILE F 423 -7.09 -42.42 22.67
N VAL F 424 -6.11 -42.78 21.86
CA VAL F 424 -5.51 -44.11 21.92
C VAL F 424 -4.07 -44.00 22.32
N LEU F 425 -3.68 -44.76 23.33
CA LEU F 425 -2.31 -44.75 23.81
C LEU F 425 -1.68 -46.11 23.62
N ASP F 426 -0.44 -46.15 23.20
CA ASP F 426 0.36 -47.38 23.13
C ASP F 426 1.69 -46.85 23.58
N CYS F 427 1.79 -46.60 24.90
CA CYS F 427 2.92 -45.91 25.48
C CYS F 427 3.78 -46.72 26.44
N PRO F 428 5.11 -46.54 26.34
CA PRO F 428 5.98 -47.11 27.38
C PRO F 428 5.77 -46.35 28.70
N ILE F 429 6.00 -47.00 29.83
CA ILE F 429 5.83 -46.34 31.13
C ILE F 429 7.20 -46.24 31.78
N ILE F 430 7.61 -45.03 32.19
CA ILE F 430 8.90 -44.79 32.86
C ILE F 430 9.00 -45.67 34.11
N GLY F 431 9.98 -46.58 34.12
CA GLY F 431 10.17 -47.50 35.23
C GLY F 431 9.57 -48.88 35.03
N GLU F 432 8.89 -49.09 33.90
CA GLU F 432 8.27 -50.38 33.58
C GLU F 432 8.83 -50.95 32.28
N SER F 433 8.75 -52.28 32.12
CA SER F 433 9.34 -52.95 30.96
C SER F 433 8.51 -52.91 29.67
N TYR F 434 7.18 -52.91 29.75
CA TYR F 434 6.35 -52.95 28.54
C TYR F 434 5.29 -51.83 28.48
N ASN F 435 4.71 -51.63 27.28
CA ASN F 435 3.72 -50.60 26.99
C ASN F 435 2.34 -50.84 27.60
N GLU F 436 1.60 -49.73 27.73
CA GLU F 436 0.23 -49.72 28.21
C GLU F 436 -0.66 -49.32 27.05
N PHE F 437 -1.73 -50.07 26.81
CA PHE F 437 -2.68 -49.71 25.76
C PHE F 437 -3.96 -49.18 26.39
N ARG F 438 -4.42 -48.01 25.91
CA ARG F 438 -5.67 -47.42 26.38
C ARG F 438 -6.49 -46.91 25.21
N LEU F 439 -7.81 -47.05 25.27
CA LEU F 439 -8.72 -46.52 24.27
C LEU F 439 -9.75 -45.71 25.03
N ILE F 440 -9.71 -44.39 24.87
CA ILE F 440 -10.61 -43.49 25.58
C ILE F 440 -11.65 -42.91 24.65
N ILE F 441 -12.93 -43.18 24.89
CA ILE F 441 -14.01 -42.62 24.08
C ILE F 441 -14.30 -41.24 24.69
N ASN F 442 -13.66 -40.22 24.12
CA ASN F 442 -13.71 -38.85 24.61
C ASN F 442 -14.76 -37.96 23.92
N LYS F 443 -15.64 -38.53 23.08
CA LYS F 443 -16.67 -37.80 22.34
C LYS F 443 -17.49 -36.79 23.16
N ASN F 444 -18.16 -37.25 24.25
CA ASN F 444 -18.98 -36.35 25.06
C ASN F 444 -18.16 -35.32 25.83
N ASN F 445 -16.94 -35.71 26.24
CA ASN F 445 -16.05 -34.81 26.95
C ASN F 445 -15.60 -33.66 26.05
N LYS F 446 -15.25 -33.98 24.80
CA LYS F 446 -14.82 -32.99 23.82
C LYS F 446 -15.93 -31.99 23.56
N GLU F 447 -17.17 -32.48 23.38
CA GLU F 447 -18.33 -31.63 23.14
C GLU F 447 -18.53 -30.60 24.25
N SER F 448 -18.39 -31.05 25.51
CA SER F 448 -18.55 -30.18 26.66
C SER F 448 -17.44 -29.13 26.73
N ILE F 449 -16.21 -29.51 26.41
CA ILE F 449 -15.09 -28.58 26.44
C ILE F 449 -15.25 -27.49 25.38
N LEU F 450 -15.74 -27.84 24.18
CA LEU F 450 -15.93 -26.85 23.12
C LEU F 450 -16.99 -25.78 23.45
N ARG F 451 -17.84 -26.02 24.46
CA ARG F 451 -18.84 -25.04 24.85
C ARG F 451 -18.53 -24.40 26.20
N LYS F 452 -17.27 -24.48 26.68
CA LYS F 452 -16.90 -23.94 27.97
C LYS F 452 -16.39 -22.49 27.90
N THR F 453 -16.96 -21.59 28.73
CA THR F 453 -16.55 -20.19 28.85
C THR F 453 -16.47 -19.80 30.32
N SER F 454 -15.45 -19.03 30.72
CA SER F 454 -15.34 -18.59 32.12
C SER F 454 -16.34 -17.48 32.46
N LYS F 455 -16.56 -17.22 33.76
CA LYS F 455 -17.51 -16.20 34.27
C LYS F 455 -17.41 -14.85 33.54
N GLN F 456 -18.54 -14.33 33.05
CA GLN F 456 -18.56 -13.04 32.37
C GLN F 456 -18.40 -11.88 33.35
N GLN F 457 -17.32 -11.09 33.20
CA GLN F 457 -17.05 -9.96 34.08
C GLN F 457 -16.06 -8.99 33.46
N ASN F 458 -16.22 -7.71 33.75
CA ASN F 458 -15.33 -6.67 33.23
C ASN F 458 -13.96 -6.74 33.91
N ILE F 459 -12.91 -6.38 33.18
CA ILE F 459 -11.56 -6.40 33.72
C ILE F 459 -10.85 -5.07 33.49
N LEU F 460 -10.16 -4.57 34.52
CA LEU F 460 -9.36 -3.37 34.44
C LEU F 460 -8.14 -3.68 35.28
N VAL F 461 -7.01 -3.95 34.63
CA VAL F 461 -5.80 -4.33 35.33
C VAL F 461 -5.17 -3.18 36.10
N ASP F 462 -4.99 -3.33 37.42
CA ASP F 462 -4.36 -2.30 38.25
C ASP F 462 -2.90 -2.20 37.86
N PRO F 463 -2.40 -0.98 37.58
CA PRO F 463 -1.01 -0.82 37.13
C PRO F 463 0.10 -1.18 38.12
N THR F 464 -0.26 -1.54 39.36
CA THR F 464 0.72 -1.91 40.36
C THR F 464 0.65 -3.40 40.62
N PRO F 465 1.75 -4.13 40.35
CA PRO F 465 1.74 -5.58 40.55
C PRO F 465 1.90 -6.00 42.02
N ASN F 466 1.78 -7.32 42.28
CA ASN F 466 1.93 -7.96 43.59
C ASN F 466 3.34 -7.66 44.11
N HIS F 467 4.35 -7.82 43.25
CA HIS F 467 5.73 -7.54 43.57
C HIS F 467 6.56 -7.31 42.31
N TYR F 468 7.71 -6.66 42.45
CA TYR F 468 8.58 -6.33 41.32
C TYR F 468 9.63 -7.42 41.13
N GLN F 469 9.67 -8.02 39.93
CA GLN F 469 10.58 -9.14 39.63
C GLN F 469 11.62 -8.78 38.54
N GLU F 470 12.28 -9.80 37.95
CA GLU F 470 13.26 -9.71 36.87
C GLU F 470 12.70 -8.96 35.64
N ASN F 471 11.39 -9.11 35.35
CA ASN F 471 10.79 -8.39 34.23
C ASN F 471 10.81 -6.88 34.48
N ASP F 472 10.60 -6.45 35.73
CA ASP F 472 10.65 -5.04 36.07
C ASP F 472 12.06 -4.49 36.03
N VAL F 473 13.06 -5.32 36.40
CA VAL F 473 14.48 -4.93 36.31
C VAL F 473 14.81 -4.67 34.83
N ASP F 474 14.36 -5.56 33.95
CA ASP F 474 14.54 -5.47 32.50
C ASP F 474 13.85 -4.24 31.90
N THR F 475 12.63 -3.90 32.36
CA THR F 475 11.88 -2.73 31.89
C THR F 475 12.65 -1.45 32.22
N VAL F 476 13.17 -1.36 33.44
CA VAL F 476 13.94 -0.21 33.90
C VAL F 476 15.27 -0.10 33.12
N ILE F 477 16.00 -1.21 32.97
CA ILE F 477 17.27 -1.23 32.24
C ILE F 477 17.04 -0.82 30.78
N TYR F 478 15.99 -1.35 30.15
CA TYR F 478 15.65 -1.03 28.77
C TYR F 478 15.33 0.45 28.61
N SER F 479 14.52 1.01 29.51
CA SER F 479 14.12 2.41 29.43
C SER F 479 15.33 3.34 29.56
N ILE F 480 16.20 3.06 30.53
CA ILE F 480 17.39 3.87 30.78
C ILE F 480 18.37 3.88 29.61
N PHE F 481 18.75 2.70 29.13
CA PHE F 481 19.74 2.58 28.08
C PHE F 481 19.20 2.76 26.67
N LYS F 482 17.88 2.73 26.47
CA LYS F 482 17.32 2.90 25.11
C LYS F 482 16.69 4.26 24.89
N TYR F 483 16.17 4.89 25.95
CA TYR F 483 15.49 6.18 25.80
C TYR F 483 16.13 7.34 26.55
N ILE F 484 16.74 7.11 27.71
CA ILE F 484 17.34 8.20 28.48
C ILE F 484 18.81 8.49 28.10
N VAL F 485 19.72 7.51 28.25
CA VAL F 485 21.14 7.69 27.96
C VAL F 485 21.44 7.83 26.46
N PRO F 486 22.05 8.96 26.07
CA PRO F 486 22.32 9.19 24.64
C PRO F 486 23.42 8.33 24.00
N ASN F 487 23.38 8.26 22.65
CA ASN F 487 24.29 7.50 21.80
C ASN F 487 24.45 6.07 22.27
N CYS F 488 23.31 5.43 22.51
CA CYS F 488 23.19 4.05 22.97
C CYS F 488 22.54 3.17 21.92
N PHE F 489 22.79 1.86 22.00
CA PHE F 489 22.21 0.93 21.04
C PHE F 489 21.86 -0.41 21.69
N SER F 490 20.64 -0.90 21.45
CA SER F 490 20.18 -2.16 22.01
C SER F 490 20.36 -3.31 21.01
N GLY F 491 21.57 -3.86 20.96
CA GLY F 491 21.86 -4.97 20.07
C GLY F 491 21.19 -6.24 20.53
N MET F 492 21.19 -6.47 21.84
CA MET F 492 20.56 -7.67 22.42
C MET F 492 19.61 -7.33 23.56
N CYS F 493 18.49 -8.04 23.64
CA CYS F 493 17.51 -7.89 24.71
C CYS F 493 16.66 -9.14 24.85
N ASN F 494 17.00 -9.96 25.86
CA ASN F 494 16.31 -11.22 26.16
C ASN F 494 15.74 -11.26 27.59
N PRO F 495 14.60 -10.58 27.83
CA PRO F 495 13.98 -10.63 29.16
C PRO F 495 13.27 -11.99 29.45
N PRO F 496 12.72 -12.23 30.66
CA PRO F 496 12.05 -13.54 30.90
C PRO F 496 10.87 -13.78 29.95
N GLY F 497 10.93 -14.91 29.24
CA GLY F 497 9.90 -15.30 28.29
C GLY F 497 10.00 -14.58 26.96
N GLY F 498 11.22 -14.27 26.55
CA GLY F 498 11.46 -13.55 25.32
C GLY F 498 11.96 -14.37 24.15
N ASP F 499 11.82 -13.80 22.94
CA ASP F 499 12.22 -14.40 21.67
C ASP F 499 13.75 -14.48 21.52
N TRP F 500 14.22 -15.22 20.50
CA TRP F 500 15.63 -15.32 20.18
C TRP F 500 15.89 -14.15 19.25
N SER F 501 16.22 -12.99 19.82
CA SER F 501 16.41 -11.75 19.08
C SER F 501 17.63 -11.73 18.16
N GLY F 502 18.82 -11.94 18.71
CA GLY F 502 20.07 -11.85 17.95
C GLY F 502 20.90 -10.68 18.44
N LEU F 503 22.18 -10.63 18.02
CA LEU F 503 23.06 -9.55 18.48
C LEU F 503 23.48 -8.61 17.35
N SER F 504 23.31 -7.30 17.55
CA SER F 504 23.73 -6.32 16.58
C SER F 504 24.88 -5.47 17.15
N ILE F 505 25.91 -5.24 16.34
CA ILE F 505 27.08 -4.44 16.70
C ILE F 505 27.25 -3.39 15.60
N ILE F 506 27.37 -2.12 15.95
CA ILE F 506 27.59 -1.07 14.96
C ILE F 506 29.07 -0.67 14.95
N ARG F 507 29.72 -0.76 13.79
CA ARG F 507 31.14 -0.43 13.68
C ARG F 507 31.46 0.14 12.29
N ASN F 508 32.10 1.33 12.25
CA ASN F 508 32.51 2.05 11.04
C ASN F 508 31.36 2.40 10.10
N GLY F 509 30.22 2.75 10.67
CA GLY F 509 29.05 3.11 9.86
C GLY F 509 28.23 1.93 9.35
N HIS F 510 28.58 0.70 9.79
CA HIS F 510 27.87 -0.51 9.38
C HIS F 510 27.27 -1.22 10.59
N GLU F 511 26.18 -1.96 10.38
CA GLU F 511 25.56 -2.72 11.47
C GLU F 511 25.72 -4.19 11.14
N PHE F 512 26.41 -4.93 12.00
CA PHE F 512 26.66 -6.36 11.84
C PHE F 512 25.69 -7.10 12.75
N ARG F 513 25.11 -8.21 12.27
CA ARG F 513 24.14 -8.94 13.08
C ARG F 513 24.29 -10.44 13.03
N TRP F 514 24.29 -11.09 14.22
CA TRP F 514 24.37 -12.54 14.38
C TRP F 514 22.98 -13.03 14.66
N LEU F 515 22.48 -13.93 13.83
CA LEU F 515 21.14 -14.50 14.01
C LEU F 515 21.28 -15.98 14.48
N SER F 516 20.16 -16.59 14.92
CA SER F 516 20.13 -17.99 15.38
C SER F 516 21.18 -18.24 16.48
N LEU F 517 21.16 -17.44 17.55
CA LEU F 517 22.11 -17.56 18.67
C LEU F 517 21.85 -18.80 19.49
N PRO F 518 22.78 -19.77 19.53
CA PRO F 518 22.56 -20.96 20.37
C PRO F 518 22.73 -20.64 21.85
N ARG F 519 21.90 -21.26 22.71
CA ARG F 519 22.02 -21.04 24.16
C ARG F 519 23.29 -21.69 24.67
N VAL F 520 23.62 -22.88 24.16
CA VAL F 520 24.80 -23.62 24.59
C VAL F 520 26.13 -23.02 24.07
N SER F 521 26.92 -22.50 25.02
CA SER F 521 28.25 -21.94 24.77
C SER F 521 29.19 -22.60 25.78
N GLU F 522 30.32 -23.12 25.31
CA GLU F 522 31.29 -23.83 26.14
C GLU F 522 31.77 -23.03 27.36
N ASN F 523 32.08 -21.74 27.18
CA ASN F 523 32.53 -20.89 28.28
C ASN F 523 31.62 -19.70 28.59
N GLY F 524 30.61 -19.45 27.75
CA GLY F 524 29.73 -18.29 27.95
C GLY F 524 28.27 -18.55 28.20
N LYS F 525 27.56 -17.47 28.57
CA LYS F 525 26.12 -17.45 28.81
C LYS F 525 25.54 -16.22 28.09
N ARG F 526 24.42 -16.40 27.38
CA ARG F 526 23.79 -15.30 26.63
C ARG F 526 23.31 -14.17 27.53
N PRO F 527 23.80 -12.94 27.29
CA PRO F 527 23.38 -11.81 28.14
C PRO F 527 21.93 -11.41 27.92
N ASP F 528 21.32 -10.84 28.96
CA ASP F 528 19.94 -10.36 28.89
C ASP F 528 19.85 -9.01 28.15
N HIS F 529 20.93 -8.24 28.10
CA HIS F 529 20.98 -6.96 27.41
C HIS F 529 22.41 -6.73 26.94
N VAL F 530 22.61 -6.21 25.72
CA VAL F 530 23.94 -5.81 25.28
C VAL F 530 23.80 -4.38 24.80
N ILE F 531 24.38 -3.43 25.52
CA ILE F 531 24.24 -2.01 25.19
C ILE F 531 25.52 -1.51 24.56
N GLN F 532 25.39 -0.78 23.45
CA GLN F 532 26.58 -0.23 22.79
C GLN F 532 26.66 1.27 22.95
N ILE F 533 27.80 1.76 23.47
CA ILE F 533 28.02 3.20 23.64
C ILE F 533 29.24 3.60 22.83
N LEU F 534 29.06 4.49 21.85
CA LEU F 534 30.15 4.86 20.95
C LEU F 534 30.79 6.22 21.17
N ASP F 535 30.19 7.09 22.00
CA ASP F 535 30.77 8.41 22.21
C ASP F 535 31.42 8.59 23.58
N LEU F 536 31.90 7.50 24.19
CA LEU F 536 32.53 7.58 25.50
C LEU F 536 34.03 7.31 25.39
N PHE F 537 34.43 6.17 24.80
CA PHE F 537 35.83 5.84 24.61
C PHE F 537 36.18 5.82 23.11
N GLU F 538 37.47 5.76 22.74
CA GLU F 538 37.86 5.67 21.33
C GLU F 538 37.33 4.38 20.72
N LYS F 539 37.39 3.27 21.49
CA LYS F 539 36.82 2.00 21.07
C LYS F 539 35.37 1.98 21.56
N PRO F 540 34.45 1.39 20.79
CA PRO F 540 33.06 1.32 21.24
C PRO F 540 32.92 0.42 22.46
N LEU F 541 32.00 0.77 23.37
CA LEU F 541 31.79 -0.04 24.57
C LEU F 541 30.63 -0.99 24.35
N LEU F 542 30.80 -2.27 24.73
CA LEU F 542 29.73 -3.25 24.70
C LEU F 542 29.51 -3.65 26.14
N LEU F 543 28.38 -3.27 26.70
CA LEU F 543 28.05 -3.57 28.07
C LEU F 543 27.06 -4.71 28.10
N SER F 544 27.49 -5.88 28.58
CA SER F 544 26.62 -7.06 28.65
C SER F 544 26.01 -7.12 30.03
N ILE F 545 24.68 -7.11 30.11
CA ILE F 545 23.96 -7.08 31.38
C ILE F 545 23.15 -8.35 31.62
N GLU F 546 23.23 -8.88 32.85
CA GLU F 546 22.43 -10.02 33.26
C GLU F 546 21.54 -9.50 34.38
N SER F 547 20.22 -9.64 34.23
CA SER F 547 19.27 -9.13 35.21
C SER F 547 18.68 -10.24 36.04
N LYS F 548 18.55 -10.01 37.35
CA LYS F 548 17.97 -10.96 38.30
C LYS F 548 17.05 -10.20 39.28
N GLU F 549 16.22 -10.94 40.04
CA GLU F 549 15.35 -10.31 41.03
C GLU F 549 16.19 -9.87 42.22
N LYS F 550 17.09 -10.74 42.70
CA LYS F 550 17.92 -10.47 43.86
C LYS F 550 19.42 -10.56 43.55
N PRO F 551 20.28 -9.84 44.30
CA PRO F 551 21.72 -9.92 44.03
C PRO F 551 22.32 -11.31 44.24
N ASN F 552 21.74 -12.11 45.16
CA ASN F 552 22.19 -13.48 45.42
C ASN F 552 21.88 -14.43 44.25
N ASP F 553 20.95 -14.05 43.34
CA ASP F 553 20.61 -14.83 42.16
C ASP F 553 21.69 -14.77 41.06
N LEU F 554 22.62 -13.80 41.14
CA LEU F 554 23.70 -13.68 40.17
C LEU F 554 24.64 -14.86 40.38
N GLU F 555 24.70 -15.76 39.39
CA GLU F 555 25.50 -16.98 39.43
C GLU F 555 26.99 -16.72 39.52
N PRO F 556 27.75 -17.63 40.15
CA PRO F 556 29.21 -17.44 40.20
C PRO F 556 29.82 -17.39 38.80
N LYS F 557 30.70 -16.39 38.58
CA LYS F 557 31.38 -16.13 37.32
C LYS F 557 30.46 -15.67 36.20
N ILE F 558 29.25 -15.17 36.52
CA ILE F 558 28.31 -14.71 35.50
C ILE F 558 28.91 -13.56 34.69
N GLY F 559 29.63 -12.65 35.35
CA GLY F 559 30.28 -11.52 34.70
C GLY F 559 31.27 -11.97 33.64
N VAL F 560 32.12 -12.95 33.99
CA VAL F 560 33.10 -13.49 33.05
C VAL F 560 32.42 -14.26 31.91
N GLN F 561 31.38 -15.05 32.22
CA GLN F 561 30.62 -15.81 31.23
C GLN F 561 29.93 -14.92 30.19
N LEU F 562 29.47 -13.73 30.61
CA LEU F 562 28.83 -12.80 29.68
C LEU F 562 29.83 -12.33 28.62
N ILE F 563 31.06 -12.01 29.06
CA ILE F 563 32.12 -11.55 28.17
C ILE F 563 32.52 -12.68 27.23
N LYS F 564 32.65 -13.90 27.76
CA LYS F 564 33.01 -15.07 26.97
C LYS F 564 31.96 -15.42 25.90
N TYR F 565 30.69 -15.08 26.15
CA TYR F 565 29.64 -15.34 25.16
C TYR F 565 29.81 -14.41 23.96
N ILE F 566 30.14 -13.14 24.22
CA ILE F 566 30.37 -12.15 23.16
C ILE F 566 31.61 -12.58 22.37
N GLU F 567 32.66 -13.03 23.06
CA GLU F 567 33.89 -13.52 22.44
C GLU F 567 33.62 -14.74 21.54
N TYR F 568 32.68 -15.59 21.94
CA TYR F 568 32.25 -16.79 21.20
C TYR F 568 31.63 -16.40 19.86
N LEU F 569 30.73 -15.40 19.86
CA LEU F 569 30.11 -14.94 18.61
C LEU F 569 31.12 -14.26 17.70
N PHE F 570 32.06 -13.50 18.29
CA PHE F 570 33.11 -12.84 17.53
C PHE F 570 34.04 -13.85 16.80
N ASP F 571 34.07 -15.11 17.26
CA ASP F 571 34.85 -16.17 16.60
C ASP F 571 34.23 -16.61 15.25
N PHE F 572 33.02 -16.13 14.93
CA PHE F 572 32.34 -16.47 13.69
C PHE F 572 31.96 -15.22 12.93
N THR F 573 31.87 -15.33 11.60
CA THR F 573 31.47 -14.23 10.73
C THR F 573 30.02 -13.86 11.03
N PRO F 574 29.68 -12.56 11.20
CA PRO F 574 28.28 -12.19 11.47
C PRO F 574 27.33 -12.72 10.40
N SER F 575 26.11 -13.09 10.77
CA SER F 575 25.15 -13.62 9.80
C SER F 575 24.87 -12.61 8.66
N VAL F 576 24.61 -11.36 9.03
CA VAL F 576 24.30 -10.31 8.07
C VAL F 576 25.00 -8.99 8.40
N GLN F 577 25.01 -8.05 7.44
CA GLN F 577 25.57 -6.71 7.59
C GLN F 577 24.89 -5.71 6.65
N ARG F 578 24.90 -4.43 7.00
CA ARG F 578 24.30 -3.39 6.15
C ARG F 578 24.88 -2.01 6.44
N LYS F 579 24.82 -1.10 5.46
CA LYS F 579 25.29 0.27 5.67
C LYS F 579 24.17 1.07 6.34
N ILE F 580 24.51 1.99 7.24
CA ILE F 580 23.52 2.81 7.95
C ILE F 580 22.77 3.77 6.99
N ALA F 581 23.35 4.09 5.83
CA ALA F 581 22.69 4.97 4.85
C ALA F 581 21.88 4.16 3.84
N GLY F 582 22.44 3.05 3.37
CA GLY F 582 21.77 2.17 2.40
C GLY F 582 20.58 1.46 3.00
N GLY F 583 20.82 0.70 4.07
CA GLY F 583 19.78 -0.02 4.77
C GLY F 583 19.47 -1.41 4.25
N ASN F 584 20.04 -1.78 3.10
CA ASN F 584 19.79 -3.09 2.50
C ASN F 584 20.71 -4.13 3.12
N TRP F 585 20.12 -5.16 3.76
CA TRP F 585 20.90 -6.22 4.41
C TRP F 585 21.57 -7.13 3.39
N GLU F 586 22.82 -7.50 3.65
CA GLU F 586 23.61 -8.42 2.84
C GLU F 586 24.20 -9.50 3.77
N PHE F 587 24.73 -10.58 3.19
CA PHE F 587 25.37 -11.62 3.98
C PHE F 587 26.68 -11.08 4.58
N GLY F 588 27.04 -11.56 5.77
CA GLY F 588 28.26 -11.14 6.44
C GLY F 588 29.51 -11.56 5.69
N ASN F 589 30.45 -10.63 5.50
CA ASN F 589 31.67 -10.91 4.75
C ASN F 589 32.92 -10.85 5.64
N LYS F 590 33.02 -9.83 6.49
CA LYS F 590 34.18 -9.64 7.34
C LYS F 590 33.91 -10.06 8.79
N SER F 591 34.93 -10.62 9.45
CA SER F 591 34.81 -11.04 10.84
C SER F 591 35.07 -9.88 11.81
N LEU F 592 34.51 -9.97 13.01
CA LEU F 592 34.73 -8.94 14.04
C LEU F 592 35.61 -9.51 15.15
N VAL F 593 36.49 -8.68 15.72
CA VAL F 593 37.42 -9.09 16.76
C VAL F 593 37.11 -8.41 18.10
N PRO F 594 37.10 -9.18 19.21
CA PRO F 594 36.77 -8.57 20.52
C PRO F 594 37.66 -7.42 20.98
N ASN F 595 38.95 -7.42 20.61
CA ASN F 595 39.85 -6.35 21.02
C ASN F 595 39.55 -4.99 20.34
N ASP F 596 38.65 -4.96 19.35
CA ASP F 596 38.23 -3.70 18.73
C ASP F 596 37.19 -2.96 19.59
N PHE F 597 36.74 -3.57 20.71
CA PHE F 597 35.72 -3.03 21.60
C PHE F 597 36.15 -3.13 23.06
N ILE F 598 35.55 -2.32 23.91
CA ILE F 598 35.77 -2.38 25.34
C ILE F 598 34.62 -3.25 25.86
N LEU F 599 34.92 -4.43 26.42
CA LEU F 599 33.86 -5.32 26.90
C LEU F 599 33.71 -5.21 28.41
N LEU F 600 32.50 -4.85 28.86
CA LEU F 600 32.22 -4.76 30.29
C LEU F 600 30.99 -5.60 30.61
N SER F 601 30.94 -6.16 31.82
CA SER F 601 29.78 -6.93 32.25
C SER F 601 29.11 -6.25 33.44
N ALA F 602 27.79 -6.39 33.55
CA ALA F 602 27.03 -5.76 34.62
C ALA F 602 25.92 -6.68 35.13
N GLY F 603 25.65 -6.57 36.41
CA GLY F 603 24.58 -7.34 37.02
C GLY F 603 23.55 -6.38 37.55
N ALA F 604 22.29 -6.51 37.12
CA ALA F 604 21.22 -5.63 37.58
C ALA F 604 20.24 -6.41 38.44
N PHE F 605 19.78 -5.83 39.55
CA PHE F 605 18.89 -6.52 40.46
C PHE F 605 18.12 -5.54 41.35
N ILE F 606 17.12 -6.04 42.10
CA ILE F 606 16.37 -5.21 43.03
C ILE F 606 16.93 -5.37 44.43
N ASP F 607 17.30 -4.26 45.09
CA ASP F 607 17.82 -4.29 46.45
C ASP F 607 17.25 -3.13 47.25
N TYR F 608 16.62 -3.40 48.39
CA TYR F 608 16.05 -2.35 49.22
C TYR F 608 17.03 -1.86 50.29
N ASP F 609 18.17 -1.32 49.83
CA ASP F 609 19.30 -0.79 50.60
C ASP F 609 19.82 -1.75 51.68
N ASN F 610 19.88 -3.05 51.36
CA ASN F 610 20.44 -4.04 52.29
C ASN F 610 21.90 -4.38 52.01
N LEU F 611 22.51 -3.79 50.97
CA LEU F 611 23.90 -4.10 50.64
C LEU F 611 24.87 -3.05 51.15
N THR F 612 25.86 -3.48 51.92
CA THR F 612 26.92 -2.63 52.44
C THR F 612 28.09 -2.60 51.42
N GLU F 613 29.12 -1.77 51.65
CA GLU F 613 30.29 -1.71 50.77
C GLU F 613 30.97 -3.09 50.64
N ASN F 614 31.05 -3.83 51.76
CA ASN F 614 31.65 -5.17 51.80
C ASN F 614 30.80 -6.20 51.05
N ASP F 615 29.46 -6.04 51.09
CA ASP F 615 28.55 -6.93 50.38
C ASP F 615 28.77 -6.79 48.89
N TYR F 616 28.92 -5.55 48.40
CA TYR F 616 29.20 -5.28 46.99
C TYR F 616 30.52 -5.90 46.59
N GLU F 617 31.54 -5.78 47.45
CA GLU F 617 32.85 -6.38 47.22
C GLU F 617 32.75 -7.90 47.08
N LYS F 618 31.88 -8.55 47.87
CA LYS F 618 31.66 -9.99 47.80
C LYS F 618 30.93 -10.40 46.51
N ILE F 619 29.98 -9.56 46.05
CA ILE F 619 29.27 -9.84 44.80
C ILE F 619 30.25 -9.74 43.62
N PHE F 620 31.14 -8.73 43.64
CA PHE F 620 32.16 -8.56 42.60
C PHE F 620 33.10 -9.76 42.56
N GLU F 621 33.44 -10.32 43.73
CA GLU F 621 34.33 -11.46 43.84
C GLU F 621 33.65 -12.72 43.29
N VAL F 622 32.36 -12.92 43.62
CA VAL F 622 31.60 -14.07 43.16
C VAL F 622 31.35 -14.04 41.64
N THR F 623 30.81 -12.93 41.13
CA THR F 623 30.41 -12.79 39.74
C THR F 623 31.50 -12.38 38.75
N GLY F 624 32.38 -11.48 39.16
CA GLY F 624 33.40 -10.94 38.26
C GLY F 624 32.87 -9.80 37.40
N CYS F 625 31.71 -9.25 37.77
CA CYS F 625 31.06 -8.16 37.05
C CYS F 625 31.86 -6.88 37.17
N ASP F 626 31.86 -6.07 36.11
CA ASP F 626 32.54 -4.76 36.14
C ASP F 626 31.62 -3.68 36.76
N LEU F 627 30.30 -3.88 36.75
CA LEU F 627 29.36 -2.92 37.28
C LEU F 627 28.18 -3.62 37.94
N LEU F 628 27.64 -3.06 39.02
CA LEU F 628 26.46 -3.60 39.66
C LEU F 628 25.40 -2.50 39.67
N ILE F 629 24.20 -2.80 39.19
CA ILE F 629 23.12 -1.83 39.15
C ILE F 629 22.03 -2.25 40.10
N ALA F 630 21.98 -1.61 41.28
CA ALA F 630 20.99 -1.92 42.30
C ALA F 630 19.81 -0.97 42.15
N ILE F 631 18.65 -1.54 41.87
CA ILE F 631 17.42 -0.81 41.62
C ILE F 631 16.43 -1.00 42.78
N LYS F 632 15.71 0.06 43.18
CA LYS F 632 14.73 -0.06 44.26
C LYS F 632 13.56 0.85 43.99
N ASN F 633 12.35 0.35 44.25
CA ASN F 633 11.17 1.18 44.03
C ASN F 633 10.82 1.94 45.29
N GLN F 634 10.41 3.18 45.10
CA GLN F 634 9.92 4.08 46.12
C GLN F 634 8.44 4.21 45.79
N ASN F 635 7.57 3.89 46.75
CA ASN F 635 6.13 3.92 46.49
C ASN F 635 5.49 5.29 46.70
N ASN F 636 6.06 6.12 47.59
CA ASN F 636 5.47 7.42 47.89
C ASN F 636 6.46 8.59 47.84
N PRO F 637 6.52 9.39 46.77
CA PRO F 637 5.83 9.23 45.47
C PRO F 637 6.53 8.20 44.57
N GLN F 638 5.80 7.59 43.63
CA GLN F 638 6.38 6.56 42.77
C GLN F 638 7.64 7.02 42.02
N LYS F 639 8.78 6.34 42.28
CA LYS F 639 10.08 6.62 41.68
C LYS F 639 10.97 5.38 41.69
N TRP F 640 11.84 5.24 40.69
CA TRP F 640 12.80 4.16 40.65
C TRP F 640 14.14 4.74 41.08
N VAL F 641 14.67 4.28 42.19
CA VAL F 641 15.96 4.75 42.71
C VAL F 641 17.04 3.82 42.19
N ILE F 642 18.01 4.38 41.44
CA ILE F 642 19.08 3.59 40.84
C ILE F 642 20.43 3.86 41.51
N LYS F 643 21.14 2.81 41.92
CA LYS F 643 22.46 2.95 42.51
C LYS F 643 23.47 2.19 41.65
N PHE F 644 24.42 2.90 41.04
CA PHE F 644 25.43 2.30 40.18
C PHE F 644 26.71 2.07 40.96
N LYS F 645 27.18 0.83 41.01
CA LYS F 645 28.41 0.53 41.72
C LYS F 645 29.47 -0.03 40.78
N PRO F 646 30.45 0.80 40.40
CA PRO F 646 31.52 0.32 39.50
C PRO F 646 32.62 -0.46 40.21
N LYS F 647 33.20 -1.48 39.55
CA LYS F 647 34.29 -2.25 40.13
C LYS F 647 35.64 -1.58 39.83
N ASN F 648 35.78 -1.03 38.62
CA ASN F 648 37.03 -0.42 38.17
C ASN F 648 36.85 0.99 37.59
N THR F 649 37.96 1.67 37.25
CA THR F 649 37.97 3.01 36.69
C THR F 649 37.29 3.13 35.31
N ILE F 650 37.28 2.07 34.49
CA ILE F 650 36.61 2.10 33.20
C ILE F 650 35.10 2.17 33.44
N ALA F 651 34.59 1.31 34.34
CA ALA F 651 33.17 1.32 34.69
C ALA F 651 32.77 2.63 35.38
N GLU F 652 33.68 3.26 36.13
CA GLU F 652 33.43 4.54 36.79
C GLU F 652 33.23 5.65 35.75
N LYS F 653 33.97 5.61 34.64
CA LYS F 653 33.81 6.58 33.56
C LYS F 653 32.42 6.43 32.91
N LEU F 654 31.93 5.20 32.80
CA LEU F 654 30.60 4.89 32.27
C LEU F 654 29.54 5.45 33.23
N VAL F 655 29.71 5.20 34.54
CA VAL F 655 28.77 5.69 35.55
C VAL F 655 28.67 7.21 35.53
N ASN F 656 29.81 7.91 35.45
CA ASN F 656 29.83 9.37 35.40
C ASN F 656 29.13 9.90 34.14
N TYR F 657 29.28 9.18 33.02
CA TYR F 657 28.66 9.52 31.75
C TYR F 657 27.14 9.37 31.87
N ILE F 658 26.66 8.30 32.51
CA ILE F 658 25.23 8.06 32.72
C ILE F 658 24.64 9.15 33.61
N LYS F 659 25.34 9.49 34.69
CA LYS F 659 24.91 10.53 35.63
C LYS F 659 24.75 11.89 34.96
N LEU F 660 25.77 12.30 34.19
CA LEU F 660 25.76 13.60 33.52
C LEU F 660 24.73 13.67 32.39
N ASN F 661 24.55 12.57 31.67
CA ASN F 661 23.63 12.54 30.55
C ASN F 661 22.27 11.94 30.87
N PHE F 662 21.85 12.02 32.14
CA PHE F 662 20.54 11.52 32.53
C PHE F 662 19.52 12.63 32.33
N LYS F 663 19.28 12.98 31.08
CA LYS F 663 18.35 14.03 30.67
C LYS F 663 17.77 13.65 29.31
N SER F 664 16.47 13.91 29.10
CA SER F 664 15.83 13.58 27.84
C SER F 664 14.73 14.55 27.48
N ASN F 665 14.55 14.78 26.19
CA ASN F 665 13.47 15.64 25.70
C ASN F 665 12.17 14.83 25.46
N ILE F 666 12.24 13.48 25.43
CA ILE F 666 11.10 12.62 25.21
C ILE F 666 10.70 11.88 26.49
N PHE F 667 11.67 11.22 27.15
CA PHE F 667 11.39 10.44 28.36
C PHE F 667 11.38 11.28 29.62
N ASP F 668 10.35 11.10 30.45
CA ASP F 668 10.19 11.82 31.70
C ASP F 668 11.19 11.26 32.69
N THR F 669 12.35 11.92 32.82
CA THR F 669 13.38 11.48 33.75
C THR F 669 13.05 11.76 35.24
N GLY F 670 11.93 12.44 35.50
CA GLY F 670 11.46 12.75 36.84
C GLY F 670 11.02 11.52 37.62
N PHE F 671 10.75 10.41 36.93
CA PHE F 671 10.37 9.14 37.56
C PHE F 671 11.60 8.37 38.11
N PHE F 672 12.82 8.89 37.90
CA PHE F 672 14.03 8.23 38.37
C PHE F 672 14.85 9.11 39.29
N HIS F 673 15.57 8.49 40.21
CA HIS F 673 16.47 9.20 41.09
C HIS F 673 17.76 8.41 41.09
N ILE F 674 18.82 8.95 40.50
CA ILE F 674 20.10 8.25 40.48
C ILE F 674 20.96 8.71 41.66
N GLU F 675 21.05 7.84 42.67
CA GLU F 675 21.80 8.06 43.92
C GLU F 675 23.28 8.33 43.65
N GLY F 676 23.83 7.62 42.68
CA GLY F 676 25.23 7.75 42.29
C GLY F 676 25.62 6.78 41.20
CA CA G . -5.55 15.41 -24.35
CA CA H . -4.10 16.46 -20.03
CA CA I . 5.27 20.56 -32.68
CA CA J . 6.81 -15.16 19.88
CA CA K . 5.69 -15.09 24.11
CA CA L . 17.59 -12.86 33.06
O1 MES M . 12.28 -2.30 53.15
C2 MES M . 11.47 -1.23 52.68
C3 MES M . 11.34 -1.27 51.18
N4 MES M . 10.78 -2.60 50.73
C5 MES M . 11.52 -3.76 51.36
C6 MES M . 11.65 -3.55 52.85
C7 MES M . 9.27 -2.70 50.77
C8 MES M . 8.72 -3.75 49.82
S MES M . 7.40 -3.11 48.83
O1S MES M . 8.00 -2.20 47.87
O2S MES M . 6.49 -2.45 49.75
O3S MES M . 6.78 -4.27 48.18
H21 MES M . 10.49 -1.27 53.18
H22 MES M . 11.95 -0.30 52.98
H31 MES M . 12.32 -1.16 50.71
H32 MES M . 10.66 -0.48 50.83
HN4 MES M . 11.02 -2.63 49.73
H51 MES M . 12.51 -3.79 50.90
H52 MES M . 10.98 -4.70 51.17
H61 MES M . 10.69 -3.61 53.36
H62 MES M . 12.29 -4.34 53.27
H71 MES M . 8.91 -1.70 50.52
H72 MES M . 9.00 -2.90 51.80
H81 MES M . 8.32 -4.60 50.37
H82 MES M . 9.48 -4.12 49.13
CL CL N . -6.80 -57.43 5.12
#